data_7E77
#
_entry.id   7E77
#
_cell.length_a   244.317
_cell.length_b   74.902
_cell.length_c   125.338
_cell.angle_alpha   90.000
_cell.angle_beta   93.797
_cell.angle_gamma   90.000
#
_symmetry.space_group_name_H-M   'C 1 2 1'
#
loop_
_entity.id
_entity.type
_entity.pdbx_description
1 polymer 'Glucose-6-phosphate isomerase'
2 water water
#
_entity_poly.entity_id   1
_entity_poly.type   'polypeptide(L)'
_entity_poly.pdbx_seq_one_letter_code
;MASPALISDTDQWKALQAHVGAIHKTHLRDLMTDADRCKAMTAEFEGVFLDYSRQQATTETVDKLFKLAEAAKLKEKIDK
MFKGEKINTTENRSVLHVALRAPRDAVINSDGVNVVPEVWAVKDKIKQFSETFRSGSWVGATGKPLTNVVSVGIGGSFLG
PLFVHTALQTDPEAAESAKGRQLRFLANVDPVDVARSIKDLDPATTLVVVVSKTFTTAETMLNARTIKEWIVSSLGPQAV
SKHMIAVSTNLKLVKEFGIDPNNAFAFWDWVGGRYSVCSAVGVLPLSLQYGFPIVQKFLEGASSIDNHFHTSSFEKNIPV
LLGLLSVWNVSFLGYPARAILPYSQALEKLAPHIQQLSMESNGKGVSIDGVRLPYEAGEIDFGEPGTNGQHSFYQLIHQG
RVIPCDFIGVIKSQQPVYLKGETVSNHDELMSNFFAQPDALAYGKTPEQLHSEKVPENLISHKTFQGNRPSLSFLLSSLS
AYEIGQLLSIYEHRIAVQGFIWGINSFDQWGVELGKSLASTVRKQLHASRMEGKPVEGFNPSSASLLTRFLAVKPSTPYD
TTVLPKV
;
_entity_poly.pdbx_strand_id   A,B,C,D
#
# COMPACT_ATOMS: atom_id res chain seq x y z
N ALA A 5 -24.20 27.42 -4.67
CA ALA A 5 -25.51 27.39 -5.29
C ALA A 5 -25.47 26.65 -6.63
N LEU A 6 -25.76 27.37 -7.70
CA LEU A 6 -25.67 26.82 -9.05
C LEU A 6 -25.46 27.99 -10.00
N ILE A 7 -24.36 27.96 -10.74
CA ILE A 7 -23.96 29.15 -11.51
C ILE A 7 -24.98 29.50 -12.56
N SER A 8 -25.74 28.51 -13.06
CA SER A 8 -26.73 28.77 -14.09
C SER A 8 -27.97 29.49 -13.57
N ASP A 9 -28.09 29.65 -12.25
CA ASP A 9 -29.24 30.32 -11.65
C ASP A 9 -28.94 31.77 -11.26
N THR A 10 -27.71 32.22 -11.42
CA THR A 10 -27.34 33.57 -11.03
C THR A 10 -27.74 34.59 -12.10
N ASP A 11 -27.84 35.85 -11.67
CA ASP A 11 -28.16 36.91 -12.62
C ASP A 11 -27.02 37.14 -13.59
N GLN A 12 -25.78 36.99 -13.13
CA GLN A 12 -24.62 37.17 -14.01
C GLN A 12 -24.64 36.15 -15.16
N TRP A 13 -25.15 34.95 -14.91
CA TRP A 13 -25.32 33.97 -15.96
C TRP A 13 -26.45 34.38 -16.90
N LYS A 14 -27.58 34.80 -16.35
CA LYS A 14 -28.72 35.19 -17.17
C LYS A 14 -28.42 36.45 -17.97
N ALA A 15 -27.68 37.39 -17.38
CA ALA A 15 -27.30 38.59 -18.12
C ALA A 15 -26.41 38.26 -19.30
N LEU A 16 -25.50 37.28 -19.14
CA LEU A 16 -24.68 36.84 -20.25
C LEU A 16 -25.48 36.07 -21.28
N GLN A 17 -26.58 35.42 -20.86
CA GLN A 17 -27.43 34.71 -21.80
C GLN A 17 -28.12 35.69 -22.75
N ALA A 18 -28.66 36.79 -22.21
CA ALA A 18 -29.28 37.79 -23.07
C ALA A 18 -28.23 38.51 -23.92
N HIS A 19 -27.03 38.67 -23.39
CA HIS A 19 -25.95 39.32 -24.12
C HIS A 19 -25.68 38.62 -25.46
N VAL A 20 -25.97 37.32 -25.55
CA VAL A 20 -25.76 36.57 -26.77
C VAL A 20 -26.55 37.21 -27.92
N GLY A 21 -27.75 37.71 -27.65
CA GLY A 21 -28.54 38.34 -28.68
C GLY A 21 -27.90 39.60 -29.23
N ALA A 22 -27.23 40.35 -28.37
CA ALA A 22 -26.52 41.56 -28.82
C ALA A 22 -25.33 41.20 -29.69
N ILE A 23 -24.57 40.17 -29.31
CA ILE A 23 -23.43 39.74 -30.11
C ILE A 23 -23.90 39.17 -31.43
N HIS A 24 -25.06 38.49 -31.43
CA HIS A 24 -25.60 37.96 -32.68
C HIS A 24 -26.01 39.06 -33.65
N LYS A 25 -26.18 40.30 -33.17
CA LYS A 25 -26.43 41.43 -34.03
C LYS A 25 -25.15 42.01 -34.65
N THR A 26 -23.99 41.46 -34.32
CA THR A 26 -22.72 41.91 -34.86
C THR A 26 -22.17 40.86 -35.82
N HIS A 27 -21.18 41.28 -36.60
CA HIS A 27 -20.44 40.39 -37.48
C HIS A 27 -18.97 40.75 -37.36
N LEU A 28 -18.12 39.72 -37.32
CA LEU A 28 -16.70 39.96 -37.07
C LEU A 28 -16.06 40.78 -38.19
N ARG A 29 -16.59 40.71 -39.41
CA ARG A 29 -16.01 41.49 -40.50
C ARG A 29 -16.12 43.00 -40.25
N ASP A 30 -17.04 43.42 -39.38
CA ASP A 30 -17.13 44.80 -38.95
C ASP A 30 -16.33 45.05 -37.67
N LEU A 31 -16.43 44.13 -36.71
CA LEU A 31 -15.73 44.30 -35.44
C LEU A 31 -14.21 44.31 -35.62
N MET A 32 -13.70 43.62 -36.65
CA MET A 32 -12.27 43.56 -36.87
C MET A 32 -11.70 44.86 -37.45
N THR A 33 -12.53 45.81 -37.84
CA THR A 33 -12.06 47.10 -38.30
C THR A 33 -11.85 48.10 -37.17
N ASP A 34 -12.28 47.76 -35.95
CA ASP A 34 -12.14 48.63 -34.79
C ASP A 34 -10.76 48.41 -34.18
N ALA A 35 -9.89 49.43 -34.26
CA ALA A 35 -8.55 49.31 -33.71
C ALA A 35 -8.58 49.34 -32.18
N ASP A 36 -9.52 50.08 -31.59
CA ASP A 36 -9.64 50.11 -30.13
C ASP A 36 -10.05 48.75 -29.58
N ARG A 37 -11.02 48.11 -30.22
CA ARG A 37 -11.45 46.79 -29.76
C ARG A 37 -10.36 45.75 -29.94
N CYS A 38 -9.67 45.78 -31.10
CA CYS A 38 -8.64 44.78 -31.37
C CYS A 38 -7.48 44.89 -30.39
N LYS A 39 -7.07 46.11 -30.04
CA LYS A 39 -5.96 46.29 -29.12
C LYS A 39 -6.35 45.91 -27.69
N ALA A 40 -7.59 46.21 -27.29
CA ALA A 40 -8.01 45.89 -25.93
C ALA A 40 -8.21 44.40 -25.72
N MET A 41 -8.60 43.67 -26.77
CA MET A 41 -8.83 42.23 -26.65
C MET A 41 -7.56 41.44 -26.92
N THR A 42 -6.48 41.82 -26.21
CA THR A 42 -5.21 41.11 -26.26
C THR A 42 -4.67 40.95 -24.85
N ALA A 43 -3.59 40.19 -24.73
CA ALA A 43 -2.88 40.00 -23.48
C ALA A 43 -1.50 39.46 -23.79
N GLU A 44 -0.55 39.74 -22.90
CA GLU A 44 0.84 39.43 -23.18
C GLU A 44 1.59 39.14 -21.89
N PHE A 45 2.45 38.13 -21.93
CA PHE A 45 3.33 37.81 -20.81
C PHE A 45 4.59 37.18 -21.39
N GLU A 46 5.72 37.86 -21.24
CA GLU A 46 7.02 37.42 -21.74
C GLU A 46 6.88 37.12 -23.24
N GLY A 47 7.30 35.96 -23.71
CA GLY A 47 7.24 35.67 -25.14
C GLY A 47 5.92 35.10 -25.60
N VAL A 48 4.87 35.24 -24.79
CA VAL A 48 3.55 34.70 -25.11
C VAL A 48 2.61 35.88 -25.33
N PHE A 49 2.16 36.04 -26.58
CA PHE A 49 1.20 37.07 -26.93
C PHE A 49 -0.12 36.40 -27.32
N LEU A 50 -1.21 36.83 -26.70
CA LEU A 50 -2.54 36.28 -26.94
C LEU A 50 -3.40 37.34 -27.59
N ASP A 51 -3.90 37.04 -28.79
CA ASP A 51 -4.81 37.91 -29.53
C ASP A 51 -6.15 37.19 -29.63
N TYR A 52 -7.16 37.70 -28.93
CA TYR A 52 -8.49 37.11 -28.97
C TYR A 52 -9.52 38.07 -29.55
N SER A 53 -9.10 38.97 -30.43
CA SER A 53 -10.02 39.92 -31.04
C SER A 53 -10.98 39.25 -32.01
N ARG A 54 -10.68 38.04 -32.46
CA ARG A 54 -11.58 37.31 -33.36
C ARG A 54 -12.60 36.47 -32.61
N GLN A 55 -12.78 36.69 -31.32
CA GLN A 55 -13.86 36.08 -30.58
C GLN A 55 -15.17 36.82 -30.84
N GLN A 56 -16.27 36.07 -30.89
CA GLN A 56 -17.61 36.67 -31.02
C GLN A 56 -17.92 37.40 -29.72
N ALA A 57 -17.30 38.56 -29.54
CA ALA A 57 -17.40 39.27 -28.28
C ALA A 57 -16.87 40.69 -28.47
N THR A 58 -17.14 41.52 -27.46
CA THR A 58 -16.59 42.86 -27.34
C THR A 58 -15.93 42.98 -25.97
N THR A 59 -15.38 44.17 -25.69
CA THR A 59 -14.86 44.43 -24.35
C THR A 59 -15.98 44.43 -23.32
N GLU A 60 -17.22 44.64 -23.75
CA GLU A 60 -18.36 44.54 -22.84
C GLU A 60 -18.67 43.10 -22.49
N THR A 61 -18.55 42.20 -23.47
CA THR A 61 -18.69 40.77 -23.18
C THR A 61 -17.66 40.34 -22.16
N VAL A 62 -16.42 40.80 -22.31
CA VAL A 62 -15.36 40.47 -21.35
C VAL A 62 -15.69 41.05 -19.98
N ASP A 63 -16.24 42.26 -19.94
CA ASP A 63 -16.60 42.87 -18.65
C ASP A 63 -17.66 42.05 -17.94
N LYS A 64 -18.61 41.48 -18.69
CA LYS A 64 -19.66 40.70 -18.08
C LYS A 64 -19.18 39.32 -17.64
N LEU A 65 -18.25 38.72 -18.38
CA LEU A 65 -17.65 37.47 -17.94
C LEU A 65 -16.85 37.67 -16.66
N PHE A 66 -16.27 38.86 -16.47
CA PHE A 66 -15.58 39.16 -15.22
C PHE A 66 -16.55 39.16 -14.04
N LYS A 67 -17.74 39.72 -14.24
CA LYS A 67 -18.75 39.71 -13.19
C LYS A 67 -19.32 38.32 -12.96
N LEU A 68 -19.25 37.44 -13.95
CA LEU A 68 -19.57 36.04 -13.71
C LEU A 68 -18.46 35.36 -12.91
N ALA A 69 -17.20 35.70 -13.20
CA ALA A 69 -16.09 35.15 -12.44
C ALA A 69 -16.12 35.61 -11.00
N GLU A 70 -16.56 36.85 -10.76
CA GLU A 70 -16.70 37.33 -9.39
C GLU A 70 -17.85 36.64 -8.67
N ALA A 71 -18.99 36.46 -9.36
CA ALA A 71 -20.09 35.71 -8.78
C ALA A 71 -19.72 34.24 -8.58
N ALA A 72 -18.78 33.73 -9.37
CA ALA A 72 -18.28 32.36 -9.23
C ALA A 72 -17.13 32.25 -8.24
N LYS A 73 -16.69 33.38 -7.68
CA LYS A 73 -15.56 33.40 -6.74
C LYS A 73 -14.31 32.78 -7.36
N LEU A 74 -14.02 33.15 -8.61
CA LEU A 74 -12.93 32.55 -9.35
C LEU A 74 -11.59 32.76 -8.65
N LYS A 75 -11.33 33.99 -8.19
CA LYS A 75 -10.08 34.27 -7.51
C LYS A 75 -9.94 33.45 -6.23
N GLU A 76 -11.05 33.22 -5.53
CA GLU A 76 -11.01 32.39 -4.33
C GLU A 76 -10.52 30.99 -4.64
N LYS A 77 -11.13 30.35 -5.65
CA LYS A 77 -10.79 28.97 -5.98
C LYS A 77 -9.34 28.85 -6.43
N ILE A 78 -8.85 29.83 -7.19
CA ILE A 78 -7.46 29.80 -7.63
C ILE A 78 -6.51 29.90 -6.45
N ASP A 79 -6.79 30.81 -5.51
CA ASP A 79 -5.94 30.92 -4.33
C ASP A 79 -5.98 29.65 -3.49
N LYS A 80 -7.16 29.02 -3.37
CA LYS A 80 -7.26 27.80 -2.58
C LYS A 80 -6.49 26.65 -3.23
N MET A 81 -6.41 26.63 -4.56
CA MET A 81 -5.58 25.62 -5.24
C MET A 81 -4.11 25.84 -4.93
N PHE A 82 -3.61 27.06 -5.19
CA PHE A 82 -2.21 27.36 -4.97
C PHE A 82 -1.82 27.18 -3.51
N LYS A 83 -2.72 27.51 -2.57
CA LYS A 83 -2.40 27.42 -1.15
C LYS A 83 -2.32 25.98 -0.66
N GLY A 84 -2.93 25.04 -1.37
CA GLY A 84 -2.88 23.65 -0.98
C GLY A 84 -4.13 23.10 -0.35
N GLU A 85 -5.23 23.85 -0.36
CA GLU A 85 -6.49 23.33 0.16
C GLU A 85 -6.96 22.15 -0.67
N LYS A 86 -7.53 21.16 0.01
CA LYS A 86 -8.03 19.95 -0.66
C LYS A 86 -9.35 20.28 -1.38
N ILE A 87 -9.21 21.06 -2.45
CA ILE A 87 -10.36 21.48 -3.24
C ILE A 87 -10.94 20.33 -4.05
N ASN A 88 -10.20 19.24 -4.21
CA ASN A 88 -10.74 18.01 -4.77
C ASN A 88 -11.54 17.32 -3.68
N THR A 89 -12.77 17.80 -3.50
CA THR A 89 -13.57 17.42 -2.33
C THR A 89 -14.08 15.99 -2.42
N THR A 90 -14.34 15.48 -3.63
CA THR A 90 -14.84 14.12 -3.76
C THR A 90 -13.77 13.08 -3.45
N GLU A 91 -12.50 13.43 -3.59
CA GLU A 91 -11.40 12.53 -3.22
C GLU A 91 -10.63 12.99 -1.99
N ASN A 92 -10.93 14.19 -1.46
CA ASN A 92 -10.23 14.76 -0.31
C ASN A 92 -8.72 14.79 -0.56
N ARG A 93 -8.34 15.49 -1.62
CA ARG A 93 -6.95 15.62 -2.02
C ARG A 93 -6.65 17.06 -2.40
N SER A 94 -5.43 17.50 -2.10
CA SER A 94 -4.97 18.77 -2.61
C SER A 94 -4.82 18.69 -4.12
N VAL A 95 -4.67 19.85 -4.74
CA VAL A 95 -4.45 19.97 -6.18
C VAL A 95 -3.21 20.84 -6.33
N LEU A 96 -2.06 20.21 -6.47
CA LEU A 96 -0.79 20.93 -6.35
C LEU A 96 0.19 20.51 -7.45
N HIS A 97 -0.28 20.49 -8.70
CA HIS A 97 0.68 20.32 -9.78
C HIS A 97 1.57 21.55 -9.95
N VAL A 98 1.16 22.70 -9.40
CA VAL A 98 2.01 23.89 -9.42
C VAL A 98 3.24 23.69 -8.55
N ALA A 99 3.14 22.86 -7.51
CA ALA A 99 4.27 22.64 -6.62
C ALA A 99 5.37 21.82 -7.28
N LEU A 100 5.07 21.11 -8.37
CA LEU A 100 6.09 20.35 -9.07
C LEU A 100 7.14 21.25 -9.70
N ARG A 101 6.80 22.51 -9.98
CA ARG A 101 7.73 23.46 -10.60
C ARG A 101 8.01 24.67 -9.72
N ALA A 102 7.70 24.58 -8.42
CA ALA A 102 8.01 25.67 -7.52
C ALA A 102 9.50 25.67 -7.19
N PRO A 103 10.06 26.84 -6.83
CA PRO A 103 11.50 26.88 -6.46
C PRO A 103 11.76 26.17 -5.13
N ARG A 104 13.04 26.08 -4.75
CA ARG A 104 13.39 25.33 -3.55
C ARG A 104 12.81 25.95 -2.28
N ASP A 105 12.86 27.28 -2.16
CA ASP A 105 12.43 27.96 -0.95
C ASP A 105 10.95 28.29 -0.93
N ALA A 106 10.15 27.59 -1.73
CA ALA A 106 8.72 27.85 -1.77
C ALA A 106 8.01 27.16 -0.62
N VAL A 107 6.83 27.68 -0.28
CA VAL A 107 6.05 27.25 0.88
C VAL A 107 4.67 26.86 0.38
N ILE A 108 4.44 25.57 0.17
CA ILE A 108 3.14 25.07 -0.30
C ILE A 108 2.76 23.88 0.59
N ASN A 109 1.73 24.07 1.42
CA ASN A 109 1.37 23.12 2.45
C ASN A 109 0.16 22.29 2.04
N SER A 110 0.22 21.00 2.34
CA SER A 110 -0.93 20.11 2.30
C SER A 110 -0.90 19.27 3.55
N ASP A 111 -2.00 19.32 4.32
CA ASP A 111 -2.06 18.72 5.66
C ASP A 111 -0.99 19.31 6.58
N GLY A 112 -0.65 20.58 6.36
CA GLY A 112 0.28 21.29 7.22
C GLY A 112 1.74 21.00 6.98
N VAL A 113 2.07 20.14 6.03
CA VAL A 113 3.46 19.78 5.73
C VAL A 113 3.84 20.43 4.40
N ASN A 114 4.98 21.11 4.37
CA ASN A 114 5.47 21.72 3.15
C ASN A 114 5.95 20.64 2.19
N VAL A 115 5.32 20.55 1.02
CA VAL A 115 5.62 19.48 0.08
C VAL A 115 6.78 19.81 -0.84
N VAL A 116 7.25 21.05 -0.85
CA VAL A 116 8.27 21.52 -1.79
C VAL A 116 9.61 20.82 -1.57
N PRO A 117 10.12 20.68 -0.33
CA PRO A 117 11.38 19.95 -0.17
C PRO A 117 11.34 18.52 -0.69
N GLU A 118 10.18 17.86 -0.61
CA GLU A 118 10.08 16.50 -1.13
C GLU A 118 9.98 16.48 -2.65
N VAL A 119 9.45 17.54 -3.26
CA VAL A 119 9.44 17.63 -4.72
C VAL A 119 10.87 17.73 -5.25
N TRP A 120 11.71 18.53 -4.58
CA TRP A 120 13.09 18.70 -5.03
C TRP A 120 13.97 17.52 -4.66
N ALA A 121 13.64 16.80 -3.59
CA ALA A 121 14.38 15.58 -3.27
C ALA A 121 14.26 14.56 -4.40
N VAL A 122 13.06 14.42 -4.98
CA VAL A 122 12.90 13.59 -6.16
C VAL A 122 13.63 14.21 -7.35
N LYS A 123 13.51 15.52 -7.52
CA LYS A 123 14.16 16.19 -8.65
C LYS A 123 15.68 16.10 -8.54
N ASP A 124 16.24 16.27 -7.34
CA ASP A 124 17.68 16.09 -7.17
C ASP A 124 18.08 14.64 -7.43
N LYS A 125 17.25 13.69 -6.97
CA LYS A 125 17.51 12.29 -7.25
C LYS A 125 17.48 12.00 -8.74
N ILE A 126 16.55 12.63 -9.46
CA ILE A 126 16.47 12.43 -10.91
C ILE A 126 17.72 12.95 -11.59
N LYS A 127 18.18 14.14 -11.19
CA LYS A 127 19.34 14.74 -11.85
C LYS A 127 20.59 13.88 -11.65
N GLN A 128 20.85 13.48 -10.41
CA GLN A 128 22.02 12.64 -10.14
C GLN A 128 21.96 11.34 -10.92
N PHE A 129 20.78 10.74 -11.03
CA PHE A 129 20.64 9.52 -11.81
C PHE A 129 20.84 9.78 -13.30
N SER A 130 20.32 10.91 -13.80
CA SER A 130 20.40 11.18 -15.23
C SER A 130 21.82 11.52 -15.67
N GLU A 131 22.62 12.11 -14.78
CA GLU A 131 24.01 12.38 -15.12
C GLU A 131 24.82 11.09 -15.18
N THR A 132 24.65 10.23 -14.17
CA THR A 132 25.32 8.93 -14.16
C THR A 132 24.88 8.07 -15.35
N PHE A 133 23.60 8.15 -15.70
CA PHE A 133 23.09 7.37 -16.84
C PHE A 133 23.64 7.89 -18.16
N ARG A 134 23.51 9.20 -18.40
CA ARG A 134 23.97 9.77 -19.66
C ARG A 134 25.48 9.76 -19.80
N SER A 135 26.22 9.74 -18.69
CA SER A 135 27.68 9.68 -18.77
C SER A 135 28.18 8.31 -19.22
N GLY A 136 27.31 7.30 -19.24
CA GLY A 136 27.70 5.96 -19.61
C GLY A 136 28.20 5.09 -18.48
N SER A 137 28.42 5.67 -17.28
CA SER A 137 28.90 4.87 -16.17
C SER A 137 27.86 3.83 -15.76
N TRP A 138 26.59 4.18 -15.79
CA TRP A 138 25.53 3.19 -15.63
C TRP A 138 25.56 2.24 -16.83
N VAL A 139 25.80 0.97 -16.57
CA VAL A 139 25.96 -0.03 -17.62
C VAL A 139 24.86 -1.08 -17.49
N GLY A 140 24.58 -1.75 -18.60
CA GLY A 140 23.67 -2.87 -18.60
C GLY A 140 24.32 -4.12 -18.04
N ALA A 141 23.65 -5.25 -18.27
CA ALA A 141 24.18 -6.53 -17.81
C ALA A 141 25.49 -6.85 -18.50
N THR A 142 25.52 -6.75 -19.84
CA THR A 142 26.73 -7.00 -20.61
C THR A 142 27.76 -5.88 -20.49
N GLY A 143 27.53 -4.87 -19.64
CA GLY A 143 28.49 -3.81 -19.45
C GLY A 143 28.43 -2.69 -20.47
N LYS A 144 27.45 -2.71 -21.37
CA LYS A 144 27.34 -1.66 -22.37
C LYS A 144 26.58 -0.46 -21.81
N PRO A 145 26.97 0.76 -22.17
CA PRO A 145 26.15 1.92 -21.80
C PRO A 145 24.79 1.86 -22.48
N LEU A 146 23.78 2.35 -21.78
CA LEU A 146 22.41 2.28 -22.26
C LEU A 146 22.09 3.50 -23.11
N THR A 147 21.54 3.25 -24.29
CA THR A 147 21.27 4.28 -25.29
C THR A 147 19.79 4.60 -25.43
N ASN A 148 18.92 3.61 -25.33
CA ASN A 148 17.49 3.78 -25.59
C ASN A 148 16.70 3.56 -24.31
N VAL A 149 15.59 4.30 -24.19
CA VAL A 149 14.75 4.29 -23.00
C VAL A 149 13.30 4.11 -23.42
N VAL A 150 12.63 3.14 -22.81
CA VAL A 150 11.20 2.88 -23.04
C VAL A 150 10.45 3.21 -21.76
N SER A 151 9.50 4.15 -21.85
CA SER A 151 8.68 4.57 -20.72
C SER A 151 7.33 3.88 -20.81
N VAL A 152 7.05 3.00 -19.86
CA VAL A 152 5.81 2.23 -19.83
C VAL A 152 4.81 2.96 -18.95
N GLY A 153 3.65 3.28 -19.52
CA GLY A 153 2.63 3.97 -18.75
C GLY A 153 1.47 4.33 -19.65
N ILE A 154 0.34 4.60 -18.99
CA ILE A 154 -0.92 4.90 -19.67
C ILE A 154 -1.45 6.24 -19.19
N GLY A 155 -2.37 6.80 -19.98
CA GLY A 155 -3.08 8.00 -19.59
C GLY A 155 -2.14 9.18 -19.39
N GLY A 156 -2.25 9.82 -18.23
CA GLY A 156 -1.38 10.93 -17.90
C GLY A 156 0.08 10.57 -17.79
N SER A 157 0.39 9.28 -17.62
CA SER A 157 1.77 8.84 -17.66
C SER A 157 2.32 8.79 -19.08
N PHE A 158 1.48 9.05 -20.09
CA PHE A 158 1.85 8.90 -21.50
C PHE A 158 1.70 10.18 -22.29
N LEU A 159 0.54 10.83 -22.22
CA LEU A 159 0.23 11.90 -23.17
C LEU A 159 1.04 13.16 -22.88
N GLY A 160 1.14 13.56 -21.62
CA GLY A 160 1.92 14.71 -21.24
C GLY A 160 3.38 14.61 -21.67
N PRO A 161 4.08 13.57 -21.20
CA PRO A 161 5.47 13.39 -21.63
C PRO A 161 5.63 13.27 -23.14
N LEU A 162 4.71 12.56 -23.82
CA LEU A 162 4.79 12.47 -25.28
C LEU A 162 4.73 13.85 -25.92
N PHE A 163 3.81 14.70 -25.45
CA PHE A 163 3.71 16.06 -25.96
C PHE A 163 5.03 16.81 -25.78
N VAL A 164 5.56 16.80 -24.56
CA VAL A 164 6.80 17.53 -24.29
C VAL A 164 7.96 16.92 -25.08
N HIS A 165 8.01 15.59 -25.17
CA HIS A 165 9.09 14.93 -25.88
C HIS A 165 9.06 15.27 -27.37
N THR A 166 7.87 15.26 -27.97
CA THR A 166 7.76 15.57 -29.39
C THR A 166 8.10 17.03 -29.67
N ALA A 167 7.78 17.93 -28.75
CA ALA A 167 8.11 19.34 -28.95
C ALA A 167 9.61 19.58 -28.82
N LEU A 168 10.29 18.82 -27.97
CA LEU A 168 11.72 19.00 -27.77
C LEU A 168 12.57 18.28 -28.81
N GLN A 169 12.00 17.31 -29.53
CA GLN A 169 12.78 16.51 -30.47
C GLN A 169 13.50 17.37 -31.49
N THR A 170 12.88 18.47 -31.92
CA THR A 170 13.42 19.28 -33.00
C THR A 170 13.88 20.66 -32.53
N ASP A 171 13.84 20.93 -31.23
CA ASP A 171 14.48 22.12 -30.71
C ASP A 171 16.00 21.96 -30.86
N PRO A 172 16.71 22.96 -31.39
CA PRO A 172 18.14 22.78 -31.67
C PRO A 172 18.97 22.46 -30.43
N GLU A 173 18.68 23.10 -29.30
CA GLU A 173 19.42 22.82 -28.08
C GLU A 173 19.09 21.43 -27.55
N ALA A 174 17.80 21.12 -27.39
CA ALA A 174 17.40 19.85 -26.82
C ALA A 174 17.85 18.68 -27.70
N ALA A 175 17.66 18.82 -29.02
CA ALA A 175 18.05 17.74 -29.94
C ALA A 175 19.55 17.45 -29.84
N GLU A 176 20.36 18.47 -29.60
CA GLU A 176 21.79 18.27 -29.44
C GLU A 176 22.09 17.42 -28.20
N SER A 177 21.43 17.76 -27.08
CA SER A 177 21.63 16.99 -25.85
C SER A 177 21.04 15.60 -25.90
N ALA A 178 20.17 15.31 -26.90
CA ALA A 178 19.53 14.01 -27.04
C ALA A 178 20.09 13.22 -28.21
N LYS A 179 21.28 13.56 -28.67
CA LYS A 179 21.84 12.93 -29.86
C LYS A 179 22.22 11.48 -29.58
N GLY A 180 21.95 10.62 -30.54
CA GLY A 180 22.24 9.20 -30.39
C GLY A 180 21.37 8.47 -29.41
N ARG A 181 20.34 9.11 -28.86
CA ARG A 181 19.48 8.51 -27.86
C ARG A 181 18.04 8.45 -28.39
N GLN A 182 17.31 7.45 -27.91
CA GLN A 182 15.90 7.29 -28.21
C GLN A 182 15.09 7.25 -26.93
N LEU A 183 13.89 7.80 -26.99
CA LEU A 183 12.91 7.69 -25.91
C LEU A 183 11.59 7.28 -26.53
N ARG A 184 11.15 6.06 -26.25
CA ARG A 184 9.90 5.54 -26.78
C ARG A 184 8.89 5.39 -25.64
N PHE A 185 7.62 5.28 -26.02
CA PHE A 185 6.53 5.14 -25.06
C PHE A 185 5.73 3.89 -25.40
N LEU A 186 5.56 3.02 -24.42
CA LEU A 186 4.72 1.83 -24.53
C LEU A 186 3.48 2.07 -23.67
N ALA A 187 2.38 2.42 -24.32
CA ALA A 187 1.16 2.82 -23.65
C ALA A 187 0.00 1.86 -23.83
N ASN A 188 -0.20 1.34 -25.04
CA ASN A 188 -1.33 0.46 -25.31
C ASN A 188 -1.04 -0.94 -24.77
N VAL A 189 -2.06 -1.56 -24.16
CA VAL A 189 -1.93 -2.94 -23.75
C VAL A 189 -1.99 -3.87 -24.95
N ASP A 190 -2.47 -3.37 -26.09
CA ASP A 190 -2.40 -4.08 -27.36
C ASP A 190 -0.98 -4.56 -27.60
N PRO A 191 -0.76 -5.88 -27.71
CA PRO A 191 0.61 -6.39 -27.91
C PRO A 191 1.27 -5.89 -29.19
N VAL A 192 0.51 -5.29 -30.12
CA VAL A 192 1.11 -4.64 -31.27
C VAL A 192 1.97 -3.47 -30.82
N ASP A 193 1.56 -2.77 -29.76
CA ASP A 193 2.37 -1.66 -29.25
C ASP A 193 3.66 -2.16 -28.61
N VAL A 194 3.61 -3.33 -27.97
CA VAL A 194 4.84 -3.91 -27.41
C VAL A 194 5.82 -4.22 -28.53
N ALA A 195 5.34 -4.82 -29.61
CA ALA A 195 6.20 -5.13 -30.76
C ALA A 195 6.83 -3.87 -31.31
N ARG A 196 6.08 -2.76 -31.38
CA ARG A 196 6.62 -1.53 -31.94
C ARG A 196 7.65 -0.90 -31.01
N SER A 197 7.39 -0.92 -29.70
CA SER A 197 8.30 -0.28 -28.76
C SER A 197 9.68 -0.93 -28.79
N ILE A 198 9.74 -2.26 -28.89
CA ILE A 198 11.00 -2.97 -28.90
C ILE A 198 11.57 -3.15 -30.31
N LYS A 199 10.92 -2.60 -31.33
CA LYS A 199 11.36 -2.80 -32.70
C LYS A 199 12.77 -2.29 -32.89
N ASP A 200 13.68 -3.18 -33.31
CA ASP A 200 15.07 -2.85 -33.59
C ASP A 200 15.79 -2.32 -32.34
N LEU A 201 15.40 -2.81 -31.17
CA LEU A 201 16.10 -2.48 -29.93
C LEU A 201 16.89 -3.69 -29.43
N ASP A 202 17.98 -3.41 -28.72
CA ASP A 202 18.78 -4.45 -28.08
C ASP A 202 18.61 -4.34 -26.58
N PRO A 203 18.18 -5.38 -25.88
CA PRO A 203 18.02 -5.29 -24.42
C PRO A 203 19.26 -4.82 -23.68
N ALA A 204 20.46 -5.20 -24.17
CA ALA A 204 21.69 -4.82 -23.50
C ALA A 204 21.94 -3.31 -23.54
N THR A 205 21.29 -2.59 -24.46
CA THR A 205 21.43 -1.14 -24.56
C THR A 205 20.10 -0.44 -24.36
N THR A 206 19.23 -1.01 -23.53
CA THR A 206 17.88 -0.50 -23.34
C THR A 206 17.58 -0.40 -21.85
N LEU A 207 17.05 0.74 -21.42
CA LEU A 207 16.56 0.95 -20.07
C LEU A 207 15.05 1.13 -20.12
N VAL A 208 14.35 0.56 -19.12
CA VAL A 208 12.89 0.61 -19.05
C VAL A 208 12.49 1.40 -17.82
N VAL A 209 11.52 2.30 -17.99
CA VAL A 209 10.98 3.10 -16.90
C VAL A 209 9.50 2.78 -16.81
N VAL A 210 9.10 2.12 -15.72
CA VAL A 210 7.72 1.77 -15.48
C VAL A 210 7.06 2.87 -14.67
N VAL A 211 6.04 3.51 -15.24
CA VAL A 211 5.39 4.66 -14.62
C VAL A 211 3.99 4.23 -14.21
N SER A 212 3.81 3.98 -12.92
CA SER A 212 2.52 3.63 -12.34
C SER A 212 2.61 3.87 -10.84
N LYS A 213 1.77 4.77 -10.32
CA LYS A 213 1.84 5.13 -8.91
C LYS A 213 1.77 3.90 -8.01
N THR A 214 0.76 3.06 -8.21
CA THR A 214 0.56 1.90 -7.36
C THR A 214 1.39 0.70 -7.77
N PHE A 215 1.95 0.71 -8.99
CA PHE A 215 2.58 -0.47 -9.60
C PHE A 215 1.59 -1.63 -9.75
N THR A 216 0.29 -1.31 -9.78
CA THR A 216 -0.76 -2.30 -9.96
C THR A 216 -1.60 -2.05 -11.21
N THR A 217 -1.30 -0.99 -11.96
CA THR A 217 -2.10 -0.64 -13.14
C THR A 217 -2.14 -1.80 -14.12
N ALA A 218 -3.35 -2.21 -14.51
CA ALA A 218 -3.53 -3.43 -15.28
C ALA A 218 -2.74 -3.40 -16.59
N GLU A 219 -2.96 -2.36 -17.40
CA GLU A 219 -2.30 -2.30 -18.70
C GLU A 219 -0.80 -2.08 -18.56
N THR A 220 -0.40 -1.17 -17.67
CA THR A 220 1.01 -0.83 -17.54
C THR A 220 1.83 -2.02 -17.04
N MET A 221 1.32 -2.74 -16.03
CA MET A 221 2.11 -3.81 -15.43
C MET A 221 2.18 -5.04 -16.34
N LEU A 222 1.15 -5.32 -17.11
CA LEU A 222 1.24 -6.40 -18.09
C LEU A 222 2.30 -6.07 -19.15
N ASN A 223 2.30 -4.83 -19.64
CA ASN A 223 3.38 -4.39 -20.51
C ASN A 223 4.72 -4.41 -19.78
N ALA A 224 4.71 -4.07 -18.48
CA ALA A 224 5.96 -4.06 -17.72
C ALA A 224 6.51 -5.47 -17.53
N ARG A 225 5.65 -6.43 -17.19
CA ARG A 225 6.09 -7.81 -17.13
C ARG A 225 6.48 -8.33 -18.49
N THR A 226 5.84 -7.84 -19.55
CA THR A 226 6.15 -8.31 -20.90
C THR A 226 7.54 -7.87 -21.34
N ILE A 227 7.85 -6.59 -21.16
CA ILE A 227 9.18 -6.11 -21.52
C ILE A 227 10.23 -6.64 -20.56
N LYS A 228 9.83 -6.99 -19.33
CA LYS A 228 10.75 -7.67 -18.42
C LYS A 228 11.12 -9.04 -18.96
N GLU A 229 10.14 -9.79 -19.48
CA GLU A 229 10.41 -11.08 -20.10
C GLU A 229 11.34 -10.92 -21.30
N TRP A 230 11.15 -9.85 -22.08
CA TRP A 230 12.03 -9.57 -23.21
C TRP A 230 13.47 -9.40 -22.76
N ILE A 231 13.68 -8.71 -21.64
CA ILE A 231 15.04 -8.47 -21.15
C ILE A 231 15.64 -9.76 -20.58
N VAL A 232 14.88 -10.47 -19.73
CA VAL A 232 15.43 -11.65 -19.08
C VAL A 232 15.66 -12.77 -20.08
N SER A 233 14.87 -12.80 -21.17
CA SER A 233 15.07 -13.85 -22.18
C SER A 233 16.39 -13.67 -22.90
N SER A 234 16.92 -12.45 -22.95
CA SER A 234 18.17 -12.16 -23.65
C SER A 234 19.37 -12.01 -22.73
N LEU A 235 19.18 -11.52 -21.51
CA LEU A 235 20.27 -11.19 -20.62
C LEU A 235 20.29 -11.99 -19.33
N GLY A 236 19.20 -12.66 -18.97
CA GLY A 236 19.14 -13.41 -17.74
C GLY A 236 18.26 -12.72 -16.70
N PRO A 237 17.90 -13.45 -15.63
CA PRO A 237 17.01 -12.85 -14.62
C PRO A 237 17.69 -11.76 -13.80
N GLN A 238 19.02 -11.81 -13.67
CA GLN A 238 19.72 -10.82 -12.85
C GLN A 238 19.70 -9.43 -13.46
N ALA A 239 19.52 -9.33 -14.78
CA ALA A 239 19.64 -8.07 -15.49
C ALA A 239 18.48 -7.11 -15.23
N VAL A 240 17.46 -7.52 -14.46
CA VAL A 240 16.30 -6.66 -14.24
C VAL A 240 16.70 -5.39 -13.51
N SER A 241 17.46 -5.52 -12.43
CA SER A 241 17.85 -4.36 -11.64
C SER A 241 18.74 -3.39 -12.41
N LYS A 242 19.35 -3.84 -13.51
CA LYS A 242 20.24 -3.00 -14.29
C LYS A 242 19.56 -2.36 -15.50
N HIS A 243 18.40 -2.85 -15.92
CA HIS A 243 17.73 -2.35 -17.10
C HIS A 243 16.34 -1.80 -16.86
N MET A 244 15.83 -1.86 -15.64
CA MET A 244 14.47 -1.44 -15.35
C MET A 244 14.43 -0.57 -14.09
N ILE A 245 13.72 0.55 -14.17
CA ILE A 245 13.47 1.43 -13.04
C ILE A 245 11.99 1.80 -13.04
N ALA A 246 11.57 2.53 -12.00
CA ALA A 246 10.14 2.76 -11.80
C ALA A 246 9.89 4.18 -11.31
N VAL A 247 8.71 4.69 -11.67
CA VAL A 247 8.16 5.91 -11.08
C VAL A 247 6.93 5.49 -10.28
N SER A 248 7.14 5.21 -8.99
CA SER A 248 6.10 4.59 -8.18
C SER A 248 6.39 4.82 -6.70
N THR A 249 5.35 4.72 -5.89
CA THR A 249 5.47 4.82 -4.43
C THR A 249 5.23 3.49 -3.73
N ASN A 250 4.96 2.42 -4.47
CA ASN A 250 4.77 1.09 -3.89
C ASN A 250 6.12 0.38 -3.89
N LEU A 251 6.90 0.60 -2.83
CA LEU A 251 8.25 0.06 -2.77
C LEU A 251 8.26 -1.47 -2.70
N LYS A 252 7.20 -2.07 -2.17
CA LYS A 252 7.17 -3.53 -2.04
C LYS A 252 7.10 -4.19 -3.42
N LEU A 253 6.17 -3.75 -4.26
CA LEU A 253 6.00 -4.36 -5.58
C LEU A 253 7.18 -4.06 -6.50
N VAL A 254 7.81 -2.89 -6.35
CA VAL A 254 9.00 -2.59 -7.15
C VAL A 254 10.11 -3.60 -6.86
N LYS A 255 10.34 -3.91 -5.58
CA LYS A 255 11.37 -4.89 -5.23
C LYS A 255 10.92 -6.29 -5.63
N GLU A 256 9.63 -6.59 -5.52
CA GLU A 256 9.13 -7.90 -5.94
C GLU A 256 9.17 -8.05 -7.45
N PHE A 257 9.01 -6.94 -8.19
CA PHE A 257 9.11 -6.98 -9.64
C PHE A 257 10.52 -7.33 -10.11
N GLY A 258 11.54 -6.88 -9.37
CA GLY A 258 12.92 -7.13 -9.72
C GLY A 258 13.75 -5.87 -9.79
N ILE A 259 13.12 -4.73 -9.58
CA ILE A 259 13.77 -3.43 -9.67
C ILE A 259 14.30 -3.04 -8.30
N ASP A 260 15.52 -2.49 -8.27
CA ASP A 260 16.09 -1.94 -7.05
C ASP A 260 15.18 -0.85 -6.51
N PRO A 261 14.75 -0.93 -5.25
CA PRO A 261 13.78 0.07 -4.74
C PRO A 261 14.35 1.48 -4.70
N ASN A 262 15.65 1.62 -4.50
CA ASN A 262 16.26 2.95 -4.56
C ASN A 262 16.22 3.54 -5.95
N ASN A 263 15.88 2.76 -6.97
CA ASN A 263 15.63 3.26 -8.31
C ASN A 263 14.14 3.51 -8.56
N ALA A 264 13.37 3.70 -7.50
CA ALA A 264 11.99 4.14 -7.59
C ALA A 264 11.92 5.63 -7.26
N PHE A 265 11.18 6.38 -8.07
CA PHE A 265 11.06 7.82 -7.94
C PHE A 265 9.61 8.16 -7.63
N ALA A 266 9.40 8.96 -6.59
CA ALA A 266 8.07 9.17 -6.05
C ALA A 266 7.36 10.33 -6.72
N PHE A 267 6.02 10.26 -6.68
CA PHE A 267 5.17 11.44 -6.79
C PHE A 267 3.98 11.19 -5.89
N TRP A 268 3.02 12.12 -5.88
CA TRP A 268 2.11 12.22 -4.76
C TRP A 268 0.66 12.28 -5.23
N ASP A 269 -0.25 12.02 -4.28
CA ASP A 269 -1.67 11.89 -4.57
C ASP A 269 -2.31 13.21 -5.00
N TRP A 270 -1.72 14.34 -4.66
CA TRP A 270 -2.21 15.64 -5.11
C TRP A 270 -1.73 16.00 -6.51
N VAL A 271 -1.06 15.09 -7.20
CA VAL A 271 -0.67 15.27 -8.59
C VAL A 271 -1.67 14.50 -9.45
N GLY A 272 -2.51 15.23 -10.18
CA GLY A 272 -3.40 14.57 -11.11
C GLY A 272 -2.64 13.86 -12.21
N GLY A 273 -3.21 12.75 -12.68
CA GLY A 273 -2.58 12.02 -13.77
C GLY A 273 -2.38 12.88 -15.00
N ARG A 274 -3.44 13.54 -15.43
CA ARG A 274 -3.37 14.51 -16.53
C ARG A 274 -2.62 15.78 -16.16
N TYR A 275 -2.08 15.87 -14.94
CA TYR A 275 -1.32 17.04 -14.48
C TYR A 275 0.07 16.65 -13.99
N SER A 276 0.62 15.52 -14.46
CA SER A 276 1.78 14.92 -13.82
C SER A 276 3.06 14.98 -14.64
N VAL A 277 3.05 15.60 -15.82
CA VAL A 277 4.26 15.60 -16.63
C VAL A 277 5.38 16.37 -15.93
N CYS A 278 5.03 17.35 -15.10
CA CYS A 278 6.04 18.10 -14.35
C CYS A 278 6.56 17.35 -13.15
N SER A 279 6.03 16.16 -12.85
CA SER A 279 6.55 15.32 -11.80
C SER A 279 7.57 14.36 -12.40
N ALA A 280 8.06 13.40 -11.60
CA ALA A 280 8.95 12.37 -12.12
C ALA A 280 8.33 11.59 -13.27
N VAL A 281 7.00 11.59 -13.38
CA VAL A 281 6.32 10.95 -14.51
C VAL A 281 6.94 11.42 -15.83
N GLY A 282 7.14 12.72 -15.96
CA GLY A 282 7.76 13.25 -17.15
C GLY A 282 9.22 13.62 -16.96
N VAL A 283 9.55 14.20 -15.80
CA VAL A 283 10.89 14.73 -15.58
C VAL A 283 11.94 13.63 -15.68
N LEU A 284 11.63 12.42 -15.18
CA LEU A 284 12.63 11.36 -15.18
C LEU A 284 12.97 10.89 -16.59
N PRO A 285 12.01 10.46 -17.43
CA PRO A 285 12.40 10.01 -18.78
C PRO A 285 12.98 11.13 -19.63
N LEU A 286 12.40 12.33 -19.54
CA LEU A 286 12.89 13.45 -20.35
C LEU A 286 14.33 13.81 -19.99
N SER A 287 14.66 13.77 -18.70
CA SER A 287 16.03 14.06 -18.28
C SER A 287 17.01 13.01 -18.80
N LEU A 288 16.55 11.78 -19.00
CA LEU A 288 17.42 10.77 -19.59
C LEU A 288 17.70 11.09 -21.05
N GLN A 289 16.69 11.57 -21.77
CA GLN A 289 16.87 11.91 -23.18
C GLN A 289 17.61 13.23 -23.35
N TYR A 290 17.18 14.27 -22.61
CA TYR A 290 17.62 15.63 -22.86
C TYR A 290 18.50 16.21 -21.77
N GLY A 291 18.76 15.47 -20.69
CA GLY A 291 19.50 16.03 -19.58
C GLY A 291 18.62 16.86 -18.67
N PHE A 292 18.94 16.90 -17.38
CA PHE A 292 18.12 17.64 -16.43
C PHE A 292 18.09 19.15 -16.68
N PRO A 293 19.19 19.82 -17.05
CA PRO A 293 19.09 21.27 -17.30
C PRO A 293 18.03 21.65 -18.31
N ILE A 294 17.88 20.88 -19.40
CA ILE A 294 16.85 21.17 -20.39
C ILE A 294 15.46 21.05 -19.76
N VAL A 295 15.28 20.05 -18.88
CA VAL A 295 13.97 19.86 -18.25
C VAL A 295 13.71 20.93 -17.19
N GLN A 296 14.75 21.40 -16.49
CA GLN A 296 14.55 22.44 -15.50
C GLN A 296 14.07 23.74 -16.15
N LYS A 297 14.58 24.04 -17.34
CA LYS A 297 14.07 25.20 -18.09
C LYS A 297 12.60 25.00 -18.45
N PHE A 298 12.22 23.77 -18.80
CA PHE A 298 10.82 23.46 -19.04
C PHE A 298 9.98 23.70 -17.78
N LEU A 299 10.48 23.21 -16.63
CA LEU A 299 9.79 23.47 -15.37
C LEU A 299 9.75 24.96 -15.05
N GLU A 300 10.84 25.67 -15.34
CA GLU A 300 10.86 27.11 -15.09
C GLU A 300 9.90 27.85 -16.00
N GLY A 301 9.60 27.29 -17.18
CA GLY A 301 8.59 27.89 -18.04
C GLY A 301 7.20 27.75 -17.45
N ALA A 302 6.87 26.55 -16.97
CA ALA A 302 5.58 26.35 -16.30
C ALA A 302 5.47 27.20 -15.05
N SER A 303 6.58 27.38 -14.32
CA SER A 303 6.55 28.16 -13.09
C SER A 303 6.26 29.63 -13.37
N SER A 304 6.75 30.15 -14.50
CA SER A 304 6.52 31.56 -14.82
C SER A 304 5.04 31.83 -15.06
N ILE A 305 4.34 30.88 -15.69
CA ILE A 305 2.91 31.05 -15.91
C ILE A 305 2.14 30.88 -14.60
N ASP A 306 2.60 29.99 -13.71
CA ASP A 306 1.93 29.82 -12.42
C ASP A 306 1.87 31.13 -11.65
N ASN A 307 2.99 31.84 -11.58
CA ASN A 307 3.00 33.13 -10.90
C ASN A 307 2.09 34.13 -11.62
N HIS A 308 2.20 34.19 -12.95
CA HIS A 308 1.35 35.10 -13.72
C HIS A 308 -0.12 34.78 -13.51
N PHE A 309 -0.49 33.50 -13.58
CA PHE A 309 -1.88 33.11 -13.40
C PHE A 309 -2.37 33.45 -11.99
N HIS A 310 -1.49 33.32 -11.00
CA HIS A 310 -1.89 33.49 -9.61
C HIS A 310 -2.02 34.95 -9.19
N THR A 311 -1.28 35.85 -9.83
CA THR A 311 -1.16 37.22 -9.36
C THR A 311 -1.72 38.27 -10.31
N SER A 312 -1.75 38.01 -11.61
CA SER A 312 -2.14 39.03 -12.57
C SER A 312 -3.64 39.32 -12.50
N SER A 313 -4.00 40.57 -12.76
CA SER A 313 -5.40 40.95 -12.85
C SER A 313 -6.05 40.28 -14.05
N PHE A 314 -7.37 40.11 -13.97
CA PHE A 314 -8.09 39.28 -14.94
C PHE A 314 -7.93 39.78 -16.37
N GLU A 315 -7.83 41.09 -16.57
CA GLU A 315 -7.74 41.63 -17.93
C GLU A 315 -6.36 41.44 -18.54
N LYS A 316 -5.34 41.14 -17.73
CA LYS A 316 -4.03 40.76 -18.21
C LYS A 316 -3.74 39.29 -17.98
N ASN A 317 -4.65 38.56 -17.35
CA ASN A 317 -4.44 37.18 -16.95
C ASN A 317 -4.78 36.27 -18.13
N ILE A 318 -3.77 35.70 -18.76
CA ILE A 318 -3.94 34.92 -19.98
C ILE A 318 -4.76 33.66 -19.71
N PRO A 319 -4.45 32.82 -18.70
CA PRO A 319 -5.30 31.65 -18.47
C PRO A 319 -6.71 31.98 -18.04
N VAL A 320 -6.89 33.04 -17.25
CA VAL A 320 -8.24 33.44 -16.84
C VAL A 320 -9.05 33.88 -18.06
N LEU A 321 -8.45 34.73 -18.89
CA LEU A 321 -9.11 35.15 -20.13
C LEU A 321 -9.49 33.95 -20.99
N LEU A 322 -8.56 33.01 -21.16
CA LEU A 322 -8.83 31.85 -22.00
C LEU A 322 -9.95 30.99 -21.45
N GLY A 323 -9.99 30.82 -20.12
CA GLY A 323 -11.04 30.02 -19.52
C GLY A 323 -12.40 30.67 -19.63
N LEU A 324 -12.48 31.98 -19.42
CA LEU A 324 -13.75 32.67 -19.54
C LEU A 324 -14.23 32.69 -20.99
N LEU A 325 -13.30 32.81 -21.95
CA LEU A 325 -13.69 32.82 -23.36
C LEU A 325 -14.24 31.47 -23.78
N SER A 326 -13.60 30.37 -23.36
CA SER A 326 -14.09 29.05 -23.72
C SER A 326 -15.45 28.77 -23.09
N VAL A 327 -15.64 29.20 -21.85
CA VAL A 327 -16.97 29.09 -21.22
C VAL A 327 -17.99 29.90 -22.00
N TRP A 328 -17.59 31.09 -22.46
CA TRP A 328 -18.47 31.90 -23.29
C TRP A 328 -18.85 31.17 -24.57
N ASN A 329 -17.85 30.62 -25.28
CA ASN A 329 -18.13 29.85 -26.49
C ASN A 329 -19.00 28.65 -26.20
N VAL A 330 -18.75 27.97 -25.09
CA VAL A 330 -19.41 26.69 -24.81
C VAL A 330 -20.82 26.90 -24.29
N SER A 331 -20.95 27.64 -23.19
CA SER A 331 -22.20 27.66 -22.44
C SER A 331 -23.15 28.78 -22.85
N PHE A 332 -22.71 29.72 -23.67
CA PHE A 332 -23.56 30.83 -24.08
C PHE A 332 -23.72 30.93 -25.59
N LEU A 333 -22.65 30.73 -26.36
CA LEU A 333 -22.79 30.63 -27.81
C LEU A 333 -23.19 29.23 -28.26
N GLY A 334 -23.09 28.23 -27.38
CA GLY A 334 -23.59 26.91 -27.68
C GLY A 334 -22.67 26.02 -28.49
N TYR A 335 -21.39 26.36 -28.58
CA TYR A 335 -20.46 25.57 -29.38
C TYR A 335 -19.96 24.38 -28.56
N PRO A 336 -20.25 23.15 -28.96
CA PRO A 336 -19.92 22.00 -28.12
C PRO A 336 -18.50 21.46 -28.27
N ALA A 337 -17.73 21.94 -29.24
CA ALA A 337 -16.41 21.41 -29.50
C ALA A 337 -15.40 22.55 -29.67
N ARG A 338 -14.13 22.19 -29.50
CA ARG A 338 -13.03 23.14 -29.60
C ARG A 338 -11.89 22.50 -30.38
N ALA A 339 -11.30 23.26 -31.29
CA ALA A 339 -10.20 22.79 -32.13
C ALA A 339 -8.88 23.35 -31.63
N ILE A 340 -7.92 22.47 -31.35
CA ILE A 340 -6.57 22.85 -30.98
C ILE A 340 -5.72 22.75 -32.23
N LEU A 341 -5.29 23.90 -32.75
CA LEU A 341 -4.64 23.98 -34.06
C LEU A 341 -3.29 24.70 -33.94
N PRO A 342 -2.25 24.00 -33.49
CA PRO A 342 -0.91 24.60 -33.47
C PRO A 342 -0.29 24.51 -34.86
N TYR A 343 0.21 25.65 -35.35
CA TYR A 343 0.90 25.65 -36.64
C TYR A 343 2.39 25.36 -36.42
N SER A 344 2.62 24.15 -35.94
CA SER A 344 3.97 23.68 -35.60
C SER A 344 3.94 22.16 -35.61
N GLN A 345 4.77 21.55 -36.47
CA GLN A 345 4.87 20.11 -36.48
C GLN A 345 5.43 19.58 -35.17
N ALA A 346 6.27 20.39 -34.50
CA ALA A 346 6.79 19.99 -33.19
C ALA A 346 5.71 19.85 -32.14
N LEU A 347 4.58 20.56 -32.30
CA LEU A 347 3.43 20.39 -31.43
C LEU A 347 2.44 19.36 -31.97
N GLU A 348 2.94 18.33 -32.66
CA GLU A 348 2.06 17.31 -33.23
C GLU A 348 1.26 16.60 -32.15
N LYS A 349 1.85 16.37 -30.99
CA LYS A 349 1.21 15.63 -29.90
C LYS A 349 0.67 16.55 -28.82
N LEU A 350 0.36 17.80 -29.16
CA LEU A 350 -0.23 18.73 -28.21
C LEU A 350 -1.73 18.47 -28.05
N ALA A 351 -2.44 18.36 -29.17
CA ALA A 351 -3.89 18.13 -29.11
C ALA A 351 -4.28 16.83 -28.40
N PRO A 352 -3.58 15.71 -28.58
CA PRO A 352 -3.96 14.51 -27.80
C PRO A 352 -3.84 14.69 -26.30
N HIS A 353 -2.90 15.50 -25.83
CA HIS A 353 -2.76 15.75 -24.39
C HIS A 353 -3.86 16.68 -23.89
N ILE A 354 -4.09 17.79 -24.61
CA ILE A 354 -5.17 18.70 -24.26
C ILE A 354 -6.49 17.96 -24.21
N GLN A 355 -6.67 16.99 -25.11
CA GLN A 355 -7.86 16.15 -25.13
C GLN A 355 -8.11 15.51 -23.77
N GLN A 356 -7.09 14.88 -23.19
CA GLN A 356 -7.26 14.28 -21.87
C GLN A 356 -7.36 15.36 -20.79
N LEU A 357 -6.48 16.37 -20.85
CA LEU A 357 -6.47 17.40 -19.83
C LEU A 357 -7.83 18.06 -19.70
N SER A 358 -8.50 18.34 -20.82
CA SER A 358 -9.76 19.08 -20.76
C SER A 358 -10.95 18.15 -20.53
N MET A 359 -11.04 17.07 -21.30
CA MET A 359 -12.24 16.26 -21.27
C MET A 359 -12.33 15.38 -20.04
N GLU A 360 -11.19 14.89 -19.52
CA GLU A 360 -11.23 14.13 -18.28
C GLU A 360 -11.42 15.03 -17.07
N SER A 361 -11.00 16.29 -17.17
CA SER A 361 -11.21 17.23 -16.06
C SER A 361 -12.65 17.71 -16.02
N ASN A 362 -13.19 18.15 -17.15
CA ASN A 362 -14.44 18.88 -17.18
C ASN A 362 -15.58 18.11 -17.82
N GLY A 363 -15.34 16.89 -18.30
CA GLY A 363 -16.44 16.05 -18.75
C GLY A 363 -17.24 15.52 -17.58
N LYS A 364 -17.97 16.42 -16.91
CA LYS A 364 -18.65 16.12 -15.66
C LYS A 364 -20.13 16.41 -15.80
N GLY A 365 -20.93 15.73 -14.98
CA GLY A 365 -22.37 15.86 -15.04
C GLY A 365 -22.99 16.50 -13.81
N VAL A 366 -22.26 16.54 -12.72
CA VAL A 366 -22.76 17.10 -11.47
C VAL A 366 -21.80 18.20 -11.00
N SER A 367 -22.35 19.13 -10.22
CA SER A 367 -21.52 20.15 -9.59
C SER A 367 -20.63 19.50 -8.53
N ILE A 368 -19.71 20.30 -7.98
CA ILE A 368 -18.78 19.77 -6.99
C ILE A 368 -19.51 19.34 -5.74
N ASP A 369 -20.69 19.92 -5.47
CA ASP A 369 -21.48 19.54 -4.31
C ASP A 369 -22.36 18.32 -4.54
N GLY A 370 -22.53 17.89 -5.79
CA GLY A 370 -23.37 16.75 -6.11
C GLY A 370 -24.66 17.10 -6.81
N VAL A 371 -24.88 18.37 -7.14
CA VAL A 371 -26.09 18.79 -7.86
C VAL A 371 -25.90 18.49 -9.34
N ARG A 372 -26.89 17.84 -9.94
CA ARG A 372 -26.84 17.59 -11.38
C ARG A 372 -27.01 18.90 -12.13
N LEU A 373 -26.17 19.12 -13.14
CA LEU A 373 -26.17 20.38 -13.86
C LEU A 373 -27.32 20.42 -14.86
N PRO A 374 -28.04 21.55 -14.96
CA PRO A 374 -29.08 21.68 -15.99
C PRO A 374 -28.53 22.01 -17.37
N TYR A 375 -27.24 22.29 -17.47
CA TYR A 375 -26.54 22.52 -18.72
C TYR A 375 -25.44 21.46 -18.84
N GLU A 376 -24.73 21.49 -19.97
CA GLU A 376 -23.59 20.62 -20.18
C GLU A 376 -22.29 21.41 -20.06
N ALA A 377 -21.25 20.75 -19.58
CA ALA A 377 -20.00 21.44 -19.26
C ALA A 377 -18.93 21.20 -20.31
N GLY A 378 -17.85 20.51 -19.92
CA GLY A 378 -16.66 20.33 -20.74
C GLY A 378 -16.89 20.08 -22.21
N GLU A 379 -16.24 20.87 -23.05
CA GLU A 379 -16.39 20.75 -24.49
C GLU A 379 -15.58 19.57 -25.01
N ILE A 380 -15.86 19.19 -26.25
CA ILE A 380 -15.12 18.14 -26.94
C ILE A 380 -13.91 18.77 -27.61
N ASP A 381 -12.72 18.27 -27.28
CA ASP A 381 -11.47 18.82 -27.76
C ASP A 381 -10.84 17.90 -28.79
N PHE A 382 -10.28 18.48 -29.84
CA PHE A 382 -9.60 17.72 -30.87
C PHE A 382 -8.68 18.65 -31.63
N GLY A 383 -7.82 18.06 -32.46
CA GLY A 383 -6.95 18.86 -33.29
C GLY A 383 -5.84 18.10 -33.98
N GLU A 384 -5.32 18.69 -35.05
CA GLU A 384 -4.11 18.31 -35.75
C GLU A 384 -3.29 19.56 -35.97
N PRO A 385 -1.97 19.45 -36.07
CA PRO A 385 -1.16 20.63 -36.34
C PRO A 385 -1.42 21.19 -37.73
N GLY A 386 -1.24 22.52 -37.87
CA GLY A 386 -1.19 23.11 -39.18
C GLY A 386 0.17 22.88 -39.82
N THR A 387 0.19 22.72 -41.14
CA THR A 387 -1.00 22.81 -41.99
C THR A 387 -1.73 21.48 -42.20
N ASN A 388 -1.39 20.46 -41.40
CA ASN A 388 -2.01 19.15 -41.58
C ASN A 388 -3.52 19.22 -41.41
N GLY A 389 -3.97 19.67 -40.24
CA GLY A 389 -5.41 19.80 -40.01
C GLY A 389 -6.09 20.73 -40.99
N GLN A 390 -5.35 21.70 -41.51
CA GLN A 390 -5.91 22.63 -42.51
C GLN A 390 -6.42 21.89 -43.73
N HIS A 391 -5.67 20.89 -44.20
CA HIS A 391 -6.05 20.11 -45.37
C HIS A 391 -6.84 18.86 -45.01
N SER A 392 -7.45 18.83 -43.83
CA SER A 392 -8.23 17.68 -43.39
C SER A 392 -9.67 18.06 -43.10
N PHE A 393 -9.94 18.87 -42.07
CA PHE A 393 -11.29 19.14 -41.63
C PHE A 393 -11.68 20.62 -41.65
N TYR A 394 -10.79 21.51 -42.13
CA TYR A 394 -11.15 22.93 -42.18
C TYR A 394 -12.34 23.21 -43.07
N GLN A 395 -12.67 22.29 -43.97
CA GLN A 395 -13.89 22.43 -44.77
C GLN A 395 -15.12 22.59 -43.90
N LEU A 396 -15.22 21.78 -42.84
CA LEU A 396 -16.37 21.85 -41.96
C LEU A 396 -16.32 23.11 -41.10
N ILE A 397 -15.13 23.47 -40.61
CA ILE A 397 -15.02 24.63 -39.73
C ILE A 397 -15.39 25.92 -40.47
N HIS A 398 -15.18 25.96 -41.78
CA HIS A 398 -15.52 27.16 -42.55
C HIS A 398 -16.99 27.16 -42.97
N GLN A 399 -17.52 26.02 -43.41
CA GLN A 399 -18.85 25.98 -44.00
C GLN A 399 -19.84 25.06 -43.29
N GLY A 400 -19.40 24.26 -42.32
CA GLY A 400 -20.30 23.42 -41.57
C GLY A 400 -20.53 23.91 -40.15
N ARG A 401 -20.51 22.99 -39.19
CA ARG A 401 -20.70 23.38 -37.79
C ARG A 401 -19.61 24.34 -37.34
N VAL A 402 -19.99 25.31 -36.52
CA VAL A 402 -19.05 26.30 -36.02
C VAL A 402 -18.22 25.67 -34.91
N ILE A 403 -16.89 25.79 -35.01
CA ILE A 403 -15.97 25.28 -34.00
C ILE A 403 -14.97 26.35 -33.62
N PRO A 404 -14.99 26.86 -32.39
CA PRO A 404 -13.98 27.83 -31.97
C PRO A 404 -12.59 27.21 -32.00
N CYS A 405 -11.66 27.92 -32.64
CA CYS A 405 -10.32 27.41 -32.88
C CYS A 405 -9.29 28.10 -31.99
N ASP A 406 -8.30 27.33 -31.56
CA ASP A 406 -7.10 27.87 -30.92
C ASP A 406 -5.96 27.76 -31.93
N PHE A 407 -5.49 28.91 -32.41
CA PHE A 407 -4.33 28.95 -33.31
C PHE A 407 -3.09 29.29 -32.51
N ILE A 408 -2.04 28.50 -32.69
CA ILE A 408 -0.76 28.72 -32.03
C ILE A 408 0.32 28.84 -33.09
N GLY A 409 1.03 29.97 -33.09
CA GLY A 409 2.11 30.19 -34.02
C GLY A 409 3.38 30.59 -33.29
N VAL A 410 4.50 30.33 -33.95
CA VAL A 410 5.83 30.58 -33.39
C VAL A 410 6.60 31.47 -34.36
N ILE A 411 7.18 32.55 -33.83
CA ILE A 411 7.89 33.51 -34.67
C ILE A 411 9.16 32.88 -35.23
N LYS A 412 10.01 32.36 -34.36
CA LYS A 412 11.25 31.74 -34.79
C LYS A 412 11.06 30.23 -34.97
N SER A 413 11.59 29.70 -36.06
CA SER A 413 11.45 28.29 -36.38
C SER A 413 12.54 27.48 -35.69
N GLN A 414 12.16 26.29 -35.19
CA GLN A 414 13.15 25.37 -34.65
C GLN A 414 14.10 24.89 -35.74
N GLN A 415 13.62 24.80 -36.98
CA GLN A 415 14.39 24.24 -38.09
C GLN A 415 14.20 25.11 -39.32
N PRO A 416 14.82 26.28 -39.36
CA PRO A 416 14.60 27.20 -40.49
C PRO A 416 15.16 26.64 -41.78
N VAL A 417 14.41 26.87 -42.87
CA VAL A 417 14.79 26.43 -44.21
C VAL A 417 14.46 27.54 -45.19
N TYR A 418 15.40 27.83 -46.08
CA TYR A 418 15.18 28.76 -47.19
C TYR A 418 15.96 28.27 -48.40
N LEU A 419 15.32 28.32 -49.56
CA LEU A 419 15.96 28.01 -50.83
C LEU A 419 16.13 29.29 -51.63
N LYS A 420 17.31 29.44 -52.25
CA LYS A 420 17.57 30.63 -53.03
C LYS A 420 16.59 30.74 -54.19
N GLY A 421 15.96 31.91 -54.32
CA GLY A 421 15.00 32.17 -55.36
C GLY A 421 13.55 31.98 -54.94
N GLU A 422 13.30 31.34 -53.81
CA GLU A 422 11.94 31.15 -53.34
C GLU A 422 11.33 32.48 -52.91
N THR A 423 10.02 32.60 -53.11
CA THR A 423 9.35 33.86 -52.76
C THR A 423 9.31 34.08 -51.25
N VAL A 424 9.19 33.00 -50.47
CA VAL A 424 9.19 33.07 -49.02
C VAL A 424 9.91 31.83 -48.47
N SER A 425 10.42 31.97 -47.25
CA SER A 425 11.01 30.83 -46.56
C SER A 425 9.93 29.80 -46.24
N ASN A 426 10.38 28.57 -45.95
CA ASN A 426 9.43 27.50 -45.66
C ASN A 426 8.60 27.82 -44.41
N HIS A 427 9.24 28.39 -43.38
CA HIS A 427 8.50 28.76 -42.19
C HIS A 427 7.54 29.92 -42.47
N ASP A 428 7.94 30.86 -43.33
CA ASP A 428 7.04 31.93 -43.71
C ASP A 428 5.87 31.41 -44.51
N GLU A 429 6.09 30.39 -45.35
CA GLU A 429 4.99 29.75 -46.05
C GLU A 429 4.01 29.13 -45.07
N LEU A 430 4.53 28.50 -44.01
CA LEU A 430 3.67 27.95 -42.97
C LEU A 430 2.88 29.05 -42.27
N MET A 431 3.56 30.13 -41.87
CA MET A 431 2.90 31.17 -41.09
C MET A 431 1.91 31.98 -41.91
N SER A 432 2.05 31.99 -43.24
CA SER A 432 1.06 32.66 -44.08
C SER A 432 -0.33 32.10 -43.83
N ASN A 433 -0.43 30.79 -43.60
CA ASN A 433 -1.71 30.18 -43.25
C ASN A 433 -2.11 30.54 -41.82
N PHE A 434 -1.13 30.62 -40.92
CA PHE A 434 -1.43 30.97 -39.53
C PHE A 434 -2.07 32.34 -39.41
N PHE A 435 -1.65 33.29 -40.26
CA PHE A 435 -2.25 34.62 -40.22
C PHE A 435 -3.51 34.71 -41.05
N ALA A 436 -3.64 33.89 -42.10
CA ALA A 436 -4.76 34.02 -43.02
C ALA A 436 -6.02 33.35 -42.49
N GLN A 437 -5.90 32.11 -42.03
CA GLN A 437 -7.08 31.34 -41.62
C GLN A 437 -7.93 32.04 -40.58
N PRO A 438 -7.40 32.66 -39.51
CA PRO A 438 -8.27 33.39 -38.58
C PRO A 438 -9.06 34.51 -39.24
N ASP A 439 -8.43 35.27 -40.15
CA ASP A 439 -9.17 36.30 -40.87
C ASP A 439 -10.24 35.68 -41.76
N ALA A 440 -9.92 34.57 -42.41
CA ALA A 440 -10.89 33.91 -43.27
C ALA A 440 -12.14 33.50 -42.51
N LEU A 441 -11.96 32.96 -41.30
CA LEU A 441 -13.10 32.56 -40.49
C LEU A 441 -13.90 33.77 -40.03
N ALA A 442 -13.22 34.89 -39.76
CA ALA A 442 -13.90 36.07 -39.23
C ALA A 442 -14.67 36.81 -40.33
N TYR A 443 -14.09 36.92 -41.53
CA TYR A 443 -14.70 37.72 -42.57
C TYR A 443 -15.68 36.95 -43.45
N GLY A 444 -15.33 35.73 -43.83
CA GLY A 444 -16.20 35.05 -44.76
C GLY A 444 -16.14 35.69 -46.14
N LYS A 445 -17.11 35.32 -46.97
CA LYS A 445 -17.20 35.87 -48.32
C LYS A 445 -18.68 35.85 -48.72
N THR A 446 -19.28 37.03 -48.78
CA THR A 446 -20.70 37.14 -49.03
C THR A 446 -21.05 36.77 -50.47
N PRO A 447 -22.29 36.35 -50.72
CA PRO A 447 -22.72 36.10 -52.11
C PRO A 447 -22.69 37.35 -52.97
N GLU A 448 -22.63 38.54 -52.37
CA GLU A 448 -22.48 39.76 -53.15
C GLU A 448 -21.06 39.87 -53.72
N GLN A 449 -20.06 39.48 -52.92
CA GLN A 449 -18.69 39.46 -53.42
C GLN A 449 -18.53 38.45 -54.56
N LEU A 450 -19.11 37.26 -54.39
CA LEU A 450 -18.99 36.22 -55.41
C LEU A 450 -19.64 36.66 -56.72
N HIS A 451 -20.85 37.23 -56.65
CA HIS A 451 -21.49 37.76 -57.85
C HIS A 451 -20.66 38.88 -58.45
N SER A 452 -20.01 39.68 -57.60
CA SER A 452 -19.11 40.73 -58.08
C SER A 452 -17.89 40.15 -58.79
N GLU A 453 -17.60 38.86 -58.61
CA GLU A 453 -16.45 38.21 -59.24
C GLU A 453 -16.87 37.30 -60.38
N LYS A 454 -18.09 37.45 -60.88
CA LYS A 454 -18.59 36.69 -62.04
C LYS A 454 -18.58 35.19 -61.76
N VAL A 455 -19.04 34.81 -60.57
CA VAL A 455 -19.22 33.40 -60.23
C VAL A 455 -20.62 32.99 -60.70
N PRO A 456 -20.77 31.88 -61.42
CA PRO A 456 -22.11 31.49 -61.89
C PRO A 456 -23.09 31.40 -60.73
N GLU A 457 -24.33 31.82 -61.00
CA GLU A 457 -25.33 31.91 -59.93
C GLU A 457 -25.58 30.56 -59.27
N ASN A 458 -25.42 29.46 -60.01
CA ASN A 458 -25.67 28.14 -59.43
C ASN A 458 -24.59 27.76 -58.42
N LEU A 459 -23.37 28.28 -58.60
CA LEU A 459 -22.26 27.97 -57.71
C LEU A 459 -22.13 28.94 -56.55
N ILE A 460 -22.93 30.01 -56.53
CA ILE A 460 -22.77 31.04 -55.51
C ILE A 460 -23.10 30.50 -54.13
N SER A 461 -24.16 29.70 -54.02
CA SER A 461 -24.52 29.14 -52.72
C SER A 461 -23.41 28.24 -52.18
N HIS A 462 -22.74 27.51 -53.06
CA HIS A 462 -21.74 26.53 -52.63
C HIS A 462 -20.40 27.17 -52.29
N LYS A 463 -20.12 28.37 -52.78
CA LYS A 463 -18.87 29.07 -52.50
C LYS A 463 -19.02 30.17 -51.46
N THR A 464 -20.17 30.25 -50.80
CA THR A 464 -20.40 31.31 -49.82
C THR A 464 -19.78 30.93 -48.48
N PHE A 465 -19.09 31.88 -47.86
CA PHE A 465 -18.57 31.74 -46.51
C PHE A 465 -19.31 32.72 -45.62
N GLN A 466 -20.05 32.20 -44.64
CA GLN A 466 -20.86 33.06 -43.79
C GLN A 466 -19.98 33.94 -42.91
N GLY A 467 -18.77 33.49 -42.57
CA GLY A 467 -17.91 34.26 -41.71
C GLY A 467 -18.45 34.33 -40.29
N ASN A 468 -17.90 35.29 -39.54
CA ASN A 468 -18.30 35.53 -38.15
C ASN A 468 -18.06 34.30 -37.28
N ARG A 469 -17.01 33.53 -37.59
CA ARG A 469 -16.71 32.34 -36.83
C ARG A 469 -15.47 32.58 -35.98
N PRO A 470 -15.51 32.24 -34.69
CA PRO A 470 -14.51 32.75 -33.75
C PRO A 470 -13.22 31.93 -33.70
N SER A 471 -12.15 32.64 -33.34
CA SER A 471 -10.85 32.02 -33.14
C SER A 471 -10.02 32.93 -32.25
N LEU A 472 -8.96 32.36 -31.68
CA LEU A 472 -7.95 33.12 -30.97
C LEU A 472 -6.58 32.68 -31.44
N SER A 473 -5.58 33.53 -31.23
CA SER A 473 -4.25 33.30 -31.77
C SER A 473 -3.21 33.50 -30.68
N PHE A 474 -2.43 32.46 -30.41
CA PHE A 474 -1.19 32.57 -29.65
C PHE A 474 -0.05 32.86 -30.61
N LEU A 475 0.81 33.80 -30.24
CA LEU A 475 2.05 34.07 -30.96
C LEU A 475 3.20 33.95 -29.97
N LEU A 476 4.01 32.91 -30.12
CA LEU A 476 5.14 32.66 -29.26
C LEU A 476 6.43 33.07 -29.96
N SER A 477 7.38 33.57 -29.18
CA SER A 477 8.64 34.04 -29.74
C SER A 477 9.50 32.87 -30.23
N SER A 478 9.48 31.75 -29.51
CA SER A 478 10.24 30.57 -29.89
C SER A 478 9.57 29.36 -29.25
N LEU A 479 10.10 28.17 -29.56
CA LEU A 479 9.59 26.92 -29.01
C LEU A 479 10.77 26.11 -28.45
N SER A 480 11.37 26.62 -27.38
CA SER A 480 12.35 25.88 -26.61
C SER A 480 11.69 25.33 -25.36
N ALA A 481 12.47 24.64 -24.53
CA ALA A 481 11.93 24.00 -23.34
C ALA A 481 11.16 24.98 -22.47
N TYR A 482 11.66 26.21 -22.34
CA TYR A 482 11.01 27.21 -21.50
C TYR A 482 9.62 27.54 -22.02
N GLU A 483 9.49 27.80 -23.32
CA GLU A 483 8.20 28.15 -23.89
C GLU A 483 7.26 26.96 -23.92
N ILE A 484 7.79 25.74 -23.98
CA ILE A 484 6.94 24.55 -23.92
C ILE A 484 6.34 24.41 -22.53
N GLY A 485 7.12 24.73 -21.49
CA GLY A 485 6.58 24.71 -20.14
C GLY A 485 5.52 25.79 -19.94
N GLN A 486 5.73 26.96 -20.54
CA GLN A 486 4.74 28.03 -20.46
C GLN A 486 3.43 27.60 -21.11
N LEU A 487 3.50 27.03 -22.31
CA LEU A 487 2.29 26.62 -23.01
C LEU A 487 1.56 25.53 -22.23
N LEU A 488 2.31 24.63 -21.59
CA LEU A 488 1.67 23.58 -20.80
C LEU A 488 0.91 24.17 -19.61
N SER A 489 1.54 25.07 -18.87
CA SER A 489 0.90 25.63 -17.68
C SER A 489 -0.31 26.48 -18.06
N ILE A 490 -0.26 27.14 -19.21
CA ILE A 490 -1.39 27.96 -19.66
C ILE A 490 -2.63 27.09 -19.83
N TYR A 491 -2.49 25.96 -20.52
CA TYR A 491 -3.64 25.10 -20.76
C TYR A 491 -4.12 24.39 -19.50
N GLU A 492 -3.20 24.08 -18.58
CA GLU A 492 -3.61 23.45 -17.33
C GLU A 492 -4.47 24.39 -16.49
N HIS A 493 -4.10 25.67 -16.43
CA HIS A 493 -4.87 26.63 -15.64
C HIS A 493 -6.14 27.07 -16.35
N ARG A 494 -6.13 27.14 -17.68
CA ARG A 494 -7.34 27.43 -18.43
C ARG A 494 -8.41 26.39 -18.15
N ILE A 495 -8.02 25.11 -18.15
CA ILE A 495 -8.98 24.03 -17.88
C ILE A 495 -9.51 24.13 -16.46
N ALA A 496 -8.67 24.55 -15.52
CA ALA A 496 -9.14 24.75 -14.15
C ALA A 496 -10.14 25.89 -14.08
N VAL A 497 -9.88 26.97 -14.82
CA VAL A 497 -10.77 28.15 -14.79
C VAL A 497 -12.16 27.77 -15.26
N GLN A 498 -12.26 27.03 -16.37
CA GLN A 498 -13.55 26.63 -16.89
C GLN A 498 -14.31 25.77 -15.88
N GLY A 499 -13.61 24.83 -15.23
CA GLY A 499 -14.25 24.03 -14.21
C GLY A 499 -14.67 24.83 -12.99
N PHE A 500 -13.93 25.89 -12.67
CA PHE A 500 -14.30 26.75 -11.56
C PHE A 500 -15.58 27.53 -11.86
N ILE A 501 -15.69 28.06 -13.09
CA ILE A 501 -16.88 28.82 -13.45
C ILE A 501 -18.10 27.91 -13.47
N TRP A 502 -17.98 26.73 -14.08
CA TRP A 502 -19.07 25.77 -14.09
C TRP A 502 -19.38 25.21 -12.71
N GLY A 503 -18.48 25.39 -11.75
CA GLY A 503 -18.70 24.88 -10.41
C GLY A 503 -18.59 23.38 -10.30
N ILE A 504 -17.69 22.77 -11.07
CA ILE A 504 -17.50 21.33 -11.04
C ILE A 504 -16.13 21.03 -10.45
N ASN A 505 -15.85 19.75 -10.25
CA ASN A 505 -14.56 19.27 -9.77
C ASN A 505 -13.75 18.84 -10.99
N SER A 506 -12.80 19.68 -11.41
CA SER A 506 -11.96 19.36 -12.55
C SER A 506 -10.89 18.33 -12.24
N PHE A 507 -10.89 17.73 -11.05
CA PHE A 507 -9.73 17.00 -10.59
C PHE A 507 -9.99 15.55 -10.17
N ASP A 508 -11.24 15.11 -10.13
CA ASP A 508 -11.54 13.69 -9.96
C ASP A 508 -11.91 13.06 -11.29
N GLN A 509 -12.09 11.73 -11.28
CA GLN A 509 -12.37 11.01 -12.51
C GLN A 509 -13.13 9.71 -12.22
N TRP A 510 -14.29 9.83 -11.57
CA TRP A 510 -15.08 8.65 -11.25
C TRP A 510 -15.67 8.00 -12.50
N GLY A 511 -15.83 8.76 -13.58
CA GLY A 511 -16.43 8.27 -14.82
C GLY A 511 -15.65 7.17 -15.52
N VAL A 512 -14.48 6.78 -15.01
CA VAL A 512 -13.70 5.71 -15.61
C VAL A 512 -13.83 4.40 -14.85
N GLU A 513 -14.67 4.36 -13.82
CA GLU A 513 -14.69 3.20 -12.93
C GLU A 513 -15.59 2.09 -13.45
N LEU A 514 -16.74 2.44 -14.03
CA LEU A 514 -17.67 1.42 -14.50
C LEU A 514 -17.05 0.58 -15.61
N GLY A 515 -16.24 1.20 -16.47
CA GLY A 515 -15.60 0.45 -17.53
C GLY A 515 -14.54 -0.51 -17.01
N LYS A 516 -13.79 -0.11 -15.99
CA LYS A 516 -12.75 -0.97 -15.44
C LYS A 516 -13.35 -2.12 -14.65
N SER A 517 -14.51 -1.92 -14.03
CA SER A 517 -15.17 -3.01 -13.31
C SER A 517 -15.64 -4.08 -14.29
N LEU A 518 -16.43 -3.70 -15.28
CA LEU A 518 -16.93 -4.67 -16.25
C LEU A 518 -15.81 -5.26 -17.10
N ALA A 519 -14.69 -4.55 -17.25
CA ALA A 519 -13.54 -5.14 -17.92
C ALA A 519 -12.93 -6.24 -17.08
N SER A 520 -12.89 -6.06 -15.76
CA SER A 520 -12.41 -7.10 -14.87
C SER A 520 -13.30 -8.34 -14.95
N THR A 521 -14.61 -8.13 -15.11
CA THR A 521 -15.53 -9.25 -15.26
C THR A 521 -15.28 -10.01 -16.55
N VAL A 522 -15.06 -9.28 -17.64
CA VAL A 522 -14.75 -9.93 -18.92
C VAL A 522 -13.39 -10.64 -18.84
N ARG A 523 -12.44 -10.06 -18.10
CA ARG A 523 -11.15 -10.73 -17.91
C ARG A 523 -11.33 -12.08 -17.21
N LYS A 524 -12.26 -12.15 -16.26
CA LYS A 524 -12.54 -13.42 -15.59
C LYS A 524 -13.14 -14.43 -16.57
N GLN A 525 -14.12 -13.98 -17.36
CA GLN A 525 -14.77 -14.89 -18.31
C GLN A 525 -13.79 -15.38 -19.36
N LEU A 526 -12.86 -14.51 -19.79
CA LEU A 526 -11.87 -14.93 -20.78
C LEU A 526 -10.97 -16.02 -20.23
N HIS A 527 -10.43 -15.82 -19.02
CA HIS A 527 -9.59 -16.84 -18.41
C HIS A 527 -10.38 -18.13 -18.17
N ALA A 528 -11.63 -18.01 -17.72
CA ALA A 528 -12.44 -19.19 -17.43
C ALA A 528 -12.72 -20.00 -18.69
N SER A 529 -12.79 -19.34 -19.85
CA SER A 529 -13.04 -20.05 -21.11
C SER A 529 -11.75 -20.47 -21.80
N ARG A 530 -10.69 -19.67 -21.71
CA ARG A 530 -9.43 -20.03 -22.35
C ARG A 530 -8.75 -21.18 -21.60
N MET A 531 -8.67 -21.08 -20.27
CA MET A 531 -7.90 -22.03 -19.48
C MET A 531 -8.73 -23.12 -18.84
N GLU A 532 -10.03 -22.91 -18.65
CA GLU A 532 -10.88 -23.90 -17.99
C GLU A 532 -12.04 -24.40 -18.86
N GLY A 533 -12.22 -23.86 -20.06
CA GLY A 533 -13.26 -24.33 -20.94
C GLY A 533 -14.68 -24.01 -20.50
N LYS A 534 -14.85 -23.06 -19.59
CA LYS A 534 -16.17 -22.71 -19.09
C LYS A 534 -16.98 -22.01 -20.18
N PRO A 535 -18.30 -22.22 -20.21
CA PRO A 535 -19.15 -21.50 -21.16
C PRO A 535 -19.23 -20.02 -20.81
N VAL A 536 -19.84 -19.27 -21.73
CA VAL A 536 -20.08 -17.85 -21.52
C VAL A 536 -21.36 -17.68 -20.70
N GLU A 537 -21.25 -16.99 -19.56
CA GLU A 537 -22.37 -16.86 -18.66
C GLU A 537 -22.31 -15.50 -17.97
N GLY A 538 -23.47 -14.86 -17.83
CA GLY A 538 -23.56 -13.60 -17.11
C GLY A 538 -23.52 -12.36 -17.98
N PHE A 539 -23.92 -12.46 -19.24
CA PHE A 539 -23.88 -11.33 -20.16
C PHE A 539 -25.17 -11.29 -20.97
N ASN A 540 -25.46 -10.11 -21.52
CA ASN A 540 -26.63 -9.96 -22.36
C ASN A 540 -26.45 -10.73 -23.67
N PRO A 541 -27.52 -10.97 -24.42
CA PRO A 541 -27.39 -11.76 -25.65
C PRO A 541 -26.39 -11.21 -26.65
N SER A 542 -26.25 -9.89 -26.75
CA SER A 542 -25.28 -9.31 -27.68
C SER A 542 -23.86 -9.62 -27.26
N SER A 543 -23.52 -9.31 -26.00
CA SER A 543 -22.16 -9.56 -25.51
C SER A 543 -21.84 -11.04 -25.49
N ALA A 544 -22.84 -11.89 -25.23
CA ALA A 544 -22.62 -13.33 -25.27
C ALA A 544 -22.17 -13.77 -26.66
N SER A 545 -22.86 -13.31 -27.70
CA SER A 545 -22.51 -13.68 -29.06
C SER A 545 -21.11 -13.17 -29.43
N LEU A 546 -20.85 -11.88 -29.18
CA LEU A 546 -19.53 -11.32 -29.44
C LEU A 546 -18.43 -12.12 -28.74
N LEU A 547 -18.66 -12.45 -27.46
CA LEU A 547 -17.69 -13.25 -26.72
C LEU A 547 -17.54 -14.64 -27.31
N THR A 548 -18.66 -15.25 -27.74
CA THR A 548 -18.59 -16.58 -28.31
C THR A 548 -17.79 -16.58 -29.62
N ARG A 549 -18.02 -15.57 -30.46
CA ARG A 549 -17.26 -15.46 -31.71
C ARG A 549 -15.78 -15.28 -31.43
N PHE A 550 -15.44 -14.49 -30.41
CA PHE A 550 -14.05 -14.20 -30.12
C PHE A 550 -13.31 -15.43 -29.61
N LEU A 551 -13.91 -16.15 -28.66
CA LEU A 551 -13.29 -17.34 -28.08
C LEU A 551 -13.32 -18.54 -29.02
N ALA A 552 -14.08 -18.47 -30.11
CA ALA A 552 -14.16 -19.60 -31.04
C ALA A 552 -12.82 -19.88 -31.71
N VAL A 553 -11.97 -18.85 -31.76
CA VAL A 553 -10.62 -19.00 -32.36
C VAL A 553 -9.69 -19.27 -31.18
N LYS A 554 -9.00 -20.40 -31.20
CA LYS A 554 -8.19 -20.81 -30.04
C LYS A 554 -6.76 -20.32 -30.21
N PRO A 555 -6.02 -20.10 -29.10
CA PRO A 555 -4.62 -19.72 -29.16
C PRO A 555 -3.87 -20.67 -30.10
N SER A 556 -2.93 -20.15 -30.87
CA SER A 556 -2.31 -21.01 -31.88
C SER A 556 -1.01 -21.63 -31.38
N THR A 557 -0.71 -21.50 -30.10
CA THR A 557 0.54 -21.96 -29.50
C THR A 557 0.23 -22.87 -28.32
N PRO A 558 1.20 -23.70 -27.92
CA PRO A 558 0.95 -24.66 -26.83
C PRO A 558 0.47 -23.98 -25.55
N TYR A 559 -0.13 -24.79 -24.68
CA TYR A 559 -0.77 -24.28 -23.49
C TYR A 559 0.24 -23.63 -22.54
N ASP A 560 -0.13 -22.47 -22.01
CA ASP A 560 0.65 -21.77 -20.99
C ASP A 560 2.11 -21.59 -21.40
N THR A 561 2.35 -21.39 -22.70
CA THR A 561 3.69 -21.24 -23.24
C THR A 561 3.94 -19.79 -23.62
N THR A 562 5.16 -19.32 -23.34
CA THR A 562 5.52 -17.93 -23.59
C THR A 562 5.77 -17.71 -25.08
N VAL A 563 5.14 -16.68 -25.64
CA VAL A 563 5.37 -16.25 -27.01
C VAL A 563 5.61 -14.75 -27.03
N LEU A 564 6.61 -14.32 -27.79
CA LEU A 564 7.00 -12.94 -27.94
C LEU A 564 6.87 -12.52 -29.41
N PRO A 565 6.74 -11.21 -29.70
CA PRO A 565 6.39 -10.78 -31.05
C PRO A 565 7.50 -10.98 -32.08
N LYS A 566 7.20 -10.58 -33.33
CA LYS A 566 8.18 -10.54 -34.41
C LYS A 566 8.82 -11.89 -34.71
N LEU B 6 -12.13 15.37 27.88
CA LEU B 6 -12.37 14.04 28.41
C LEU B 6 -13.07 13.18 27.35
N ILE B 7 -12.35 12.15 26.87
CA ILE B 7 -12.84 11.37 25.73
C ILE B 7 -14.16 10.69 26.06
N SER B 8 -14.40 10.35 27.32
CA SER B 8 -15.60 9.63 27.71
C SER B 8 -16.87 10.48 27.62
N ASP B 9 -16.75 11.78 27.29
CA ASP B 9 -17.88 12.67 27.19
C ASP B 9 -18.40 12.82 25.75
N THR B 10 -17.71 12.24 24.77
CA THR B 10 -18.04 12.48 23.37
C THR B 10 -19.11 11.50 22.88
N ASP B 11 -19.80 11.92 21.81
CA ASP B 11 -20.82 11.06 21.22
C ASP B 11 -20.21 9.79 20.64
N GLN B 12 -19.00 9.88 20.08
CA GLN B 12 -18.34 8.70 19.55
C GLN B 12 -18.06 7.70 20.67
N TRP B 13 -17.69 8.17 21.85
CA TRP B 13 -17.52 7.29 22.99
C TRP B 13 -18.85 6.68 23.43
N LYS B 14 -19.90 7.51 23.48
CA LYS B 14 -21.20 7.02 23.92
C LYS B 14 -21.82 6.07 22.90
N ALA B 15 -21.58 6.32 21.60
CA ALA B 15 -22.13 5.44 20.58
C ALA B 15 -21.51 4.05 20.62
N LEU B 16 -20.26 3.94 21.06
CA LEU B 16 -19.62 2.64 21.18
C LEU B 16 -20.07 1.88 22.41
N GLN B 17 -20.34 2.57 23.52
CA GLN B 17 -20.94 1.91 24.67
C GLN B 17 -22.33 1.39 24.36
N ALA B 18 -23.08 2.10 23.51
CA ALA B 18 -24.35 1.57 23.04
C ALA B 18 -24.15 0.35 22.16
N HIS B 19 -23.08 0.34 21.36
CA HIS B 19 -22.79 -0.79 20.48
C HIS B 19 -22.44 -2.05 21.27
N VAL B 20 -22.04 -1.91 22.54
CA VAL B 20 -21.71 -3.08 23.35
C VAL B 20 -22.95 -3.95 23.54
N GLY B 21 -24.14 -3.36 23.64
CA GLY B 21 -25.35 -4.15 23.77
C GLY B 21 -25.60 -5.05 22.59
N ALA B 22 -25.34 -4.54 21.37
CA ALA B 22 -25.55 -5.35 20.18
C ALA B 22 -24.52 -6.47 20.07
N ILE B 23 -23.28 -6.20 20.47
CA ILE B 23 -22.25 -7.22 20.42
C ILE B 23 -22.50 -8.30 21.47
N HIS B 24 -23.08 -7.93 22.61
CA HIS B 24 -23.39 -8.91 23.64
C HIS B 24 -24.41 -9.95 23.16
N LYS B 25 -25.26 -9.57 22.21
CA LYS B 25 -26.28 -10.47 21.69
C LYS B 25 -25.77 -11.38 20.59
N THR B 26 -24.46 -11.45 20.38
CA THR B 26 -23.86 -12.33 19.39
C THR B 26 -22.92 -13.32 20.08
N HIS B 27 -22.50 -14.32 19.31
CA HIS B 27 -21.54 -15.30 19.79
C HIS B 27 -20.54 -15.59 18.67
N LEU B 28 -19.27 -15.78 19.04
CA LEU B 28 -18.24 -15.97 18.04
C LEU B 28 -18.44 -17.25 17.25
N ARG B 29 -19.12 -18.26 17.83
CA ARG B 29 -19.37 -19.49 17.09
C ARG B 29 -20.21 -19.22 15.84
N ASP B 30 -21.06 -18.19 15.88
CA ASP B 30 -21.82 -17.76 14.72
C ASP B 30 -21.03 -16.78 13.85
N LEU B 31 -20.30 -15.86 14.48
CA LEU B 31 -19.59 -14.84 13.71
C LEU B 31 -18.44 -15.44 12.92
N MET B 32 -17.75 -16.43 13.48
CA MET B 32 -16.59 -17.03 12.80
C MET B 32 -16.97 -17.80 11.55
N THR B 33 -18.26 -18.03 11.31
CA THR B 33 -18.71 -18.67 10.08
C THR B 33 -18.87 -17.70 8.93
N ASP B 34 -18.86 -16.39 9.20
CA ASP B 34 -19.04 -15.38 8.16
C ASP B 34 -17.73 -15.17 7.41
N ALA B 35 -17.64 -15.69 6.19
CA ALA B 35 -16.43 -15.52 5.39
C ALA B 35 -16.15 -14.05 5.08
N ASP B 36 -17.21 -13.27 4.88
CA ASP B 36 -17.01 -11.84 4.59
C ASP B 36 -16.42 -11.12 5.79
N ARG B 37 -17.00 -11.33 6.98
CA ARG B 37 -16.49 -10.66 8.17
C ARG B 37 -15.06 -11.08 8.48
N CYS B 38 -14.76 -12.37 8.36
CA CYS B 38 -13.41 -12.85 8.64
C CYS B 38 -12.38 -12.22 7.71
N LYS B 39 -12.76 -12.02 6.44
CA LYS B 39 -11.83 -11.41 5.49
C LYS B 39 -11.63 -9.94 5.78
N ALA B 40 -12.70 -9.22 6.14
CA ALA B 40 -12.58 -7.79 6.42
C ALA B 40 -11.79 -7.53 7.69
N MET B 41 -11.90 -8.40 8.68
CA MET B 41 -11.20 -8.21 9.95
C MET B 41 -9.78 -8.77 9.91
N THR B 42 -9.03 -8.37 8.89
CA THR B 42 -7.63 -8.74 8.74
C THR B 42 -6.84 -7.52 8.27
N ALA B 43 -5.52 -7.62 8.37
CA ALA B 43 -4.60 -6.60 7.88
C ALA B 43 -3.24 -7.24 7.70
N GLU B 44 -2.43 -6.66 6.82
CA GLU B 44 -1.16 -7.27 6.47
C GLU B 44 -0.18 -6.22 5.96
N PHE B 45 1.06 -6.28 6.46
CA PHE B 45 2.15 -5.45 5.97
C PHE B 45 3.39 -6.31 5.87
N GLU B 46 3.94 -6.44 4.66
CA GLU B 46 5.11 -7.27 4.40
C GLU B 46 4.93 -8.67 4.99
N GLY B 47 5.83 -9.06 5.89
CA GLY B 47 5.80 -10.38 6.48
C GLY B 47 4.94 -10.52 7.72
N VAL B 48 4.11 -9.53 8.04
CA VAL B 48 3.25 -9.56 9.22
C VAL B 48 1.81 -9.66 8.75
N PHE B 49 1.13 -10.74 9.14
CA PHE B 49 -0.28 -10.93 8.85
C PHE B 49 -1.06 -10.89 10.16
N LEU B 50 -2.04 -10.00 10.25
CA LEU B 50 -2.85 -9.81 11.44
C LEU B 50 -4.26 -10.28 11.16
N ASP B 51 -4.72 -11.26 11.95
CA ASP B 51 -6.10 -11.76 11.88
C ASP B 51 -6.76 -11.42 13.21
N TYR B 52 -7.72 -10.51 13.19
CA TYR B 52 -8.45 -10.12 14.38
C TYR B 52 -9.93 -10.45 14.26
N SER B 53 -10.26 -11.50 13.50
CA SER B 53 -11.64 -11.92 13.31
C SER B 53 -12.26 -12.56 14.55
N ARG B 54 -11.46 -12.89 15.55
CA ARG B 54 -11.95 -13.48 16.78
C ARG B 54 -12.18 -12.44 17.88
N GLN B 55 -12.22 -11.16 17.52
CA GLN B 55 -12.64 -10.14 18.45
C GLN B 55 -14.15 -10.16 18.60
N GLN B 56 -14.63 -9.72 19.77
CA GLN B 56 -16.06 -9.51 19.97
C GLN B 56 -16.46 -8.21 19.27
N ALA B 57 -16.50 -8.28 17.95
CA ALA B 57 -16.68 -7.10 17.12
C ALA B 57 -17.09 -7.51 15.71
N THR B 58 -17.72 -6.58 15.01
CA THR B 58 -18.05 -6.72 13.60
C THR B 58 -17.41 -5.57 12.83
N THR B 59 -17.70 -5.51 11.53
CA THR B 59 -17.22 -4.39 10.74
C THR B 59 -17.82 -3.08 11.21
N GLU B 60 -19.03 -3.13 11.77
CA GLU B 60 -19.64 -1.93 12.34
C GLU B 60 -18.87 -1.45 13.56
N THR B 61 -18.38 -2.39 14.38
CA THR B 61 -17.57 -2.01 15.54
C THR B 61 -16.31 -1.28 15.12
N VAL B 62 -15.63 -1.78 14.08
CA VAL B 62 -14.42 -1.14 13.60
C VAL B 62 -14.73 0.25 13.06
N ASP B 63 -15.86 0.40 12.36
CA ASP B 63 -16.25 1.71 11.84
C ASP B 63 -16.46 2.71 12.96
N LYS B 64 -17.09 2.27 14.06
CA LYS B 64 -17.36 3.19 15.17
C LYS B 64 -16.09 3.56 15.92
N LEU B 65 -15.18 2.60 16.10
CA LEU B 65 -13.89 2.92 16.71
C LEU B 65 -13.08 3.86 15.84
N PHE B 66 -13.24 3.77 14.51
CA PHE B 66 -12.62 4.76 13.62
C PHE B 66 -13.21 6.14 13.84
N LYS B 67 -14.53 6.23 14.01
CA LYS B 67 -15.15 7.51 14.32
C LYS B 67 -14.66 8.05 15.66
N LEU B 68 -14.39 7.17 16.63
CA LEU B 68 -13.87 7.62 17.91
C LEU B 68 -12.43 8.11 17.77
N ALA B 69 -11.62 7.41 16.97
CA ALA B 69 -10.25 7.86 16.75
C ALA B 69 -10.20 9.22 16.09
N GLU B 70 -11.23 9.57 15.32
CA GLU B 70 -11.31 10.90 14.73
C GLU B 70 -11.55 11.96 15.80
N ALA B 71 -12.54 11.74 16.66
CA ALA B 71 -12.82 12.69 17.73
C ALA B 71 -11.64 12.84 18.66
N ALA B 72 -10.88 11.77 18.87
CA ALA B 72 -9.66 11.82 19.69
C ALA B 72 -8.48 12.41 18.95
N LYS B 73 -8.62 12.72 17.65
CA LYS B 73 -7.55 13.32 16.84
C LYS B 73 -6.32 12.42 16.82
N LEU B 74 -6.55 11.14 16.48
CA LEU B 74 -5.46 10.16 16.52
C LEU B 74 -4.39 10.48 15.48
N LYS B 75 -4.81 10.81 14.26
CA LYS B 75 -3.84 11.15 13.23
C LYS B 75 -3.04 12.39 13.61
N GLU B 76 -3.68 13.36 14.26
CA GLU B 76 -2.98 14.56 14.68
C GLU B 76 -1.90 14.24 15.71
N LYS B 77 -2.22 13.39 16.69
CA LYS B 77 -1.26 13.10 17.75
C LYS B 77 -0.12 12.23 17.24
N ILE B 78 -0.40 11.32 16.32
CA ILE B 78 0.65 10.51 15.70
C ILE B 78 1.61 11.39 14.93
N ASP B 79 1.07 12.31 14.11
CA ASP B 79 1.91 13.16 13.29
C ASP B 79 2.76 14.11 14.12
N LYS B 80 2.25 14.59 15.26
CA LYS B 80 3.03 15.47 16.11
C LYS B 80 4.20 14.71 16.74
N MET B 81 4.00 13.44 17.09
CA MET B 81 5.10 12.64 17.60
C MET B 81 6.21 12.50 16.56
N PHE B 82 5.84 12.12 15.33
CA PHE B 82 6.83 11.99 14.26
C PHE B 82 7.45 13.32 13.89
N LYS B 83 6.69 14.42 13.96
CA LYS B 83 7.23 15.74 13.65
C LYS B 83 8.16 16.27 14.74
N GLY B 84 8.25 15.59 15.88
CA GLY B 84 9.15 16.02 16.93
C GLY B 84 8.59 17.06 17.87
N GLU B 85 7.28 17.25 17.89
CA GLU B 85 6.68 18.22 18.79
C GLU B 85 6.73 17.70 20.22
N LYS B 86 6.65 18.63 21.17
CA LYS B 86 6.80 18.30 22.59
C LYS B 86 5.46 17.85 23.17
N ILE B 87 5.03 16.66 22.70
CA ILE B 87 3.74 16.13 23.15
C ILE B 87 3.83 15.52 24.54
N ASN B 88 5.04 15.22 25.03
CA ASN B 88 5.23 14.86 26.44
C ASN B 88 5.21 16.15 27.23
N THR B 89 4.00 16.64 27.51
CA THR B 89 3.84 17.99 28.03
C THR B 89 4.13 18.09 29.52
N THR B 90 3.98 16.99 30.27
CA THR B 90 4.26 17.05 31.70
C THR B 90 5.75 17.22 31.98
N GLU B 91 6.59 16.63 31.13
CA GLU B 91 8.03 16.82 31.20
C GLU B 91 8.54 17.79 30.15
N ASN B 92 7.67 18.27 29.27
CA ASN B 92 8.01 19.19 28.18
C ASN B 92 9.16 18.65 27.35
N ARG B 93 8.95 17.45 26.80
CA ARG B 93 9.96 16.76 26.01
C ARG B 93 9.36 16.29 24.70
N SER B 94 10.24 16.07 23.72
CA SER B 94 9.84 15.37 22.52
C SER B 94 9.75 13.87 22.81
N VAL B 95 9.12 13.15 21.89
CA VAL B 95 8.94 11.70 21.99
C VAL B 95 9.39 11.11 20.65
N LEU B 96 10.67 10.78 20.54
CA LEU B 96 11.29 10.54 19.24
C LEU B 96 12.14 9.29 19.25
N HIS B 97 11.62 8.20 19.82
CA HIS B 97 12.27 6.91 19.62
C HIS B 97 12.23 6.49 18.16
N VAL B 98 11.31 7.05 17.37
CA VAL B 98 11.23 6.71 15.95
C VAL B 98 12.46 7.20 15.19
N ALA B 99 13.13 8.23 15.70
CA ALA B 99 14.33 8.74 15.04
C ALA B 99 15.52 7.83 15.23
N LEU B 100 15.49 6.97 16.26
CA LEU B 100 16.63 6.09 16.53
C LEU B 100 16.88 5.12 15.38
N ARG B 101 15.85 4.80 14.60
CA ARG B 101 15.99 3.90 13.46
C ARG B 101 15.67 4.59 12.14
N ALA B 102 15.75 5.91 12.10
CA ALA B 102 15.50 6.64 10.86
C ALA B 102 16.68 6.45 9.91
N PRO B 103 16.45 6.56 8.60
CA PRO B 103 17.56 6.52 7.65
C PRO B 103 18.45 7.74 7.77
N ARG B 104 19.64 7.64 7.17
CA ARG B 104 20.64 8.70 7.30
C ARG B 104 20.12 10.04 6.80
N ASP B 105 19.40 10.04 5.67
CA ASP B 105 18.97 11.29 5.05
C ASP B 105 17.71 11.88 5.67
N ALA B 106 17.14 11.24 6.68
CA ALA B 106 15.90 11.72 7.27
C ALA B 106 16.12 13.05 7.98
N VAL B 107 15.05 13.83 8.07
CA VAL B 107 15.06 15.12 8.76
C VAL B 107 13.97 15.09 9.81
N ILE B 108 14.38 15.10 11.08
CA ILE B 108 13.47 15.05 12.21
C ILE B 108 13.97 16.05 13.26
N ASN B 109 13.17 17.08 13.54
CA ASN B 109 13.61 18.21 14.33
C ASN B 109 13.06 18.16 15.75
N SER B 110 13.89 18.59 16.70
CA SER B 110 13.49 18.74 18.10
C SER B 110 14.10 20.02 18.62
N ASP B 111 13.24 20.98 19.01
CA ASP B 111 13.69 22.32 19.37
C ASP B 111 14.49 22.95 18.24
N GLY B 112 14.04 22.73 17.00
CA GLY B 112 14.68 23.31 15.84
C GLY B 112 16.03 22.74 15.50
N VAL B 113 16.28 21.47 15.86
CA VAL B 113 17.54 20.80 15.59
C VAL B 113 17.26 19.41 15.04
N ASN B 114 17.85 19.09 13.89
CA ASN B 114 17.69 17.78 13.28
C ASN B 114 18.44 16.73 14.10
N VAL B 115 17.68 15.83 14.73
CA VAL B 115 18.30 14.85 15.63
C VAL B 115 18.95 13.70 14.88
N VAL B 116 18.55 13.45 13.62
CA VAL B 116 19.01 12.25 12.92
C VAL B 116 20.51 12.20 12.75
N PRO B 117 21.22 13.29 12.41
CA PRO B 117 22.68 13.20 12.36
C PRO B 117 23.32 12.80 13.67
N GLU B 118 22.72 13.20 14.80
CA GLU B 118 23.31 12.88 16.10
C GLU B 118 23.06 11.43 16.49
N VAL B 119 21.93 10.85 16.10
CA VAL B 119 21.70 9.45 16.41
C VAL B 119 22.54 8.56 15.50
N TRP B 120 22.79 8.97 14.26
CA TRP B 120 23.64 8.22 13.37
C TRP B 120 25.12 8.40 13.69
N ALA B 121 25.49 9.50 14.35
CA ALA B 121 26.85 9.63 14.85
C ALA B 121 27.14 8.59 15.92
N VAL B 122 26.18 8.36 16.82
CA VAL B 122 26.34 7.32 17.82
C VAL B 122 26.35 5.94 17.17
N LYS B 123 25.44 5.70 16.22
CA LYS B 123 25.38 4.41 15.53
C LYS B 123 26.68 4.13 14.78
N ASP B 124 27.24 5.15 14.12
CA ASP B 124 28.54 4.99 13.46
C ASP B 124 29.65 4.75 14.48
N LYS B 125 29.53 5.33 15.67
CA LYS B 125 30.55 5.14 16.69
C LYS B 125 30.44 3.74 17.32
N ILE B 126 29.23 3.25 17.53
CA ILE B 126 29.05 1.88 18.00
C ILE B 126 29.57 0.91 16.95
N LYS B 127 29.24 1.16 15.68
CA LYS B 127 29.68 0.29 14.60
C LYS B 127 31.19 0.10 14.62
N GLN B 128 31.94 1.20 14.75
CA GLN B 128 33.39 1.10 14.77
C GLN B 128 33.89 0.37 16.02
N PHE B 129 33.32 0.67 17.18
CA PHE B 129 33.77 0.03 18.41
C PHE B 129 33.50 -1.46 18.40
N SER B 130 32.31 -1.86 17.94
CA SER B 130 31.98 -3.28 17.89
C SER B 130 32.89 -4.03 16.93
N GLU B 131 33.41 -3.37 15.90
CA GLU B 131 34.33 -4.02 14.98
C GLU B 131 35.68 -4.26 15.63
N THR B 132 36.22 -3.22 16.31
CA THR B 132 37.49 -3.36 17.01
C THR B 132 37.37 -4.31 18.20
N PHE B 133 36.18 -4.41 18.79
CA PHE B 133 35.97 -5.31 19.93
C PHE B 133 35.87 -6.76 19.49
N ARG B 134 35.04 -7.03 18.48
CA ARG B 134 34.80 -8.41 18.04
C ARG B 134 36.00 -8.99 17.31
N SER B 135 36.83 -8.14 16.69
CA SER B 135 38.03 -8.63 16.03
C SER B 135 39.11 -9.03 17.03
N GLY B 136 38.93 -8.73 18.32
CA GLY B 136 39.91 -9.07 19.33
C GLY B 136 40.98 -8.02 19.55
N SER B 137 40.95 -6.91 18.83
CA SER B 137 41.95 -5.87 19.03
C SER B 137 41.74 -5.09 20.32
N TRP B 138 40.52 -5.07 20.84
CA TRP B 138 40.24 -4.49 22.16
C TRP B 138 40.52 -5.57 23.19
N VAL B 139 41.71 -5.50 23.80
CA VAL B 139 42.16 -6.55 24.71
C VAL B 139 42.05 -6.05 26.15
N GLY B 140 41.93 -7.00 27.07
CA GLY B 140 41.81 -6.68 28.48
C GLY B 140 43.14 -6.28 29.09
N ALA B 141 43.17 -6.36 30.43
CA ALA B 141 44.35 -5.92 31.17
C ALA B 141 45.51 -6.90 31.04
N THR B 142 45.22 -8.17 30.82
CA THR B 142 46.25 -9.18 30.64
C THR B 142 46.49 -9.53 29.17
N GLY B 143 45.96 -8.74 28.25
CA GLY B 143 46.19 -8.94 26.83
C GLY B 143 45.23 -9.88 26.14
N LYS B 144 44.16 -10.33 26.83
CA LYS B 144 43.24 -11.22 26.15
C LYS B 144 42.09 -10.43 25.52
N PRO B 145 41.58 -10.89 24.39
CA PRO B 145 40.34 -10.30 23.86
C PRO B 145 39.16 -10.63 24.78
N LEU B 146 38.19 -9.72 24.79
CA LEU B 146 37.03 -9.85 25.65
C LEU B 146 35.88 -10.50 24.88
N THR B 147 35.31 -11.56 25.44
CA THR B 147 34.29 -12.35 24.77
C THR B 147 32.96 -12.42 25.52
N ASN B 148 32.92 -12.01 26.78
CA ASN B 148 31.69 -11.98 27.57
C ASN B 148 31.38 -10.54 27.94
N VAL B 149 30.12 -10.15 27.80
CA VAL B 149 29.68 -8.79 28.06
C VAL B 149 28.60 -8.81 29.13
N VAL B 150 28.73 -7.94 30.13
CA VAL B 150 27.74 -7.73 31.16
C VAL B 150 27.17 -6.32 30.99
N SER B 151 25.86 -6.23 30.82
CA SER B 151 25.18 -4.95 30.70
C SER B 151 24.49 -4.63 32.02
N VAL B 152 24.88 -3.52 32.64
CA VAL B 152 24.36 -3.12 33.93
C VAL B 152 23.32 -2.02 33.72
N GLY B 153 22.07 -2.30 34.12
CA GLY B 153 21.01 -1.33 33.95
C GLY B 153 19.67 -1.82 34.48
N ILE B 154 18.81 -0.88 34.88
CA ILE B 154 17.49 -1.19 35.42
C ILE B 154 16.43 -0.75 34.43
N GLY B 155 15.30 -1.44 34.47
CA GLY B 155 14.11 -0.99 33.74
C GLY B 155 14.30 -1.05 32.24
N GLY B 156 14.06 0.08 31.58
CA GLY B 156 14.17 0.15 30.13
C GLY B 156 15.54 -0.18 29.59
N SER B 157 16.58 -0.03 30.42
CA SER B 157 17.92 -0.47 30.02
C SER B 157 18.05 -1.99 30.03
N PHE B 158 17.06 -2.71 30.53
CA PHE B 158 17.16 -4.14 30.79
C PHE B 158 16.16 -4.96 29.99
N LEU B 159 14.86 -4.69 30.14
CA LEU B 159 13.85 -5.55 29.54
C LEU B 159 13.87 -5.49 28.02
N GLY B 160 14.00 -4.29 27.46
CA GLY B 160 14.09 -4.10 26.03
C GLY B 160 15.22 -4.88 25.40
N PRO B 161 16.47 -4.60 25.83
CA PRO B 161 17.61 -5.37 25.29
C PRO B 161 17.52 -6.86 25.56
N LEU B 162 16.93 -7.26 26.69
CA LEU B 162 16.81 -8.69 26.99
C LEU B 162 15.84 -9.37 26.04
N PHE B 163 14.73 -8.71 25.72
CA PHE B 163 13.76 -9.28 24.78
C PHE B 163 14.40 -9.52 23.42
N VAL B 164 15.13 -8.53 22.90
CA VAL B 164 15.72 -8.67 21.58
C VAL B 164 16.88 -9.65 21.61
N HIS B 165 17.69 -9.62 22.66
CA HIS B 165 18.80 -10.57 22.79
C HIS B 165 18.30 -12.00 22.80
N THR B 166 17.22 -12.26 23.54
CA THR B 166 16.69 -13.62 23.62
C THR B 166 16.09 -14.07 22.30
N ALA B 167 15.39 -13.17 21.61
CA ALA B 167 14.82 -13.53 20.32
C ALA B 167 15.89 -13.78 19.27
N LEU B 168 17.04 -13.10 19.39
CA LEU B 168 18.13 -13.25 18.42
C LEU B 168 19.02 -14.45 18.72
N GLN B 169 19.01 -14.95 19.95
CA GLN B 169 19.91 -16.02 20.35
C GLN B 169 19.84 -17.21 19.40
N THR B 170 18.64 -17.58 18.97
CA THR B 170 18.43 -18.79 18.21
C THR B 170 18.09 -18.53 16.74
N ASP B 171 18.20 -17.29 16.28
CA ASP B 171 18.15 -17.04 14.86
C ASP B 171 19.44 -17.55 14.23
N PRO B 172 19.36 -18.36 13.18
CA PRO B 172 20.59 -18.96 12.63
C PRO B 172 21.66 -17.94 12.23
N GLU B 173 21.26 -16.82 11.64
CA GLU B 173 22.24 -15.81 11.23
C GLU B 173 22.88 -15.15 12.45
N ALA B 174 22.05 -14.63 13.36
CA ALA B 174 22.58 -13.93 14.52
C ALA B 174 23.40 -14.87 15.41
N ALA B 175 22.96 -16.12 15.55
CA ALA B 175 23.67 -17.06 16.42
C ALA B 175 25.06 -17.36 15.89
N GLU B 176 25.22 -17.46 14.57
CA GLU B 176 26.55 -17.66 13.99
C GLU B 176 27.44 -16.45 14.24
N SER B 177 26.87 -15.25 14.19
CA SER B 177 27.63 -14.05 14.52
C SER B 177 27.98 -13.98 16.00
N ALA B 178 27.16 -14.60 16.85
CA ALA B 178 27.36 -14.58 18.30
C ALA B 178 28.05 -15.83 18.82
N LYS B 179 28.66 -16.61 17.94
CA LYS B 179 29.30 -17.86 18.35
C LYS B 179 30.45 -17.60 19.30
N GLY B 180 30.43 -18.29 20.46
CA GLY B 180 31.47 -18.17 21.45
C GLY B 180 31.38 -16.97 22.36
N ARG B 181 30.33 -16.15 22.23
CA ARG B 181 30.20 -14.93 23.00
C ARG B 181 28.98 -15.00 23.91
N GLN B 182 29.07 -14.34 25.06
CA GLN B 182 27.97 -14.26 26.01
C GLN B 182 27.61 -12.79 26.26
N LEU B 183 26.32 -12.51 26.36
CA LEU B 183 25.81 -11.20 26.74
C LEU B 183 24.87 -11.39 27.91
N ARG B 184 25.23 -10.84 29.07
CA ARG B 184 24.46 -10.98 30.29
C ARG B 184 24.02 -9.62 30.79
N PHE B 185 22.93 -9.62 31.56
CA PHE B 185 22.36 -8.41 32.13
C PHE B 185 22.42 -8.47 33.65
N LEU B 186 22.79 -7.35 34.26
CA LEU B 186 22.80 -7.19 35.71
C LEU B 186 21.82 -6.07 36.04
N ALA B 187 20.63 -6.44 36.50
CA ALA B 187 19.54 -5.48 36.67
C ALA B 187 19.09 -5.32 38.10
N ASN B 188 19.06 -6.39 38.88
CA ASN B 188 18.55 -6.31 40.25
C ASN B 188 19.62 -5.81 41.21
N VAL B 189 19.23 -4.91 42.09
CA VAL B 189 20.15 -4.41 43.11
C VAL B 189 20.46 -5.50 44.14
N ASP B 190 19.65 -6.55 44.19
CA ASP B 190 19.92 -7.72 45.01
C ASP B 190 21.31 -8.27 44.67
N PRO B 191 22.21 -8.37 45.64
CA PRO B 191 23.55 -8.92 45.36
C PRO B 191 23.54 -10.35 44.86
N VAL B 192 22.42 -11.06 44.97
CA VAL B 192 22.32 -12.38 44.34
C VAL B 192 22.45 -12.26 42.83
N ASP B 193 21.90 -11.18 42.26
CA ASP B 193 22.00 -10.99 40.81
C ASP B 193 23.44 -10.70 40.39
N VAL B 194 24.21 -10.00 41.22
CA VAL B 194 25.63 -9.80 40.94
C VAL B 194 26.35 -11.14 40.92
N ALA B 195 26.10 -11.98 41.92
CA ALA B 195 26.70 -13.31 41.96
C ALA B 195 26.32 -14.12 40.73
N ARG B 196 25.06 -14.00 40.29
CA ARG B 196 24.64 -14.70 39.08
C ARG B 196 25.36 -14.17 37.85
N SER B 197 25.50 -12.85 37.73
CA SER B 197 26.02 -12.27 36.49
C SER B 197 27.49 -12.59 36.29
N ILE B 198 28.25 -12.82 37.37
CA ILE B 198 29.68 -13.09 37.27
C ILE B 198 29.97 -14.59 37.29
N LYS B 199 28.94 -15.43 37.28
CA LYS B 199 29.16 -16.88 37.39
C LYS B 199 29.91 -17.39 36.17
N ASP B 200 31.05 -18.04 36.42
CA ASP B 200 31.86 -18.68 35.39
C ASP B 200 32.44 -17.67 34.40
N LEU B 201 32.69 -16.45 34.85
CA LEU B 201 33.25 -15.40 34.01
C LEU B 201 34.64 -15.04 34.48
N ASP B 202 35.58 -14.98 33.55
CA ASP B 202 36.94 -14.52 33.84
C ASP B 202 36.98 -13.01 33.70
N PRO B 203 37.42 -12.28 34.73
CA PRO B 203 37.54 -10.81 34.59
C PRO B 203 38.38 -10.39 33.39
N ALA B 204 39.46 -11.12 33.11
CA ALA B 204 40.36 -10.77 32.01
C ALA B 204 39.71 -10.91 30.64
N THR B 205 38.54 -11.56 30.55
CA THR B 205 37.84 -11.71 29.29
C THR B 205 36.45 -11.07 29.30
N THR B 206 36.16 -10.23 30.28
CA THR B 206 34.83 -9.66 30.45
C THR B 206 34.87 -8.15 30.24
N LEU B 207 33.91 -7.64 29.47
CA LEU B 207 33.67 -6.21 29.32
C LEU B 207 32.33 -5.87 29.97
N VAL B 208 32.29 -4.76 30.70
CA VAL B 208 31.10 -4.30 31.39
C VAL B 208 30.59 -3.04 30.70
N VAL B 209 29.32 -3.03 30.35
CA VAL B 209 28.66 -1.86 29.77
C VAL B 209 27.72 -1.31 30.83
N VAL B 210 28.06 -0.15 31.38
CA VAL B 210 27.26 0.50 32.41
C VAL B 210 26.26 1.43 31.71
N VAL B 211 24.98 1.12 31.83
CA VAL B 211 23.92 1.82 31.10
C VAL B 211 23.16 2.69 32.09
N SER B 212 23.37 4.00 32.01
CA SER B 212 22.69 4.99 32.84
C SER B 212 22.93 6.39 32.30
N LYS B 213 21.88 7.08 31.89
CA LYS B 213 22.05 8.37 31.24
C LYS B 213 22.75 9.37 32.15
N THR B 214 22.35 9.43 33.42
CA THR B 214 22.91 10.39 34.36
C THR B 214 24.08 9.84 35.15
N PHE B 215 24.30 8.53 35.14
CA PHE B 215 25.34 7.86 35.93
C PHE B 215 25.16 8.09 37.42
N THR B 216 23.95 8.47 37.85
CA THR B 216 23.60 8.57 39.26
C THR B 216 22.58 7.53 39.70
N THR B 217 22.05 6.74 38.77
CA THR B 217 21.03 5.74 39.06
C THR B 217 21.49 4.81 40.17
N ALA B 218 20.81 4.87 41.32
CA ALA B 218 21.31 4.26 42.54
C ALA B 218 21.56 2.76 42.37
N GLU B 219 20.57 2.03 41.85
CA GLU B 219 20.74 0.59 41.67
C GLU B 219 21.82 0.29 40.64
N THR B 220 21.75 0.93 39.49
CA THR B 220 22.68 0.62 38.40
C THR B 220 24.13 0.89 38.82
N MET B 221 24.36 2.00 39.54
CA MET B 221 25.73 2.37 39.87
C MET B 221 26.30 1.51 41.01
N LEU B 222 25.48 1.18 42.01
CA LEU B 222 25.94 0.27 43.05
C LEU B 222 26.36 -1.08 42.45
N ASN B 223 25.58 -1.58 41.50
CA ASN B 223 26.00 -2.78 40.78
C ASN B 223 27.25 -2.52 39.96
N ALA B 224 27.34 -1.34 39.33
CA ALA B 224 28.53 -1.02 38.54
C ALA B 224 29.77 -0.92 39.42
N ARG B 225 29.65 -0.28 40.59
CA ARG B 225 30.78 -0.21 41.51
C ARG B 225 31.14 -1.60 42.04
N THR B 226 30.14 -2.45 42.28
CA THR B 226 30.40 -3.80 42.75
C THR B 226 31.16 -4.60 41.72
N ILE B 227 30.71 -4.57 40.47
CA ILE B 227 31.39 -5.32 39.42
C ILE B 227 32.70 -4.66 39.02
N LYS B 228 32.88 -3.38 39.36
CA LYS B 228 34.18 -2.75 39.17
C LYS B 228 35.20 -3.30 40.14
N GLU B 229 34.80 -3.50 41.41
CA GLU B 229 35.69 -4.11 42.39
C GLU B 229 36.08 -5.53 41.98
N TRP B 230 35.13 -6.27 41.41
CA TRP B 230 35.42 -7.62 40.91
C TRP B 230 36.55 -7.60 39.90
N ILE B 231 36.60 -6.56 39.06
CA ILE B 231 37.68 -6.43 38.09
C ILE B 231 38.93 -5.85 38.75
N VAL B 232 38.77 -4.87 39.63
CA VAL B 232 39.92 -4.25 40.29
C VAL B 232 40.62 -5.25 41.20
N SER B 233 39.85 -6.00 41.99
CA SER B 233 40.45 -6.98 42.90
C SER B 233 41.20 -8.06 42.13
N SER B 234 40.75 -8.40 40.93
CA SER B 234 41.37 -9.46 40.15
C SER B 234 42.47 -8.95 39.21
N LEU B 235 42.29 -7.78 38.62
CA LEU B 235 43.20 -7.31 37.57
C LEU B 235 43.97 -6.05 37.93
N GLY B 236 43.50 -5.22 38.86
CA GLY B 236 44.22 -4.04 39.26
C GLY B 236 43.45 -2.77 38.98
N PRO B 237 43.86 -1.67 39.62
CA PRO B 237 43.12 -0.40 39.43
C PRO B 237 43.24 0.16 38.02
N GLN B 238 44.34 -0.12 37.32
CA GLN B 238 44.54 0.39 35.97
C GLN B 238 43.73 -0.36 34.91
N ALA B 239 42.96 -1.37 35.30
CA ALA B 239 42.23 -2.19 34.37
C ALA B 239 40.82 -1.68 34.07
N VAL B 240 40.33 -0.72 34.85
CA VAL B 240 38.93 -0.31 34.74
C VAL B 240 38.62 0.23 33.35
N SER B 241 39.47 1.14 32.86
CA SER B 241 39.19 1.81 31.59
C SER B 241 39.25 0.86 30.40
N LYS B 242 39.88 -0.30 30.55
CA LYS B 242 39.97 -1.28 29.48
C LYS B 242 38.90 -2.36 29.55
N HIS B 243 38.18 -2.45 30.66
CA HIS B 243 37.14 -3.45 30.84
C HIS B 243 35.74 -2.89 31.03
N MET B 244 35.61 -1.57 31.20
CA MET B 244 34.31 -0.96 31.46
C MET B 244 34.11 0.22 30.53
N ILE B 245 33.06 0.17 29.72
CA ILE B 245 32.60 1.31 28.94
C ILE B 245 31.21 1.67 29.45
N ALA B 246 30.62 2.74 28.92
CA ALA B 246 29.37 3.24 29.47
C ALA B 246 28.41 3.67 28.36
N VAL B 247 27.12 3.58 28.68
CA VAL B 247 26.07 4.20 27.90
C VAL B 247 25.52 5.33 28.76
N SER B 248 26.01 6.55 28.51
CA SER B 248 25.71 7.69 29.37
C SER B 248 26.02 8.97 28.60
N THR B 249 25.49 10.08 29.12
CA THR B 249 25.88 11.41 28.66
C THR B 249 26.58 12.21 29.76
N ASN B 250 26.67 11.67 30.97
CA ASN B 250 27.32 12.36 32.08
C ASN B 250 28.82 12.05 32.01
N LEU B 251 29.50 12.81 31.14
CA LEU B 251 30.91 12.54 30.87
C LEU B 251 31.79 12.77 32.09
N LYS B 252 31.41 13.71 32.96
CA LYS B 252 32.21 13.97 34.16
C LYS B 252 32.19 12.76 35.10
N LEU B 253 31.02 12.22 35.37
CA LEU B 253 30.92 11.07 36.27
C LEU B 253 31.47 9.80 35.64
N VAL B 254 31.45 9.70 34.32
CA VAL B 254 31.99 8.52 33.66
C VAL B 254 33.51 8.49 33.79
N LYS B 255 34.16 9.65 33.67
CA LYS B 255 35.60 9.71 33.86
C LYS B 255 35.98 9.53 35.33
N GLU B 256 35.18 10.09 36.24
CA GLU B 256 35.43 9.92 37.67
C GLU B 256 35.23 8.46 38.08
N PHE B 257 34.33 7.75 37.40
CA PHE B 257 34.14 6.33 37.68
C PHE B 257 35.37 5.51 37.30
N GLY B 258 36.16 5.99 36.35
CA GLY B 258 37.32 5.27 35.86
C GLY B 258 37.25 4.91 34.39
N ILE B 259 36.16 5.20 33.70
CA ILE B 259 35.97 4.86 32.30
C ILE B 259 36.50 6.01 31.44
N ASP B 260 37.08 5.67 30.30
CA ASP B 260 37.52 6.69 29.35
C ASP B 260 36.31 7.50 28.90
N PRO B 261 36.39 8.84 28.95
CA PRO B 261 35.25 9.66 28.47
C PRO B 261 34.91 9.41 27.01
N ASN B 262 35.89 9.02 26.20
CA ASN B 262 35.61 8.71 24.80
C ASN B 262 34.76 7.44 24.65
N ASN B 263 34.72 6.60 25.68
CA ASN B 263 33.96 5.35 25.66
C ASN B 263 32.59 5.51 26.31
N ALA B 264 32.00 6.69 26.24
CA ALA B 264 30.63 6.94 26.69
C ALA B 264 29.75 7.16 25.47
N PHE B 265 28.68 6.38 25.37
CA PHE B 265 27.81 6.37 24.20
C PHE B 265 26.49 7.04 24.55
N ALA B 266 26.13 8.07 23.79
CA ALA B 266 25.08 8.99 24.15
C ALA B 266 23.70 8.52 23.74
N PHE B 267 22.70 8.91 24.52
CA PHE B 267 21.31 8.90 24.10
C PHE B 267 20.62 10.06 24.81
N TRP B 268 19.38 10.33 24.42
CA TRP B 268 18.79 11.64 24.64
C TRP B 268 17.48 11.54 25.42
N ASP B 269 17.03 12.71 25.91
CA ASP B 269 15.86 12.76 26.77
C ASP B 269 14.56 12.47 26.04
N TRP B 270 14.51 12.68 24.72
CA TRP B 270 13.32 12.29 24.00
C TRP B 270 13.20 10.78 23.81
N VAL B 271 14.18 10.02 24.29
CA VAL B 271 14.12 8.56 24.29
C VAL B 271 13.60 8.13 25.65
N GLY B 272 12.35 7.70 25.71
CA GLY B 272 11.84 7.10 26.92
C GLY B 272 12.60 5.81 27.24
N GLY B 273 12.81 5.58 28.54
CA GLY B 273 13.56 4.39 28.96
C GLY B 273 12.97 3.11 28.39
N ARG B 274 11.64 2.97 28.48
CA ARG B 274 10.97 1.81 27.90
C ARG B 274 10.96 1.83 26.38
N TYR B 275 11.46 2.90 25.75
CA TYR B 275 11.56 3.00 24.30
C TYR B 275 13.01 3.07 23.83
N SER B 276 13.96 2.58 24.64
CA SER B 276 15.36 2.90 24.46
C SER B 276 16.19 1.82 23.79
N VAL B 277 15.61 0.65 23.48
CA VAL B 277 16.42 -0.44 22.95
C VAL B 277 17.02 -0.09 21.60
N CYS B 278 16.34 0.76 20.82
CA CYS B 278 16.89 1.18 19.53
C CYS B 278 17.97 2.24 19.67
N SER B 279 18.18 2.78 20.86
CA SER B 279 19.30 3.68 21.12
C SER B 279 20.53 2.85 21.49
N ALA B 280 21.59 3.52 21.91
CA ALA B 280 22.80 2.81 22.32
C ALA B 280 22.56 1.87 23.49
N VAL B 281 21.48 2.10 24.25
CA VAL B 281 21.12 1.22 25.35
C VAL B 281 21.06 -0.23 24.89
N GLY B 282 20.43 -0.46 23.73
CA GLY B 282 20.39 -1.78 23.17
C GLY B 282 21.43 -2.00 22.08
N VAL B 283 21.63 -0.98 21.25
CA VAL B 283 22.46 -1.15 20.06
C VAL B 283 23.92 -1.43 20.43
N LEU B 284 24.42 -0.85 21.54
CA LEU B 284 25.81 -1.12 21.91
C LEU B 284 26.01 -2.54 22.40
N PRO B 285 25.27 -3.06 23.39
CA PRO B 285 25.50 -4.45 23.81
C PRO B 285 25.18 -5.47 22.72
N LEU B 286 24.10 -5.26 21.97
CA LEU B 286 23.74 -6.21 20.93
C LEU B 286 24.75 -6.23 19.79
N SER B 287 25.41 -5.10 19.52
CA SER B 287 26.43 -5.07 18.48
C SER B 287 27.66 -5.85 18.91
N LEU B 288 28.00 -5.83 20.19
CA LEU B 288 29.13 -6.61 20.66
C LEU B 288 28.84 -8.09 20.56
N GLN B 289 27.60 -8.49 20.89
CA GLN B 289 27.24 -9.90 20.85
C GLN B 289 27.02 -10.40 19.42
N TYR B 290 26.34 -9.60 18.59
CA TYR B 290 25.93 -10.05 17.27
C TYR B 290 26.55 -9.30 16.11
N GLY B 291 27.30 -8.25 16.36
CA GLY B 291 27.77 -7.48 15.21
C GLY B 291 26.76 -6.44 14.79
N PHE B 292 27.27 -5.27 14.41
CA PHE B 292 26.37 -4.18 13.99
C PHE B 292 25.47 -4.51 12.81
N PRO B 293 25.93 -5.20 11.76
CA PRO B 293 25.00 -5.53 10.65
C PRO B 293 23.73 -6.25 11.08
N ILE B 294 23.83 -7.18 12.02
CA ILE B 294 22.63 -7.85 12.53
C ILE B 294 21.70 -6.84 13.20
N VAL B 295 22.27 -5.98 14.04
CA VAL B 295 21.47 -4.97 14.73
C VAL B 295 20.89 -3.98 13.73
N GLN B 296 21.57 -3.74 12.61
CA GLN B 296 21.05 -2.81 11.61
C GLN B 296 19.79 -3.34 10.95
N LYS B 297 19.73 -4.65 10.67
CA LYS B 297 18.51 -5.25 10.17
C LYS B 297 17.38 -5.08 11.17
N PHE B 298 17.68 -5.21 12.47
CA PHE B 298 16.70 -4.99 13.52
C PHE B 298 16.14 -3.57 13.45
N LEU B 299 17.01 -2.57 13.36
CA LEU B 299 16.55 -1.20 13.23
C LEU B 299 15.77 -0.98 11.94
N GLU B 300 16.26 -1.56 10.83
CA GLU B 300 15.53 -1.47 9.57
C GLU B 300 14.14 -2.07 9.68
N GLY B 301 13.97 -3.09 10.52
CA GLY B 301 12.65 -3.67 10.70
C GLY B 301 11.70 -2.73 11.44
N ALA B 302 12.16 -2.17 12.55
CA ALA B 302 11.34 -1.23 13.29
C ALA B 302 11.04 0.02 12.47
N SER B 303 11.99 0.44 11.62
CA SER B 303 11.78 1.60 10.77
C SER B 303 10.67 1.36 9.75
N SER B 304 10.53 0.13 9.26
CA SER B 304 9.49 -0.15 8.27
C SER B 304 8.11 -0.01 8.88
N ILE B 305 7.93 -0.47 10.13
CA ILE B 305 6.65 -0.30 10.81
C ILE B 305 6.40 1.17 11.12
N ASP B 306 7.46 1.93 11.40
CA ASP B 306 7.31 3.37 11.60
C ASP B 306 6.64 4.02 10.40
N ASN B 307 7.18 3.78 9.20
CA ASN B 307 6.61 4.37 8.00
C ASN B 307 5.20 3.85 7.73
N HIS B 308 4.98 2.56 7.95
CA HIS B 308 3.64 1.99 7.80
C HIS B 308 2.66 2.64 8.76
N PHE B 309 3.02 2.69 10.05
CA PHE B 309 2.16 3.32 11.05
C PHE B 309 1.92 4.78 10.74
N HIS B 310 2.90 5.46 10.14
CA HIS B 310 2.80 6.90 9.92
C HIS B 310 1.88 7.23 8.74
N THR B 311 1.88 6.40 7.70
CA THR B 311 1.22 6.74 6.44
C THR B 311 -0.01 5.91 6.11
N SER B 312 -0.11 4.68 6.63
CA SER B 312 -1.18 3.79 6.21
C SER B 312 -2.53 4.24 6.75
N SER B 313 -3.56 4.08 5.92
CA SER B 313 -4.93 4.32 6.35
C SER B 313 -5.29 3.37 7.48
N PHE B 314 -6.27 3.78 8.30
CA PHE B 314 -6.52 3.09 9.56
C PHE B 314 -7.00 1.66 9.35
N GLU B 315 -7.81 1.42 8.31
CA GLU B 315 -8.29 0.07 8.06
C GLU B 315 -7.18 -0.88 7.62
N LYS B 316 -6.05 -0.34 7.15
CA LYS B 316 -4.88 -1.14 6.83
C LYS B 316 -3.75 -0.95 7.82
N ASN B 317 -3.94 -0.10 8.83
CA ASN B 317 -2.87 0.27 9.77
C ASN B 317 -2.87 -0.72 10.92
N ILE B 318 -1.86 -1.59 10.96
CA ILE B 318 -1.82 -2.65 11.98
C ILE B 318 -1.71 -2.08 13.39
N PRO B 319 -0.77 -1.18 13.72
CA PRO B 319 -0.71 -0.67 15.09
C PRO B 319 -1.94 0.13 15.50
N VAL B 320 -2.58 0.83 14.56
CA VAL B 320 -3.79 1.57 14.90
C VAL B 320 -4.93 0.61 15.23
N LEU B 321 -5.11 -0.43 14.41
CA LEU B 321 -6.15 -1.42 14.66
C LEU B 321 -5.95 -2.09 16.01
N LEU B 322 -4.72 -2.47 16.34
CA LEU B 322 -4.45 -3.15 17.61
C LEU B 322 -4.77 -2.24 18.78
N GLY B 323 -4.27 -1.00 18.74
CA GLY B 323 -4.53 -0.07 19.82
C GLY B 323 -6.02 0.22 20.00
N LEU B 324 -6.75 0.32 18.88
CA LEU B 324 -8.19 0.53 18.97
C LEU B 324 -8.91 -0.72 19.46
N LEU B 325 -8.41 -1.91 19.11
CA LEU B 325 -9.05 -3.13 19.58
C LEU B 325 -8.82 -3.35 21.07
N SER B 326 -7.66 -2.91 21.58
CA SER B 326 -7.41 -3.05 23.02
C SER B 326 -8.26 -2.07 23.82
N VAL B 327 -8.47 -0.86 23.30
CA VAL B 327 -9.37 0.07 23.97
C VAL B 327 -10.80 -0.49 23.98
N TRP B 328 -11.20 -1.14 22.89
CA TRP B 328 -12.53 -1.73 22.82
C TRP B 328 -12.69 -2.84 23.87
N ASN B 329 -11.65 -3.65 24.07
CA ASN B 329 -11.72 -4.70 25.08
C ASN B 329 -11.67 -4.11 26.49
N VAL B 330 -10.85 -3.08 26.68
CA VAL B 330 -10.60 -2.56 28.02
C VAL B 330 -11.73 -1.65 28.49
N SER B 331 -12.03 -0.60 27.73
CA SER B 331 -12.93 0.44 28.18
C SER B 331 -14.39 0.21 27.79
N PHE B 332 -14.66 -0.73 26.88
CA PHE B 332 -16.03 -1.00 26.46
C PHE B 332 -16.50 -2.39 26.84
N LEU B 333 -15.69 -3.43 26.58
CA LEU B 333 -16.02 -4.76 27.06
C LEU B 333 -15.69 -4.94 28.53
N GLY B 334 -14.79 -4.13 29.07
CA GLY B 334 -14.51 -4.13 30.50
C GLY B 334 -13.45 -5.09 30.96
N TYR B 335 -12.59 -5.57 30.07
CA TYR B 335 -11.59 -6.56 30.45
C TYR B 335 -10.37 -5.86 31.03
N PRO B 336 -10.02 -6.11 32.30
CA PRO B 336 -8.93 -5.36 32.93
C PRO B 336 -7.53 -5.87 32.61
N ALA B 337 -7.39 -7.04 31.99
CA ALA B 337 -6.09 -7.64 31.76
C ALA B 337 -5.97 -8.12 30.33
N ARG B 338 -4.74 -8.37 29.92
CA ARG B 338 -4.42 -8.82 28.57
C ARG B 338 -3.25 -9.80 28.64
N ALA B 339 -3.36 -10.89 27.90
CA ALA B 339 -2.35 -11.94 27.88
C ALA B 339 -1.57 -11.89 26.57
N ILE B 340 -0.25 -11.84 26.67
CA ILE B 340 0.63 -11.84 25.52
C ILE B 340 1.21 -13.24 25.40
N LEU B 341 0.77 -13.98 24.37
CA LEU B 341 1.04 -15.41 24.25
C LEU B 341 1.73 -15.72 22.92
N PRO B 342 3.01 -15.38 22.79
CA PRO B 342 3.74 -15.75 21.58
C PRO B 342 4.10 -17.23 21.59
N TYR B 343 3.73 -17.95 20.54
CA TYR B 343 4.08 -19.37 20.44
C TYR B 343 5.47 -19.50 19.82
N SER B 344 6.46 -19.07 20.60
CA SER B 344 7.85 -19.09 20.20
C SER B 344 8.71 -18.95 21.45
N GLN B 345 9.62 -19.90 21.68
CA GLN B 345 10.52 -19.79 22.83
C GLN B 345 11.50 -18.62 22.64
N ALA B 346 11.78 -18.25 21.39
CA ALA B 346 12.63 -17.09 21.16
C ALA B 346 12.00 -15.83 21.73
N LEU B 347 10.66 -15.73 21.69
CA LEU B 347 9.96 -14.59 22.23
C LEU B 347 9.63 -14.81 23.71
N GLU B 348 10.51 -15.53 24.41
CA GLU B 348 10.28 -15.83 25.82
C GLU B 348 10.21 -14.56 26.65
N LYS B 349 11.01 -13.56 26.31
CA LYS B 349 11.09 -12.32 27.07
C LYS B 349 10.32 -11.18 26.41
N LEU B 350 9.39 -11.49 25.51
CA LEU B 350 8.56 -10.45 24.92
C LEU B 350 7.58 -9.90 25.94
N ALA B 351 6.83 -10.78 26.60
CA ALA B 351 5.83 -10.33 27.58
C ALA B 351 6.42 -9.49 28.71
N PRO B 352 7.56 -9.83 29.32
CA PRO B 352 8.08 -8.94 30.37
C PRO B 352 8.42 -7.55 29.87
N HIS B 353 8.83 -7.40 28.60
CA HIS B 353 9.08 -6.07 28.07
C HIS B 353 7.77 -5.33 27.79
N ILE B 354 6.82 -6.00 27.13
CA ILE B 354 5.51 -5.40 26.89
C ILE B 354 4.86 -5.01 28.21
N GLN B 355 5.23 -5.69 29.30
CA GLN B 355 4.69 -5.35 30.61
C GLN B 355 5.11 -3.94 31.02
N GLN B 356 6.39 -3.61 30.90
CA GLN B 356 6.82 -2.24 31.19
C GLN B 356 6.34 -1.28 30.13
N LEU B 357 6.46 -1.67 28.86
CA LEU B 357 6.10 -0.78 27.75
C LEU B 357 4.65 -0.33 27.86
N SER B 358 3.76 -1.23 28.27
CA SER B 358 2.33 -0.93 28.36
C SER B 358 1.95 -0.34 29.71
N MET B 359 2.32 -1.01 30.80
CA MET B 359 1.83 -0.62 32.13
C MET B 359 2.49 0.65 32.65
N GLU B 360 3.75 0.91 32.29
CA GLU B 360 4.36 2.17 32.70
C GLU B 360 3.93 3.33 31.82
N SER B 361 3.52 3.06 30.58
CA SER B 361 3.06 4.13 29.69
C SER B 361 1.62 4.54 30.02
N ASN B 362 0.71 3.57 30.10
CA ASN B 362 -0.71 3.85 30.18
C ASN B 362 -1.31 3.64 31.56
N GLY B 363 -0.51 3.26 32.55
CA GLY B 363 -1.00 3.15 33.91
C GLY B 363 -1.09 4.50 34.59
N LYS B 364 -1.98 5.37 34.11
CA LYS B 364 -2.12 6.72 34.63
C LYS B 364 -3.54 6.95 35.12
N GLY B 365 -3.69 7.95 35.98
CA GLY B 365 -4.99 8.25 36.57
C GLY B 365 -5.56 9.59 36.17
N VAL B 366 -4.78 10.39 35.44
CA VAL B 366 -5.21 11.69 34.97
C VAL B 366 -4.98 11.76 33.46
N SER B 367 -5.72 12.67 32.82
CA SER B 367 -5.47 12.96 31.42
C SER B 367 -4.21 13.80 31.29
N ILE B 368 -3.78 14.00 30.04
CA ILE B 368 -2.56 14.76 29.80
C ILE B 368 -2.69 16.19 30.29
N ASP B 369 -3.93 16.70 30.39
CA ASP B 369 -4.18 18.03 30.91
C ASP B 369 -4.31 18.06 32.43
N GLY B 370 -4.42 16.91 33.07
CA GLY B 370 -4.57 16.84 34.52
C GLY B 370 -5.97 16.56 35.02
N VAL B 371 -6.89 16.18 34.14
CA VAL B 371 -8.26 15.93 34.54
C VAL B 371 -8.37 14.49 35.04
N ARG B 372 -9.04 14.31 36.18
CA ARG B 372 -9.21 12.98 36.75
C ARG B 372 -10.05 12.11 35.82
N LEU B 373 -9.50 10.97 35.43
CA LEU B 373 -10.22 10.07 34.53
C LEU B 373 -11.37 9.41 35.28
N PRO B 374 -12.60 9.49 34.74
CA PRO B 374 -13.71 8.71 35.34
C PRO B 374 -13.60 7.23 35.03
N TYR B 375 -12.65 6.83 34.20
CA TYR B 375 -12.47 5.45 33.77
C TYR B 375 -11.02 5.05 34.00
N GLU B 376 -10.80 3.75 34.13
CA GLU B 376 -9.46 3.21 34.24
C GLU B 376 -8.89 2.94 32.85
N ALA B 377 -7.56 3.09 32.72
CA ALA B 377 -6.92 3.11 31.42
C ALA B 377 -6.10 1.85 31.25
N GLY B 378 -4.77 1.91 31.37
CA GLY B 378 -3.89 0.82 31.03
C GLY B 378 -4.23 -0.54 31.62
N GLU B 379 -4.21 -1.57 30.78
CA GLU B 379 -4.56 -2.91 31.22
C GLU B 379 -3.36 -3.57 31.91
N ILE B 380 -3.68 -4.59 32.71
CA ILE B 380 -2.65 -5.38 33.39
C ILE B 380 -2.13 -6.41 32.40
N ASP B 381 -0.91 -6.23 31.94
CA ASP B 381 -0.31 -7.11 30.94
C ASP B 381 0.53 -8.19 31.60
N PHE B 382 0.48 -9.39 31.03
CA PHE B 382 1.23 -10.53 31.52
C PHE B 382 1.33 -11.54 30.39
N GLY B 383 2.14 -12.58 30.61
CA GLY B 383 2.25 -13.61 29.61
C GLY B 383 3.42 -14.56 29.74
N GLU B 384 3.29 -15.71 29.11
CA GLU B 384 4.33 -16.71 28.94
C GLU B 384 4.19 -17.27 27.54
N PRO B 385 5.30 -17.67 26.91
CA PRO B 385 5.21 -18.19 25.55
C PRO B 385 4.53 -19.55 25.52
N GLY B 386 3.78 -19.80 24.45
CA GLY B 386 3.28 -21.14 24.21
C GLY B 386 4.39 -22.06 23.76
N THR B 387 4.29 -23.34 24.14
CA THR B 387 3.14 -23.88 24.86
C THR B 387 3.30 -23.81 26.39
N ASN B 388 4.30 -23.06 26.86
CA ASN B 388 4.55 -23.01 28.31
C ASN B 388 3.36 -22.42 29.05
N GLY B 389 2.93 -21.21 28.65
CA GLY B 389 1.76 -20.62 29.27
C GLY B 389 0.50 -21.43 29.04
N GLN B 390 0.46 -22.18 27.93
CA GLN B 390 -0.71 -23.01 27.65
C GLN B 390 -0.95 -24.05 28.73
N HIS B 391 0.12 -24.64 29.25
CA HIS B 391 0.02 -25.64 30.31
C HIS B 391 0.18 -25.03 31.70
N SER B 392 -0.01 -23.72 31.84
CA SER B 392 0.12 -23.03 33.12
C SER B 392 -1.19 -22.38 33.55
N PHE B 393 -1.71 -21.42 32.76
CA PHE B 393 -2.85 -20.63 33.19
C PHE B 393 -4.00 -20.61 32.18
N TYR B 394 -3.95 -21.41 31.12
CA TYR B 394 -5.05 -21.41 30.16
C TYR B 394 -6.34 -21.94 30.77
N GLN B 395 -6.26 -22.70 31.87
CA GLN B 395 -7.46 -23.11 32.59
C GLN B 395 -8.33 -21.91 32.93
N LEU B 396 -7.73 -20.86 33.49
CA LEU B 396 -8.49 -19.67 33.85
C LEU B 396 -9.00 -18.94 32.62
N ILE B 397 -8.20 -18.89 31.56
CA ILE B 397 -8.59 -18.13 30.37
C ILE B 397 -9.73 -18.82 29.62
N HIS B 398 -9.88 -20.14 29.77
CA HIS B 398 -10.97 -20.85 29.11
C HIS B 398 -12.24 -20.88 29.96
N GLN B 399 -12.12 -21.12 31.27
CA GLN B 399 -13.28 -21.31 32.13
C GLN B 399 -13.42 -20.30 33.26
N GLY B 400 -12.41 -19.48 33.51
CA GLY B 400 -12.49 -18.46 34.56
C GLY B 400 -12.72 -17.08 33.99
N ARG B 401 -12.01 -16.10 34.54
CA ARG B 401 -12.13 -14.72 34.06
C ARG B 401 -11.71 -14.63 32.60
N VAL B 402 -12.41 -13.77 31.86
CA VAL B 402 -12.14 -13.60 30.44
C VAL B 402 -10.93 -12.69 30.25
N ILE B 403 -10.01 -13.10 29.39
CA ILE B 403 -8.78 -12.34 29.14
C ILE B 403 -8.53 -12.29 27.63
N PRO B 404 -8.57 -11.12 27.00
CA PRO B 404 -8.19 -11.04 25.59
C PRO B 404 -6.73 -11.43 25.40
N CYS B 405 -6.46 -12.22 24.38
CA CYS B 405 -5.15 -12.81 24.17
C CYS B 405 -4.56 -12.37 22.84
N ASP B 406 -3.26 -12.09 22.85
CA ASP B 406 -2.48 -11.87 21.64
C ASP B 406 -1.71 -13.14 21.34
N PHE B 407 -2.10 -13.83 20.27
CA PHE B 407 -1.38 -15.02 19.82
C PHE B 407 -0.44 -14.64 18.69
N ILE B 408 0.83 -15.03 18.82
CA ILE B 408 1.86 -14.70 17.84
C ILE B 408 2.44 -16.00 17.32
N GLY B 409 2.38 -16.20 16.01
CA GLY B 409 2.92 -17.37 15.38
C GLY B 409 3.91 -17.00 14.29
N VAL B 410 4.85 -17.91 14.05
CA VAL B 410 5.90 -17.72 13.06
C VAL B 410 5.87 -18.90 12.09
N ILE B 411 5.81 -18.60 10.80
CA ILE B 411 5.69 -19.65 9.80
C ILE B 411 6.97 -20.48 9.74
N LYS B 412 8.11 -19.82 9.60
CA LYS B 412 9.39 -20.51 9.50
C LYS B 412 10.04 -20.66 10.86
N SER B 413 10.57 -21.85 11.14
CA SER B 413 11.19 -22.12 12.42
C SER B 413 12.63 -21.62 12.44
N GLN B 414 13.02 -20.98 13.55
CA GLN B 414 14.42 -20.65 13.75
C GLN B 414 15.28 -21.90 13.83
N GLN B 415 14.74 -22.99 14.39
CA GLN B 415 15.50 -24.21 14.65
C GLN B 415 14.64 -25.42 14.27
N PRO B 416 14.44 -25.65 12.97
CA PRO B 416 13.54 -26.72 12.54
C PRO B 416 14.09 -28.09 12.87
N VAL B 417 13.21 -28.96 13.40
CA VAL B 417 13.55 -30.33 13.74
C VAL B 417 12.47 -31.24 13.18
N TYR B 418 12.90 -32.33 12.53
CA TYR B 418 11.99 -33.40 12.14
C TYR B 418 12.66 -34.74 12.44
N LEU B 419 12.03 -35.54 13.28
CA LEU B 419 12.48 -36.90 13.53
C LEU B 419 11.80 -37.85 12.56
N LYS B 420 12.58 -38.78 12.00
CA LYS B 420 12.03 -39.71 11.02
C LYS B 420 10.99 -40.61 11.66
N GLY B 421 9.83 -40.73 11.03
CA GLY B 421 8.73 -41.50 11.54
C GLY B 421 7.69 -40.71 12.29
N GLU B 422 7.95 -39.43 12.57
CA GLU B 422 6.97 -38.62 13.27
C GLU B 422 5.81 -38.26 12.35
N THR B 423 4.66 -37.96 12.96
CA THR B 423 3.52 -37.54 12.17
C THR B 423 3.68 -36.09 11.69
N VAL B 424 4.30 -35.24 12.51
CA VAL B 424 4.57 -33.85 12.14
C VAL B 424 5.92 -33.45 12.71
N SER B 425 6.51 -32.41 12.10
CA SER B 425 7.72 -31.83 12.65
C SER B 425 7.41 -31.12 13.97
N ASN B 426 8.45 -30.83 14.73
CA ASN B 426 8.27 -30.22 16.04
C ASN B 426 7.61 -28.84 15.92
N HIS B 427 7.99 -28.07 14.90
CA HIS B 427 7.38 -26.76 14.70
C HIS B 427 5.90 -26.88 14.36
N ASP B 428 5.53 -27.88 13.57
CA ASP B 428 4.12 -28.10 13.26
C ASP B 428 3.34 -28.53 14.49
N GLU B 429 3.96 -29.36 15.35
CA GLU B 429 3.33 -29.68 16.63
C GLU B 429 3.10 -28.43 17.45
N LEU B 430 4.10 -27.53 17.50
CA LEU B 430 3.91 -26.26 18.18
C LEU B 430 2.76 -25.47 17.57
N MET B 431 2.76 -25.32 16.25
CA MET B 431 1.76 -24.50 15.58
C MET B 431 0.38 -25.13 15.59
N SER B 432 0.28 -26.45 15.81
CA SER B 432 -1.04 -27.06 15.96
C SER B 432 -1.83 -26.37 17.08
N ASN B 433 -1.15 -26.02 18.17
CA ASN B 433 -1.81 -25.30 19.26
C ASN B 433 -2.06 -23.85 18.90
N PHE B 434 -1.19 -23.24 18.10
CA PHE B 434 -1.39 -21.85 17.69
C PHE B 434 -2.68 -21.70 16.89
N PHE B 435 -3.01 -22.67 16.05
CA PHE B 435 -4.22 -22.60 15.26
C PHE B 435 -5.45 -23.10 16.00
N ALA B 436 -5.27 -23.87 17.08
CA ALA B 436 -6.37 -24.49 17.79
C ALA B 436 -6.90 -23.61 18.92
N GLN B 437 -6.00 -23.09 19.76
CA GLN B 437 -6.41 -22.33 20.94
C GLN B 437 -7.34 -21.16 20.63
N PRO B 438 -7.07 -20.31 19.64
CA PRO B 438 -8.03 -19.21 19.38
C PRO B 438 -9.41 -19.69 19.00
N ASP B 439 -9.50 -20.75 18.20
CA ASP B 439 -10.81 -21.31 17.87
C ASP B 439 -11.51 -21.84 19.10
N ALA B 440 -10.76 -22.46 20.01
CA ALA B 440 -11.35 -23.02 21.22
C ALA B 440 -11.93 -21.93 22.11
N LEU B 441 -11.20 -20.83 22.29
CA LEU B 441 -11.72 -19.71 23.07
C LEU B 441 -12.99 -19.14 22.44
N ALA B 442 -13.01 -19.04 21.12
CA ALA B 442 -14.16 -18.42 20.45
C ALA B 442 -15.38 -19.32 20.49
N TYR B 443 -15.22 -20.59 20.08
CA TYR B 443 -16.37 -21.48 19.94
C TYR B 443 -16.88 -21.99 21.28
N GLY B 444 -15.99 -22.48 22.13
CA GLY B 444 -16.44 -23.12 23.35
C GLY B 444 -17.07 -24.48 23.04
N LYS B 445 -17.85 -24.96 24.01
CA LYS B 445 -18.52 -26.24 23.86
C LYS B 445 -19.71 -26.26 24.82
N THR B 446 -20.90 -26.46 24.27
CA THR B 446 -22.14 -26.33 25.01
C THR B 446 -22.49 -27.61 25.76
N PRO B 447 -23.34 -27.53 26.78
CA PRO B 447 -23.85 -28.75 27.42
C PRO B 447 -24.60 -29.66 26.47
N GLU B 448 -25.06 -29.15 25.32
CA GLU B 448 -25.72 -29.99 24.34
C GLU B 448 -24.71 -30.86 23.59
N GLN B 449 -23.62 -30.26 23.14
CA GLN B 449 -22.53 -31.06 22.57
C GLN B 449 -22.02 -32.09 23.57
N LEU B 450 -21.94 -31.70 24.85
CA LEU B 450 -21.46 -32.62 25.87
C LEU B 450 -22.45 -33.75 26.10
N HIS B 451 -23.75 -33.43 26.13
CA HIS B 451 -24.76 -34.47 26.34
C HIS B 451 -24.78 -35.46 25.17
N SER B 452 -24.61 -34.97 23.94
CA SER B 452 -24.60 -35.85 22.78
C SER B 452 -23.43 -36.83 22.88
N GLU B 453 -22.26 -36.35 23.27
CA GLU B 453 -21.10 -37.21 23.51
C GLU B 453 -21.23 -38.02 24.79
N LYS B 454 -22.38 -37.92 25.47
CA LYS B 454 -22.73 -38.77 26.61
C LYS B 454 -21.80 -38.58 27.80
N VAL B 455 -21.39 -37.34 28.05
CA VAL B 455 -20.68 -37.02 29.29
C VAL B 455 -21.66 -37.12 30.45
N PRO B 456 -21.30 -37.77 31.55
CA PRO B 456 -22.25 -37.93 32.67
C PRO B 456 -22.81 -36.58 33.11
N GLU B 457 -24.08 -36.61 33.54
CA GLU B 457 -24.81 -35.37 33.79
C GLU B 457 -24.15 -34.54 34.88
N ASN B 458 -23.54 -35.19 35.88
CA ASN B 458 -22.91 -34.46 36.97
C ASN B 458 -21.63 -33.77 36.54
N LEU B 459 -21.04 -34.17 35.41
CA LEU B 459 -19.78 -33.61 34.93
C LEU B 459 -19.95 -32.60 33.81
N ILE B 460 -21.16 -32.45 33.27
CA ILE B 460 -21.36 -31.58 32.11
C ILE B 460 -21.01 -30.13 32.46
N SER B 461 -21.45 -29.67 33.63
CA SER B 461 -21.15 -28.29 34.03
C SER B 461 -19.65 -28.05 34.16
N HIS B 462 -18.92 -29.07 34.64
CA HIS B 462 -17.49 -28.90 34.84
C HIS B 462 -16.72 -28.88 33.53
N LYS B 463 -17.25 -29.55 32.50
CA LYS B 463 -16.60 -29.63 31.19
C LYS B 463 -17.18 -28.65 30.18
N THR B 464 -17.99 -27.69 30.63
CA THR B 464 -18.63 -26.74 29.73
C THR B 464 -17.69 -25.58 29.44
N PHE B 465 -17.57 -25.23 28.17
CA PHE B 465 -16.80 -24.07 27.72
C PHE B 465 -17.79 -23.04 27.17
N GLN B 466 -17.92 -21.91 27.86
CA GLN B 466 -18.85 -20.88 27.42
C GLN B 466 -18.47 -20.33 26.05
N GLY B 467 -17.18 -20.28 25.74
CA GLY B 467 -16.77 -19.70 24.48
C GLY B 467 -16.98 -18.19 24.48
N ASN B 468 -17.03 -17.64 23.26
CA ASN B 468 -17.23 -16.21 23.04
C ASN B 468 -16.16 -15.39 23.76
N ARG B 469 -14.92 -15.90 23.74
CA ARG B 469 -13.81 -15.24 24.37
C ARG B 469 -12.83 -14.74 23.30
N PRO B 470 -12.47 -13.46 23.33
CA PRO B 470 -11.81 -12.85 22.17
C PRO B 470 -10.32 -13.16 22.11
N SER B 471 -9.79 -13.08 20.90
CA SER B 471 -8.36 -13.23 20.68
C SER B 471 -8.00 -12.61 19.34
N LEU B 472 -6.70 -12.54 19.07
CA LEU B 472 -6.17 -12.07 17.80
C LEU B 472 -4.86 -12.79 17.54
N SER B 473 -4.50 -12.91 16.27
CA SER B 473 -3.39 -13.77 15.87
C SER B 473 -2.49 -13.05 14.88
N PHE B 474 -1.22 -12.89 15.25
CA PHE B 474 -0.17 -12.51 14.30
C PHE B 474 0.39 -13.78 13.67
N LEU B 475 0.53 -13.77 12.35
CA LEU B 475 1.24 -14.82 11.63
C LEU B 475 2.42 -14.17 10.92
N LEU B 476 3.63 -14.49 11.37
CA LEU B 476 4.84 -13.87 10.84
C LEU B 476 5.54 -14.85 9.90
N SER B 477 6.11 -14.31 8.82
CA SER B 477 6.82 -15.16 7.87
C SER B 477 8.03 -15.83 8.52
N SER B 478 8.77 -15.10 9.33
CA SER B 478 9.93 -15.63 10.02
C SER B 478 10.21 -14.75 11.24
N LEU B 479 11.30 -15.07 11.96
CA LEU B 479 11.70 -14.32 13.14
C LEU B 479 13.22 -14.14 13.14
N SER B 480 13.70 -13.34 12.20
CA SER B 480 15.09 -12.90 12.19
C SER B 480 15.15 -11.47 12.75
N ALA B 481 16.33 -10.86 12.69
CA ALA B 481 16.51 -9.54 13.28
C ALA B 481 15.51 -8.52 12.73
N TYR B 482 15.28 -8.55 11.41
CA TYR B 482 14.37 -7.61 10.78
C TYR B 482 12.95 -7.77 11.33
N GLU B 483 12.49 -9.02 11.44
CA GLU B 483 11.13 -9.25 11.91
C GLU B 483 10.98 -8.95 13.40
N ILE B 484 12.05 -9.19 14.18
CA ILE B 484 12.01 -8.85 15.60
C ILE B 484 11.84 -7.35 15.79
N GLY B 485 12.54 -6.56 14.97
CA GLY B 485 12.37 -5.12 15.03
C GLY B 485 10.96 -4.67 14.69
N GLN B 486 10.35 -5.33 13.70
CA GLN B 486 8.99 -5.00 13.32
C GLN B 486 8.02 -5.24 14.48
N LEU B 487 8.15 -6.39 15.14
CA LEU B 487 7.25 -6.73 16.25
C LEU B 487 7.40 -5.75 17.39
N LEU B 488 8.62 -5.31 17.68
CA LEU B 488 8.84 -4.31 18.72
C LEU B 488 8.16 -2.99 18.34
N SER B 489 8.36 -2.54 17.11
CA SER B 489 7.77 -1.28 16.67
C SER B 489 6.24 -1.35 16.68
N ILE B 490 5.69 -2.52 16.35
CA ILE B 490 4.25 -2.70 16.35
C ILE B 490 3.68 -2.43 17.75
N TYR B 491 4.32 -2.99 18.77
CA TYR B 491 3.79 -2.84 20.13
C TYR B 491 4.07 -1.45 20.68
N GLU B 492 5.21 -0.85 20.33
CA GLU B 492 5.51 0.51 20.77
C GLU B 492 4.44 1.49 20.30
N HIS B 493 4.02 1.37 19.04
CA HIS B 493 3.02 2.28 18.50
C HIS B 493 1.61 1.91 18.97
N ARG B 494 1.33 0.62 19.15
CA ARG B 494 0.05 0.19 19.68
C ARG B 494 -0.21 0.80 21.06
N ILE B 495 0.79 0.71 21.95
CA ILE B 495 0.70 1.35 23.25
C ILE B 495 0.43 2.85 23.10
N ALA B 496 1.12 3.49 22.15
CA ALA B 496 0.94 4.92 21.96
C ALA B 496 -0.49 5.24 21.52
N VAL B 497 -1.07 4.39 20.66
CA VAL B 497 -2.41 4.64 20.17
C VAL B 497 -3.42 4.59 21.31
N GLN B 498 -3.23 3.68 22.27
CA GLN B 498 -4.17 3.56 23.37
C GLN B 498 -4.13 4.79 24.28
N GLY B 499 -2.92 5.25 24.61
CA GLY B 499 -2.81 6.47 25.38
C GLY B 499 -3.37 7.69 24.65
N PHE B 500 -3.22 7.71 23.32
CA PHE B 500 -3.77 8.81 22.52
C PHE B 500 -5.29 8.82 22.58
N ILE B 501 -5.91 7.66 22.37
CA ILE B 501 -7.37 7.57 22.44
C ILE B 501 -7.87 7.93 23.83
N TRP B 502 -7.21 7.40 24.87
CA TRP B 502 -7.62 7.70 26.24
C TRP B 502 -7.32 9.15 26.63
N GLY B 503 -6.46 9.83 25.88
CA GLY B 503 -6.15 11.22 26.18
C GLY B 503 -5.18 11.41 27.33
N ILE B 504 -4.29 10.45 27.55
CA ILE B 504 -3.32 10.53 28.64
C ILE B 504 -1.92 10.75 28.06
N ASN B 505 -0.93 10.81 28.95
CA ASN B 505 0.47 10.96 28.55
C ASN B 505 1.15 9.61 28.75
N SER B 506 1.40 8.91 27.64
CA SER B 506 2.03 7.60 27.68
C SER B 506 3.53 7.66 27.85
N PHE B 507 4.10 8.86 28.07
CA PHE B 507 5.53 9.04 27.98
C PHE B 507 6.19 9.63 29.22
N ASP B 508 5.42 9.96 30.26
CA ASP B 508 5.98 10.29 31.56
C ASP B 508 5.83 9.09 32.49
N GLN B 509 6.39 9.22 33.69
CA GLN B 509 6.36 8.13 34.65
C GLN B 509 6.47 8.70 36.06
N TRP B 510 5.54 9.59 36.42
CA TRP B 510 5.58 10.23 37.72
C TRP B 510 5.29 9.26 38.87
N GLY B 511 4.61 8.16 38.59
CA GLY B 511 4.18 7.23 39.62
C GLY B 511 5.31 6.52 40.34
N VAL B 512 6.55 6.76 39.92
CA VAL B 512 7.71 6.07 40.49
C VAL B 512 8.44 6.90 41.55
N GLU B 513 8.14 8.19 41.67
CA GLU B 513 8.91 9.05 42.55
C GLU B 513 8.61 8.81 44.03
N LEU B 514 7.36 8.46 44.38
CA LEU B 514 7.01 8.33 45.78
C LEU B 514 7.73 7.14 46.43
N GLY B 515 7.89 6.05 45.69
CA GLY B 515 8.60 4.89 46.24
C GLY B 515 10.05 5.19 46.50
N LYS B 516 10.69 5.96 45.60
CA LYS B 516 12.11 6.28 45.76
C LYS B 516 12.34 7.19 46.96
N SER B 517 11.42 8.13 47.22
CA SER B 517 11.59 9.06 48.32
C SER B 517 11.56 8.32 49.66
N LEU B 518 10.53 7.50 49.89
CA LEU B 518 10.47 6.74 51.12
C LEU B 518 11.58 5.71 51.21
N ALA B 519 12.07 5.22 50.06
CA ALA B 519 13.21 4.32 50.08
C ALA B 519 14.46 5.03 50.58
N SER B 520 14.63 6.30 50.21
CA SER B 520 15.77 7.07 50.72
C SER B 520 15.62 7.33 52.21
N THR B 521 14.39 7.56 52.68
CA THR B 521 14.16 7.72 54.11
C THR B 521 14.50 6.43 54.87
N VAL B 522 14.22 5.28 54.26
CA VAL B 522 14.53 4.01 54.91
C VAL B 522 16.04 3.77 54.92
N ARG B 523 16.69 3.98 53.77
CA ARG B 523 18.14 3.78 53.71
C ARG B 523 18.87 4.66 54.72
N LYS B 524 18.39 5.90 54.91
CA LYS B 524 18.97 6.76 55.94
C LYS B 524 18.81 6.14 57.32
N GLN B 525 17.67 5.49 57.57
CA GLN B 525 17.48 4.81 58.85
C GLN B 525 18.38 3.59 58.96
N LEU B 526 18.57 2.85 57.87
CA LEU B 526 19.44 1.68 57.89
C LEU B 526 20.89 2.09 58.13
N HIS B 527 21.36 3.11 57.41
CA HIS B 527 22.73 3.59 57.58
C HIS B 527 22.98 4.00 59.02
N ALA B 528 22.08 4.82 59.58
CA ALA B 528 22.27 5.31 60.94
C ALA B 528 22.19 4.19 61.97
N SER B 529 21.39 3.16 61.70
CA SER B 529 21.26 2.06 62.65
C SER B 529 22.44 1.10 62.61
N ARG B 530 23.14 1.02 61.47
CA ARG B 530 24.25 0.09 61.33
C ARG B 530 25.59 0.73 61.69
N MET B 531 25.90 1.89 61.12
CA MET B 531 27.18 2.55 61.39
C MET B 531 27.12 3.29 62.73
N GLU B 532 26.19 4.22 62.85
CA GLU B 532 26.03 4.99 64.08
C GLU B 532 25.31 4.23 65.18
N GLY B 533 24.72 3.08 64.86
CA GLY B 533 24.03 2.27 65.86
C GLY B 533 22.83 2.95 66.48
N LYS B 534 21.80 3.22 65.67
CA LYS B 534 20.69 4.05 66.11
C LYS B 534 19.37 3.29 66.05
N PRO B 535 18.31 3.76 66.70
CA PRO B 535 17.04 3.02 66.67
C PRO B 535 16.20 3.33 65.44
N VAL B 536 15.33 2.38 65.12
CA VAL B 536 14.28 2.62 64.13
C VAL B 536 13.39 3.75 64.66
N GLU B 537 13.33 4.85 63.92
CA GLU B 537 12.57 6.00 64.39
C GLU B 537 12.04 6.78 63.20
N GLY B 538 10.79 7.26 63.33
CA GLY B 538 10.16 8.04 62.29
C GLY B 538 9.18 7.28 61.42
N PHE B 539 8.70 6.13 61.87
CA PHE B 539 7.89 5.24 61.05
C PHE B 539 6.64 4.83 61.80
N ASN B 540 5.66 4.33 61.05
CA ASN B 540 4.44 3.81 61.65
C ASN B 540 4.76 2.54 62.43
N PRO B 541 3.90 2.15 63.37
CA PRO B 541 4.20 0.97 64.20
C PRO B 541 4.50 -0.30 63.40
N SER B 542 3.82 -0.52 62.29
CA SER B 542 4.09 -1.71 61.48
C SER B 542 5.49 -1.66 60.88
N SER B 543 5.81 -0.56 60.18
CA SER B 543 7.13 -0.43 59.58
C SER B 543 8.23 -0.39 60.63
N ALA B 544 7.93 0.14 61.82
CA ALA B 544 8.92 0.18 62.90
C ALA B 544 9.30 -1.23 63.33
N SER B 545 8.31 -2.11 63.50
CA SER B 545 8.59 -3.46 63.93
C SER B 545 9.31 -4.25 62.84
N LEU B 546 8.91 -4.07 61.58
CA LEU B 546 9.60 -4.75 60.47
C LEU B 546 11.06 -4.33 60.40
N LEU B 547 11.31 -3.03 60.52
CA LEU B 547 12.69 -2.54 60.51
C LEU B 547 13.46 -3.03 61.74
N THR B 548 12.79 -3.07 62.90
CA THR B 548 13.45 -3.57 64.11
C THR B 548 13.79 -5.04 63.97
N ARG B 549 12.90 -5.83 63.36
CA ARG B 549 13.20 -7.24 63.12
C ARG B 549 14.38 -7.40 62.16
N PHE B 550 14.37 -6.64 61.07
CA PHE B 550 15.43 -6.75 60.08
C PHE B 550 16.78 -6.33 60.66
N LEU B 551 16.79 -5.30 61.50
CA LEU B 551 18.02 -4.81 62.10
C LEU B 551 18.43 -5.59 63.35
N ALA B 552 17.67 -6.62 63.73
CA ALA B 552 18.03 -7.41 64.90
C ALA B 552 19.10 -8.46 64.59
N VAL B 553 19.34 -8.76 63.33
CA VAL B 553 20.30 -9.79 62.93
C VAL B 553 21.57 -9.12 62.43
N LYS B 554 22.71 -9.60 62.89
CA LYS B 554 23.99 -9.06 62.47
C LYS B 554 24.33 -9.50 61.05
N PRO C 4 -34.81 17.80 -54.97
CA PRO C 4 -35.56 19.05 -54.94
C PRO C 4 -35.88 19.52 -53.52
N ALA C 5 -36.98 19.02 -52.94
CA ALA C 5 -37.37 19.43 -51.60
C ALA C 5 -36.33 19.01 -50.59
N LEU C 6 -36.14 19.84 -49.56
CA LEU C 6 -35.22 19.52 -48.49
C LEU C 6 -35.71 18.28 -47.76
N ILE C 7 -34.78 17.37 -47.46
CA ILE C 7 -35.14 16.10 -46.84
C ILE C 7 -35.89 16.34 -45.53
N SER C 8 -35.61 17.45 -44.85
CA SER C 8 -36.29 17.81 -43.61
C SER C 8 -37.72 18.29 -43.84
N ASP C 9 -38.19 18.37 -45.07
CA ASP C 9 -39.57 18.75 -45.36
C ASP C 9 -40.45 17.57 -45.69
N THR C 10 -39.88 16.37 -45.86
CA THR C 10 -40.65 15.19 -46.21
C THR C 10 -41.34 14.61 -44.97
N ASP C 11 -42.39 13.81 -45.23
CA ASP C 11 -43.12 13.21 -44.12
C ASP C 11 -42.29 12.16 -43.40
N GLN C 12 -41.41 11.46 -44.11
CA GLN C 12 -40.58 10.43 -43.48
C GLN C 12 -39.61 11.05 -42.49
N TRP C 13 -39.08 12.23 -42.79
CA TRP C 13 -38.24 12.95 -41.85
C TRP C 13 -39.02 13.34 -40.61
N LYS C 14 -40.21 13.92 -40.81
CA LYS C 14 -41.03 14.33 -39.68
C LYS C 14 -41.49 13.13 -38.85
N ALA C 15 -41.78 12.01 -39.52
CA ALA C 15 -42.19 10.81 -38.80
C ALA C 15 -41.08 10.31 -37.88
N LEU C 16 -39.83 10.45 -38.31
CA LEU C 16 -38.71 10.09 -37.44
C LEU C 16 -38.55 11.06 -36.29
N GLN C 17 -38.93 12.32 -36.47
CA GLN C 17 -38.85 13.29 -35.39
C GLN C 17 -39.86 12.95 -34.29
N ALA C 18 -41.07 12.57 -34.66
CA ALA C 18 -42.04 12.13 -33.67
C ALA C 18 -41.60 10.82 -33.00
N HIS C 19 -40.89 9.96 -33.75
CA HIS C 19 -40.41 8.71 -33.20
C HIS C 19 -39.35 8.92 -32.13
N VAL C 20 -38.74 10.11 -32.06
CA VAL C 20 -37.71 10.37 -31.08
C VAL C 20 -38.30 10.37 -29.67
N GLY C 21 -39.51 10.93 -29.51
CA GLY C 21 -40.11 11.01 -28.18
C GLY C 21 -40.33 9.64 -27.56
N ALA C 22 -40.69 8.65 -28.37
CA ALA C 22 -40.89 7.31 -27.85
C ALA C 22 -39.56 6.68 -27.44
N ILE C 23 -38.51 6.92 -28.22
CA ILE C 23 -37.20 6.36 -27.89
C ILE C 23 -36.64 7.00 -26.62
N HIS C 24 -36.95 8.28 -26.39
CA HIS C 24 -36.53 8.93 -25.15
C HIS C 24 -37.12 8.24 -23.93
N LYS C 25 -38.29 7.61 -24.08
CA LYS C 25 -38.91 6.88 -22.99
C LYS C 25 -38.20 5.56 -22.69
N THR C 26 -37.30 5.12 -23.56
CA THR C 26 -36.64 3.84 -23.42
C THR C 26 -35.24 3.99 -22.84
N HIS C 27 -34.73 2.89 -22.28
CA HIS C 27 -33.40 2.83 -21.70
C HIS C 27 -32.71 1.57 -22.20
N LEU C 28 -31.43 1.70 -22.55
CA LEU C 28 -30.68 0.55 -23.07
C LEU C 28 -30.51 -0.55 -22.02
N ARG C 29 -30.58 -0.22 -20.73
CA ARG C 29 -30.50 -1.26 -19.70
C ARG C 29 -31.59 -2.29 -19.88
N ASP C 30 -32.80 -1.85 -20.26
CA ASP C 30 -33.89 -2.78 -20.48
C ASP C 30 -33.87 -3.33 -21.90
N LEU C 31 -33.46 -2.50 -22.87
CA LEU C 31 -33.45 -2.94 -24.27
C LEU C 31 -32.42 -4.03 -24.52
N MET C 32 -31.29 -3.99 -23.82
CA MET C 32 -30.22 -4.94 -24.07
C MET C 32 -30.53 -6.35 -23.57
N THR C 33 -31.65 -6.55 -22.87
CA THR C 33 -32.05 -7.89 -22.45
C THR C 33 -32.88 -8.61 -23.51
N ASP C 34 -33.44 -7.88 -24.47
CA ASP C 34 -34.25 -8.48 -25.53
C ASP C 34 -33.33 -9.23 -26.49
N ALA C 35 -33.46 -10.56 -26.52
CA ALA C 35 -32.64 -11.36 -27.41
C ALA C 35 -33.03 -11.14 -28.87
N ASP C 36 -34.32 -10.94 -29.14
CA ASP C 36 -34.78 -10.75 -30.51
C ASP C 36 -34.43 -9.37 -31.05
N ARG C 37 -34.48 -8.34 -30.19
CA ARG C 37 -34.04 -7.02 -30.59
C ARG C 37 -32.55 -7.02 -30.92
N CYS C 38 -31.75 -7.65 -30.06
CA CYS C 38 -30.30 -7.66 -30.28
C CYS C 38 -29.92 -8.42 -31.54
N LYS C 39 -30.53 -9.59 -31.76
CA LYS C 39 -30.18 -10.40 -32.92
C LYS C 39 -30.58 -9.71 -34.22
N ALA C 40 -31.72 -9.02 -34.22
CA ALA C 40 -32.16 -8.32 -35.42
C ALA C 40 -31.22 -7.18 -35.78
N MET C 41 -30.69 -6.50 -34.77
CA MET C 41 -29.84 -5.33 -34.99
C MET C 41 -28.36 -5.71 -35.09
N THR C 42 -28.09 -6.67 -35.96
CA THR C 42 -26.73 -7.04 -36.34
C THR C 42 -26.67 -7.11 -37.87
N ALA C 43 -25.44 -7.18 -38.37
CA ALA C 43 -25.20 -7.43 -39.80
C ALA C 43 -23.85 -8.11 -39.92
N GLU C 44 -23.66 -8.81 -41.02
CA GLU C 44 -22.45 -9.59 -41.20
C GLU C 44 -22.14 -9.73 -42.69
N PHE C 45 -20.86 -9.60 -43.03
CA PHE C 45 -20.39 -9.84 -44.39
C PHE C 45 -18.96 -10.35 -44.30
N GLU C 46 -18.75 -11.59 -44.75
CA GLU C 46 -17.45 -12.25 -44.70
C GLU C 46 -16.85 -12.16 -43.30
N GLY C 47 -15.71 -11.50 -43.17
CA GLY C 47 -15.04 -11.39 -41.89
C GLY C 47 -15.45 -10.20 -41.05
N VAL C 48 -16.53 -9.50 -41.41
CA VAL C 48 -16.95 -8.29 -40.73
C VAL C 48 -18.29 -8.56 -40.05
N PHE C 49 -18.31 -8.45 -38.72
CA PHE C 49 -19.53 -8.58 -37.94
C PHE C 49 -19.83 -7.21 -37.32
N LEU C 50 -21.00 -6.67 -37.64
CA LEU C 50 -21.45 -5.38 -37.11
C LEU C 50 -22.57 -5.63 -36.11
N ASP C 51 -22.36 -5.19 -34.88
CA ASP C 51 -23.38 -5.24 -33.84
C ASP C 51 -23.72 -3.81 -33.45
N TYR C 52 -24.92 -3.36 -33.83
CA TYR C 52 -25.40 -2.03 -33.47
C TYR C 52 -26.56 -2.11 -32.49
N SER C 53 -26.62 -3.18 -31.69
CA SER C 53 -27.71 -3.34 -30.74
C SER C 53 -27.70 -2.28 -29.65
N ARG C 54 -26.57 -1.60 -29.44
CA ARG C 54 -26.47 -0.59 -28.40
C ARG C 54 -26.71 0.82 -28.94
N GLN C 55 -27.45 0.95 -30.03
CA GLN C 55 -27.96 2.25 -30.43
C GLN C 55 -29.24 2.57 -29.67
N GLN C 56 -29.55 3.86 -29.57
CA GLN C 56 -30.83 4.28 -29.00
C GLN C 56 -31.90 4.11 -30.08
N ALA C 57 -32.28 2.86 -30.29
CA ALA C 57 -33.18 2.53 -31.39
C ALA C 57 -33.82 1.17 -31.14
N THR C 58 -35.00 0.99 -31.71
CA THR C 58 -35.66 -0.30 -31.82
C THR C 58 -35.70 -0.70 -33.29
N THR C 59 -36.29 -1.88 -33.55
CA THR C 59 -36.45 -2.31 -34.94
C THR C 59 -37.36 -1.35 -35.71
N GLU C 60 -38.33 -0.73 -35.02
CA GLU C 60 -39.18 0.25 -35.67
C GLU C 60 -38.39 1.47 -36.11
N THR C 61 -37.38 1.86 -35.33
CA THR C 61 -36.52 2.97 -35.71
C THR C 61 -35.80 2.66 -37.02
N VAL C 62 -35.30 1.42 -37.16
CA VAL C 62 -34.64 1.03 -38.40
C VAL C 62 -35.63 0.99 -39.55
N ASP C 63 -36.85 0.52 -39.28
CA ASP C 63 -37.89 0.51 -40.31
C ASP C 63 -38.18 1.92 -40.80
N LYS C 64 -38.31 2.87 -39.87
CA LYS C 64 -38.59 4.24 -40.26
C LYS C 64 -37.38 4.90 -40.92
N LEU C 65 -36.17 4.45 -40.59
CA LEU C 65 -34.99 4.95 -41.29
C LEU C 65 -34.92 4.42 -42.72
N PHE C 66 -35.38 3.19 -42.94
CA PHE C 66 -35.41 2.65 -44.30
C PHE C 66 -36.35 3.45 -45.19
N LYS C 67 -37.49 3.86 -44.65
CA LYS C 67 -38.45 4.65 -45.44
C LYS C 67 -37.90 6.02 -45.78
N LEU C 68 -37.14 6.62 -44.86
CA LEU C 68 -36.45 7.87 -45.17
C LEU C 68 -35.45 7.67 -46.30
N ALA C 69 -34.69 6.55 -46.26
CA ALA C 69 -33.73 6.26 -47.32
C ALA C 69 -34.44 6.09 -48.66
N GLU C 70 -35.65 5.53 -48.66
CA GLU C 70 -36.40 5.41 -49.91
C GLU C 70 -36.87 6.76 -50.40
N ALA C 71 -37.40 7.60 -49.49
CA ALA C 71 -37.85 8.93 -49.87
C ALA C 71 -36.68 9.76 -50.41
N ALA C 72 -35.50 9.62 -49.79
CA ALA C 72 -34.31 10.32 -50.25
C ALA C 72 -33.67 9.66 -51.46
N LYS C 73 -34.24 8.56 -51.97
CA LYS C 73 -33.74 7.87 -53.16
C LYS C 73 -32.29 7.42 -52.96
N LEU C 74 -32.04 6.74 -51.84
CA LEU C 74 -30.68 6.32 -51.51
C LEU C 74 -30.15 5.31 -52.53
N LYS C 75 -30.96 4.30 -52.86
CA LYS C 75 -30.50 3.26 -53.79
C LYS C 75 -30.16 3.86 -55.15
N GLU C 76 -31.01 4.76 -55.65
CA GLU C 76 -30.74 5.36 -56.96
C GLU C 76 -29.46 6.18 -56.95
N LYS C 77 -29.25 6.95 -55.88
CA LYS C 77 -28.02 7.75 -55.78
C LYS C 77 -26.78 6.86 -55.71
N ILE C 78 -26.91 5.68 -55.12
CA ILE C 78 -25.78 4.75 -55.06
C ILE C 78 -25.48 4.21 -56.45
N ASP C 79 -26.50 3.70 -57.15
CA ASP C 79 -26.30 3.16 -58.49
C ASP C 79 -25.67 4.17 -59.43
N LYS C 80 -26.14 5.43 -59.35
CA LYS C 80 -25.61 6.46 -60.25
C LYS C 80 -24.13 6.72 -59.98
N MET C 81 -23.70 6.63 -58.72
CA MET C 81 -22.28 6.71 -58.42
C MET C 81 -21.50 5.60 -59.10
N PHE C 82 -21.97 4.35 -58.94
CA PHE C 82 -21.28 3.22 -59.51
C PHE C 82 -21.26 3.28 -61.04
N LYS C 83 -22.34 3.75 -61.64
CA LYS C 83 -22.42 3.79 -63.10
C LYS C 83 -21.59 4.91 -63.72
N GLY C 84 -20.93 5.73 -62.90
CA GLY C 84 -20.04 6.76 -63.41
C GLY C 84 -20.69 8.08 -63.75
N GLU C 85 -21.94 8.30 -63.34
CA GLU C 85 -22.58 9.57 -63.62
C GLU C 85 -21.94 10.68 -62.79
N LYS C 86 -22.01 11.90 -63.32
CA LYS C 86 -21.37 13.06 -62.68
C LYS C 86 -22.24 13.58 -61.54
N ILE C 87 -22.30 12.79 -60.47
CA ILE C 87 -23.09 13.15 -59.30
C ILE C 87 -22.47 14.31 -58.52
N ASN C 88 -21.16 14.50 -58.62
CA ASN C 88 -20.54 15.73 -58.12
C ASN C 88 -20.96 16.88 -59.02
N THR C 89 -22.10 17.50 -58.70
CA THR C 89 -22.70 18.48 -59.62
C THR C 89 -21.92 19.79 -59.63
N THR C 90 -21.51 20.27 -58.46
CA THR C 90 -20.87 21.59 -58.38
C THR C 90 -19.54 21.63 -59.12
N GLU C 91 -18.86 20.48 -59.26
CA GLU C 91 -17.64 20.39 -60.05
C GLU C 91 -17.85 19.70 -61.39
N ASN C 92 -19.03 19.15 -61.65
CA ASN C 92 -19.32 18.39 -62.87
C ASN C 92 -18.29 17.29 -63.09
N ARG C 93 -18.20 16.41 -62.09
CA ARG C 93 -17.25 15.31 -62.10
C ARG C 93 -17.95 14.02 -61.73
N SER C 94 -17.48 12.93 -62.32
CA SER C 94 -17.84 11.60 -61.82
C SER C 94 -17.23 11.39 -60.44
N VAL C 95 -17.76 10.39 -59.73
CA VAL C 95 -17.27 10.00 -58.41
C VAL C 95 -17.05 8.50 -58.46
N LEU C 96 -15.84 8.09 -58.83
CA LEU C 96 -15.56 6.70 -59.19
C LEU C 96 -14.29 6.19 -58.52
N HIS C 97 -14.21 6.34 -57.20
CA HIS C 97 -13.14 5.66 -56.47
C HIS C 97 -13.37 4.16 -56.39
N VAL C 98 -14.60 3.70 -56.67
CA VAL C 98 -14.84 2.27 -56.73
C VAL C 98 -14.16 1.65 -57.94
N ALA C 99 -14.02 2.41 -59.03
CA ALA C 99 -13.31 1.91 -60.20
C ALA C 99 -11.84 1.67 -59.92
N LEU C 100 -11.30 2.24 -58.84
CA LEU C 100 -9.88 2.06 -58.53
C LEU C 100 -9.59 0.63 -58.10
N ARG C 101 -10.58 -0.08 -57.55
CA ARG C 101 -10.39 -1.46 -57.12
C ARG C 101 -11.29 -2.43 -57.86
N ALA C 102 -11.91 -2.00 -58.97
CA ALA C 102 -12.75 -2.90 -59.75
C ALA C 102 -11.88 -3.93 -60.47
N PRO C 103 -12.44 -5.11 -60.75
CA PRO C 103 -11.66 -6.12 -61.48
C PRO C 103 -11.36 -5.67 -62.91
N ARG C 104 -10.29 -6.26 -63.47
CA ARG C 104 -9.78 -5.93 -64.80
C ARG C 104 -10.81 -6.14 -65.93
N ASP C 105 -11.98 -6.73 -65.64
CA ASP C 105 -12.97 -7.00 -66.68
C ASP C 105 -14.14 -6.03 -66.70
N ALA C 106 -14.42 -5.37 -65.57
CA ALA C 106 -15.61 -4.56 -65.44
C ALA C 106 -15.60 -3.40 -66.43
N VAL C 107 -16.79 -2.84 -66.65
CA VAL C 107 -16.98 -1.71 -67.54
C VAL C 107 -17.67 -0.61 -66.73
N ILE C 108 -16.95 0.49 -66.49
CA ILE C 108 -17.48 1.62 -65.73
C ILE C 108 -17.16 2.88 -66.54
N ASN C 109 -18.18 3.46 -67.17
CA ASN C 109 -17.97 4.56 -68.09
C ASN C 109 -17.90 5.90 -67.35
N SER C 110 -17.15 6.83 -67.94
CA SER C 110 -17.06 8.19 -67.45
C SER C 110 -16.62 9.07 -68.62
N ASP C 111 -17.40 10.12 -68.90
CA ASP C 111 -17.25 10.92 -70.11
C ASP C 111 -17.36 10.07 -71.37
N GLY C 112 -18.03 8.93 -71.28
CA GLY C 112 -18.27 8.08 -72.43
C GLY C 112 -17.22 7.02 -72.69
N VAL C 113 -16.24 6.86 -71.81
CA VAL C 113 -15.17 5.89 -72.00
C VAL C 113 -15.06 5.03 -70.75
N ASN C 114 -14.78 3.73 -70.95
CA ASN C 114 -14.56 2.83 -69.82
C ASN C 114 -13.23 3.18 -69.16
N VAL C 115 -13.28 3.53 -67.87
CA VAL C 115 -12.07 3.95 -67.16
C VAL C 115 -11.26 2.80 -66.60
N VAL C 116 -11.82 1.59 -66.56
CA VAL C 116 -11.20 0.45 -65.87
C VAL C 116 -9.90 0.03 -66.54
N PRO C 117 -9.84 -0.16 -67.87
CA PRO C 117 -8.55 -0.54 -68.48
C PRO C 117 -7.44 0.46 -68.25
N GLU C 118 -7.77 1.73 -68.03
CA GLU C 118 -6.75 2.72 -67.72
C GLU C 118 -6.37 2.71 -66.24
N VAL C 119 -7.32 2.35 -65.36
CA VAL C 119 -6.98 2.17 -63.95
C VAL C 119 -5.96 1.06 -63.79
N TRP C 120 -6.16 -0.05 -64.50
CA TRP C 120 -5.24 -1.18 -64.43
C TRP C 120 -3.95 -0.92 -65.21
N ALA C 121 -3.96 0.03 -66.14
CA ALA C 121 -2.71 0.40 -66.81
C ALA C 121 -1.71 0.98 -65.83
N VAL C 122 -2.19 1.80 -64.89
CA VAL C 122 -1.30 2.37 -63.88
C VAL C 122 -0.91 1.31 -62.85
N LYS C 123 -1.85 0.41 -62.53
CA LYS C 123 -1.54 -0.68 -61.60
C LYS C 123 -0.40 -1.54 -62.13
N ASP C 124 -0.52 -1.99 -63.37
CA ASP C 124 0.54 -2.82 -63.96
C ASP C 124 1.82 -2.02 -64.15
N LYS C 125 1.71 -0.70 -64.33
CA LYS C 125 2.91 0.14 -64.38
C LYS C 125 3.53 0.27 -62.99
N ILE C 126 2.70 0.45 -61.97
CA ILE C 126 3.20 0.46 -60.59
C ILE C 126 3.85 -0.87 -60.25
N LYS C 127 3.22 -1.98 -60.65
CA LYS C 127 3.75 -3.30 -60.33
C LYS C 127 5.11 -3.53 -60.95
N GLN C 128 5.26 -3.18 -62.23
CA GLN C 128 6.55 -3.37 -62.90
C GLN C 128 7.61 -2.48 -62.28
N PHE C 129 7.26 -1.23 -61.95
CA PHE C 129 8.23 -0.35 -61.28
C PHE C 129 8.59 -0.90 -59.91
N SER C 130 7.58 -1.30 -59.13
CA SER C 130 7.85 -1.77 -57.77
C SER C 130 8.72 -3.01 -57.77
N GLU C 131 8.52 -3.90 -58.73
CA GLU C 131 9.37 -5.09 -58.82
C GLU C 131 10.79 -4.71 -59.21
N THR C 132 10.94 -3.78 -60.17
CA THR C 132 12.26 -3.26 -60.51
C THR C 132 12.89 -2.54 -59.33
N PHE C 133 12.09 -1.79 -58.57
CA PHE C 133 12.61 -1.02 -57.46
C PHE C 133 13.03 -1.93 -56.31
N ARG C 134 12.18 -2.89 -55.94
CA ARG C 134 12.45 -3.71 -54.77
C ARG C 134 13.53 -4.75 -55.03
N SER C 135 13.69 -5.20 -56.27
CA SER C 135 14.73 -6.19 -56.60
C SER C 135 16.10 -5.55 -56.79
N GLY C 136 16.24 -4.26 -56.50
CA GLY C 136 17.53 -3.60 -56.56
C GLY C 136 18.00 -3.20 -57.95
N SER C 137 17.25 -3.52 -59.00
CA SER C 137 17.65 -3.09 -60.34
C SER C 137 17.53 -1.58 -60.50
N TRP C 138 16.69 -0.93 -59.70
CA TRP C 138 16.65 0.54 -59.66
C TRP C 138 17.73 1.02 -58.70
N VAL C 139 18.73 1.71 -59.22
CA VAL C 139 19.90 2.11 -58.44
C VAL C 139 19.97 3.63 -58.35
N GLY C 140 20.75 4.10 -57.39
CA GLY C 140 20.91 5.51 -57.13
C GLY C 140 22.14 6.08 -57.82
N ALA C 141 22.41 7.35 -57.51
CA ALA C 141 23.50 8.07 -58.17
C ALA C 141 24.86 7.50 -57.80
N THR C 142 25.02 7.08 -56.55
CA THR C 142 26.27 6.47 -56.10
C THR C 142 26.29 4.96 -56.31
N GLY C 143 25.27 4.40 -56.96
CA GLY C 143 25.25 2.98 -57.25
C GLY C 143 24.65 2.10 -56.19
N LYS C 144 23.93 2.67 -55.23
CA LYS C 144 23.34 1.85 -54.19
C LYS C 144 21.84 1.67 -54.42
N PRO C 145 21.30 0.50 -54.11
CA PRO C 145 19.85 0.30 -54.28
C PRO C 145 19.06 1.12 -53.25
N LEU C 146 18.02 1.78 -53.73
CA LEU C 146 17.19 2.61 -52.85
C LEU C 146 16.31 1.72 -51.97
N THR C 147 16.29 2.01 -50.68
CA THR C 147 15.49 1.26 -49.72
C THR C 147 14.52 2.12 -48.92
N ASN C 148 14.67 3.45 -48.95
CA ASN C 148 13.82 4.35 -48.20
C ASN C 148 13.00 5.20 -49.17
N VAL C 149 11.72 5.39 -48.84
CA VAL C 149 10.79 6.11 -49.71
C VAL C 149 10.12 7.21 -48.89
N VAL C 150 10.21 8.44 -49.37
CA VAL C 150 9.48 9.57 -48.81
C VAL C 150 8.37 9.94 -49.79
N SER C 151 7.14 10.03 -49.30
CA SER C 151 5.98 10.43 -50.09
C SER C 151 5.58 11.83 -49.68
N VAL C 152 5.72 12.77 -50.60
CA VAL C 152 5.44 14.18 -50.34
C VAL C 152 4.02 14.50 -50.83
N GLY C 153 3.17 14.93 -49.91
CA GLY C 153 1.80 15.26 -50.25
C GLY C 153 1.05 15.68 -49.02
N ILE C 154 -0.07 16.37 -49.26
CA ILE C 154 -0.92 16.90 -48.19
C ILE C 154 -2.29 16.27 -48.29
N GLY C 155 -3.05 16.41 -47.19
CA GLY C 155 -4.45 16.04 -47.19
C GLY C 155 -4.67 14.57 -47.54
N GLY C 156 -5.58 14.34 -48.50
CA GLY C 156 -5.91 13.00 -48.92
C GLY C 156 -4.75 12.24 -49.52
N SER C 157 -3.71 12.94 -49.97
CA SER C 157 -2.48 12.30 -50.40
C SER C 157 -1.62 11.84 -49.24
N PHE C 158 -2.03 12.14 -48.00
CA PHE C 158 -1.24 11.84 -46.82
C PHE C 158 -2.00 10.96 -45.82
N LEU C 159 -3.23 11.32 -45.46
CA LEU C 159 -3.90 10.63 -44.37
C LEU C 159 -4.32 9.21 -44.77
N GLY C 160 -4.92 9.05 -45.94
CA GLY C 160 -5.29 7.75 -46.44
C GLY C 160 -4.13 6.78 -46.50
N PRO C 161 -3.07 7.15 -47.23
CA PRO C 161 -1.88 6.28 -47.26
C PRO C 161 -1.26 6.03 -45.89
N LEU C 162 -1.20 7.05 -45.02
CA LEU C 162 -0.62 6.85 -43.69
C LEU C 162 -1.43 5.83 -42.90
N PHE C 163 -2.75 5.87 -43.01
CA PHE C 163 -3.60 4.93 -42.28
C PHE C 163 -3.30 3.50 -42.68
N VAL C 164 -3.29 3.22 -43.98
CA VAL C 164 -3.06 1.86 -44.45
C VAL C 164 -1.64 1.41 -44.13
N HIS C 165 -0.68 2.33 -44.22
CA HIS C 165 0.71 1.99 -43.92
C HIS C 165 0.88 1.60 -42.46
N THR C 166 0.25 2.34 -41.55
CA THR C 166 0.37 2.04 -40.12
C THR C 166 -0.31 0.72 -39.77
N ALA C 167 -1.42 0.40 -40.45
CA ALA C 167 -2.12 -0.85 -40.19
C ALA C 167 -1.38 -2.05 -40.75
N LEU C 168 -0.70 -1.89 -41.90
CA LEU C 168 0.05 -2.99 -42.50
C LEU C 168 1.41 -3.19 -41.85
N GLN C 169 1.89 -2.21 -41.08
CA GLN C 169 3.24 -2.27 -40.54
C GLN C 169 3.45 -3.49 -39.66
N THR C 170 2.48 -3.81 -38.80
CA THR C 170 2.62 -4.87 -37.82
C THR C 170 1.90 -6.15 -38.19
N ASP C 171 1.28 -6.22 -39.37
CA ASP C 171 0.75 -7.47 -39.87
C ASP C 171 1.90 -8.38 -40.29
N PRO C 172 1.87 -9.66 -39.92
CA PRO C 172 3.05 -10.51 -40.12
C PRO C 172 3.46 -10.68 -41.57
N GLU C 173 2.50 -10.87 -42.48
CA GLU C 173 2.85 -11.09 -43.88
C GLU C 173 3.31 -9.81 -44.56
N ALA C 174 2.64 -8.68 -44.27
CA ALA C 174 3.08 -7.41 -44.82
C ALA C 174 4.43 -7.01 -44.26
N ALA C 175 4.62 -7.14 -42.94
CA ALA C 175 5.87 -6.74 -42.32
C ALA C 175 7.04 -7.56 -42.83
N GLU C 176 6.80 -8.83 -43.19
CA GLU C 176 7.87 -9.63 -43.79
C GLU C 176 8.29 -9.06 -45.13
N SER C 177 7.32 -8.62 -45.94
CA SER C 177 7.64 -8.08 -47.26
C SER C 177 8.32 -6.73 -47.17
N ALA C 178 8.07 -5.97 -46.09
CA ALA C 178 8.66 -4.66 -45.91
C ALA C 178 9.95 -4.69 -45.11
N LYS C 179 10.63 -5.83 -45.08
CA LYS C 179 11.85 -5.98 -44.28
C LYS C 179 12.94 -5.03 -44.76
N GLY C 180 13.50 -4.27 -43.83
CA GLY C 180 14.60 -3.38 -44.13
C GLY C 180 14.24 -2.14 -44.92
N ARG C 181 12.95 -1.83 -45.06
CA ARG C 181 12.49 -0.70 -45.85
C ARG C 181 11.69 0.26 -44.99
N GLN C 182 11.92 1.55 -45.19
CA GLN C 182 11.16 2.59 -44.52
C GLN C 182 10.27 3.33 -45.51
N LEU C 183 9.09 3.74 -45.04
CA LEU C 183 8.20 4.60 -45.79
C LEU C 183 7.76 5.74 -44.88
N ARG C 184 8.17 6.96 -45.21
CA ARG C 184 7.83 8.14 -44.44
C ARG C 184 6.99 9.08 -45.29
N PHE C 185 6.25 9.96 -44.62
CA PHE C 185 5.38 10.93 -45.27
C PHE C 185 5.81 12.33 -44.87
N LEU C 186 6.02 13.19 -45.86
CA LEU C 186 6.32 14.60 -45.67
C LEU C 186 5.08 15.39 -46.07
N ALA C 187 4.31 15.82 -45.07
CA ALA C 187 3.02 16.47 -45.31
C ALA C 187 3.00 17.93 -44.92
N ASN C 188 3.55 18.30 -43.77
CA ASN C 188 3.47 19.66 -43.30
C ASN C 188 4.51 20.54 -44.00
N VAL C 189 4.09 21.75 -44.39
CA VAL C 189 5.02 22.69 -44.98
C VAL C 189 5.96 23.28 -43.93
N ASP C 190 5.63 23.11 -42.66
CA ASP C 190 6.53 23.44 -41.57
C ASP C 190 7.89 22.79 -41.83
N PRO C 191 8.97 23.57 -41.90
CA PRO C 191 10.29 22.97 -42.18
C PRO C 191 10.74 21.98 -41.11
N VAL C 192 10.10 21.95 -39.94
CA VAL C 192 10.40 20.92 -38.96
C VAL C 192 10.04 19.53 -39.51
N ASP C 193 8.95 19.46 -40.28
CA ASP C 193 8.56 18.19 -40.89
C ASP C 193 9.58 17.72 -41.91
N VAL C 194 10.21 18.64 -42.63
CA VAL C 194 11.28 18.27 -43.55
C VAL C 194 12.44 17.66 -42.79
N ALA C 195 12.80 18.27 -41.66
CA ALA C 195 13.89 17.74 -40.84
C ALA C 195 13.55 16.35 -40.30
N ARG C 196 12.27 16.14 -39.93
CA ARG C 196 11.83 14.81 -39.50
C ARG C 196 11.94 13.82 -40.64
N SER C 197 11.48 14.19 -41.83
CA SER C 197 11.40 13.25 -42.94
C SER C 197 12.78 12.74 -43.36
N ILE C 198 13.82 13.58 -43.26
CA ILE C 198 15.15 13.21 -43.73
C ILE C 198 16.06 12.75 -42.61
N LYS C 199 15.56 12.66 -41.38
CA LYS C 199 16.42 12.27 -40.26
C LYS C 199 16.90 10.83 -40.43
N ASP C 200 18.21 10.62 -40.21
CA ASP C 200 18.83 9.31 -40.33
C ASP C 200 18.65 8.71 -41.73
N LEU C 201 18.60 9.57 -42.75
CA LEU C 201 18.40 9.13 -44.12
C LEU C 201 19.62 9.47 -44.98
N ASP C 202 19.88 8.59 -45.94
CA ASP C 202 20.95 8.75 -46.90
C ASP C 202 20.36 9.13 -48.25
N PRO C 203 20.68 10.29 -48.82
CA PRO C 203 20.14 10.63 -50.14
C PRO C 203 20.47 9.59 -51.21
N ALA C 204 21.58 8.86 -51.04
CA ALA C 204 21.98 7.86 -52.02
C ALA C 204 21.07 6.64 -52.04
N THR C 205 20.32 6.40 -50.97
CA THR C 205 19.45 5.23 -50.87
C THR C 205 18.00 5.63 -50.59
N THR C 206 17.59 6.80 -51.04
CA THR C 206 16.25 7.32 -50.79
C THR C 206 15.58 7.66 -52.13
N LEU C 207 14.30 7.30 -52.22
CA LEU C 207 13.46 7.64 -53.37
C LEU C 207 12.34 8.55 -52.89
N VAL C 208 12.08 9.61 -53.65
CA VAL C 208 11.05 10.60 -53.31
C VAL C 208 9.89 10.45 -54.29
N VAL C 209 8.68 10.39 -53.75
CA VAL C 209 7.46 10.30 -54.53
C VAL C 209 6.66 11.57 -54.25
N VAL C 210 6.58 12.46 -55.24
CA VAL C 210 5.84 13.72 -55.10
C VAL C 210 4.41 13.48 -55.57
N VAL C 211 3.45 13.63 -54.66
CA VAL C 211 2.04 13.33 -54.94
C VAL C 211 1.28 14.66 -54.96
N SER C 212 0.76 15.00 -56.13
CA SER C 212 -0.07 16.19 -56.34
C SER C 212 -0.66 16.14 -57.74
N LYS C 213 -1.98 16.06 -57.84
CA LYS C 213 -2.63 15.99 -59.15
C LYS C 213 -2.17 17.13 -60.05
N THR C 214 -2.16 18.35 -59.52
CA THR C 214 -1.81 19.51 -60.34
C THR C 214 -0.30 19.70 -60.45
N PHE C 215 0.47 19.17 -59.51
CA PHE C 215 1.89 19.49 -59.34
C PHE C 215 2.11 20.99 -59.12
N THR C 216 1.08 21.68 -58.64
CA THR C 216 1.15 23.10 -58.29
C THR C 216 0.85 23.36 -56.83
N THR C 217 0.46 22.35 -56.07
CA THR C 217 0.10 22.50 -54.66
C THR C 217 1.21 23.20 -53.89
N ALA C 218 0.86 24.31 -53.23
CA ALA C 218 1.87 25.17 -52.61
C ALA C 218 2.69 24.41 -51.57
N GLU C 219 2.01 23.74 -50.63
CA GLU C 219 2.73 23.04 -49.57
C GLU C 219 3.57 21.90 -50.14
N THR C 220 2.96 21.04 -50.95
CA THR C 220 3.67 19.86 -51.45
C THR C 220 4.83 20.24 -52.36
N MET C 221 4.62 21.21 -53.26
CA MET C 221 5.69 21.55 -54.21
C MET C 221 6.85 22.27 -53.52
N LEU C 222 6.58 23.03 -52.47
CA LEU C 222 7.69 23.63 -51.71
C LEU C 222 8.52 22.56 -51.03
N ASN C 223 7.86 21.55 -50.44
CA ASN C 223 8.61 20.42 -49.89
C ASN C 223 9.29 19.62 -50.99
N ALA C 224 8.61 19.45 -52.13
CA ALA C 224 9.22 18.74 -53.26
C ALA C 224 10.51 19.43 -53.71
N ARG C 225 10.46 20.75 -53.91
CA ARG C 225 11.66 21.49 -54.26
C ARG C 225 12.68 21.47 -53.13
N THR C 226 12.21 21.45 -51.88
CA THR C 226 13.14 21.42 -50.75
C THR C 226 13.93 20.11 -50.72
N ILE C 227 13.23 18.98 -50.79
CA ILE C 227 13.94 17.69 -50.74
C ILE C 227 14.71 17.46 -52.03
N LYS C 228 14.27 18.06 -53.13
CA LYS C 228 15.04 17.99 -54.38
C LYS C 228 16.42 18.60 -54.19
N GLU C 229 16.47 19.81 -53.61
CA GLU C 229 17.76 20.44 -53.32
C GLU C 229 18.58 19.60 -52.36
N TRP C 230 17.92 18.97 -51.37
CA TRP C 230 18.61 18.06 -50.47
C TRP C 230 19.29 16.93 -51.24
N ILE C 231 18.65 16.45 -52.31
CA ILE C 231 19.26 15.43 -53.15
C ILE C 231 20.40 16.02 -53.97
N VAL C 232 20.19 17.19 -54.55
CA VAL C 232 21.21 17.82 -55.38
C VAL C 232 22.40 18.24 -54.53
N SER C 233 22.15 18.68 -53.29
CA SER C 233 23.24 19.13 -52.43
C SER C 233 24.22 18.01 -52.10
N SER C 234 23.77 16.76 -52.14
CA SER C 234 24.60 15.63 -51.75
C SER C 234 25.02 14.74 -52.92
N LEU C 235 24.23 14.67 -53.99
CA LEU C 235 24.48 13.74 -55.08
C LEU C 235 24.71 14.41 -56.43
N GLY C 236 24.44 15.70 -56.57
CA GLY C 236 24.65 16.37 -57.83
C GLY C 236 23.36 16.63 -58.58
N PRO C 237 23.40 17.57 -59.53
CA PRO C 237 22.16 17.96 -60.23
C PRO C 237 21.55 16.86 -61.10
N GLN C 238 22.32 15.84 -61.47
CA GLN C 238 21.82 14.80 -62.35
C GLN C 238 21.12 13.67 -61.60
N ALA C 239 21.17 13.66 -60.27
CA ALA C 239 20.55 12.60 -59.49
C ALA C 239 19.04 12.79 -59.32
N VAL C 240 18.47 13.87 -59.87
CA VAL C 240 17.05 14.14 -59.67
C VAL C 240 16.19 13.08 -60.35
N SER C 241 16.59 12.66 -61.56
CA SER C 241 15.75 11.76 -62.34
C SER C 241 15.69 10.37 -61.72
N LYS C 242 16.81 9.87 -61.18
CA LYS C 242 16.87 8.53 -60.63
C LYS C 242 16.46 8.46 -59.16
N HIS C 243 16.18 9.60 -58.53
CA HIS C 243 15.82 9.61 -57.11
C HIS C 243 14.44 10.20 -56.83
N MET C 244 13.74 10.72 -57.83
CA MET C 244 12.44 11.35 -57.63
C MET C 244 11.47 10.86 -58.68
N ILE C 245 10.25 10.51 -58.25
CA ILE C 245 9.15 10.15 -59.13
C ILE C 245 7.91 10.91 -58.67
N ALA C 246 6.85 10.80 -59.45
CA ALA C 246 5.67 11.63 -59.22
C ALA C 246 4.39 10.84 -59.42
N VAL C 247 3.37 11.19 -58.64
CA VAL C 247 2.00 10.76 -58.87
C VAL C 247 1.21 12.00 -59.30
N SER C 248 1.13 12.23 -60.60
CA SER C 248 0.57 13.47 -61.12
C SER C 248 0.25 13.28 -62.61
N THR C 249 -0.51 14.22 -63.15
CA THR C 249 -0.87 14.21 -64.56
C THR C 249 -0.29 15.38 -65.35
N ASN C 250 0.24 16.39 -64.68
CA ASN C 250 0.87 17.53 -65.36
C ASN C 250 2.29 17.12 -65.75
N LEU C 251 2.39 16.44 -66.90
CA LEU C 251 3.66 15.89 -67.34
C LEU C 251 4.69 16.98 -67.63
N LYS C 252 4.24 18.18 -67.97
CA LYS C 252 5.18 19.26 -68.27
C LYS C 252 5.91 19.71 -67.01
N LEU C 253 5.18 20.01 -65.94
CA LEU C 253 5.81 20.43 -64.71
C LEU C 253 6.65 19.32 -64.10
N VAL C 254 6.26 18.07 -64.31
CA VAL C 254 7.03 16.95 -63.78
C VAL C 254 8.42 16.90 -64.43
N LYS C 255 8.49 17.10 -65.74
CA LYS C 255 9.78 17.09 -66.40
C LYS C 255 10.57 18.37 -66.10
N GLU C 256 9.90 19.51 -66.07
CA GLU C 256 10.57 20.75 -65.71
C GLU C 256 11.06 20.72 -64.27
N PHE C 257 10.42 19.92 -63.42
CA PHE C 257 10.92 19.67 -62.07
C PHE C 257 12.22 18.86 -62.09
N GLY C 258 12.44 18.09 -63.15
CA GLY C 258 13.60 17.21 -63.23
C GLY C 258 13.27 15.73 -63.14
N ILE C 259 12.00 15.35 -63.13
CA ILE C 259 11.58 13.97 -63.02
C ILE C 259 11.27 13.44 -64.41
N ASP C 260 11.70 12.20 -64.67
CA ASP C 260 11.42 11.54 -65.93
C ASP C 260 9.91 11.43 -66.12
N PRO C 261 9.35 11.94 -67.23
CA PRO C 261 7.90 11.80 -67.45
C PRO C 261 7.41 10.36 -67.42
N ASN C 262 8.23 9.39 -67.82
CA ASN C 262 7.80 8.00 -67.71
C ASN C 262 7.74 7.54 -66.26
N ASN C 263 8.37 8.27 -65.35
CA ASN C 263 8.27 7.99 -63.93
C ASN C 263 7.10 8.74 -63.27
N ALA C 264 6.11 9.15 -64.06
CA ALA C 264 4.91 9.79 -63.54
C ALA C 264 3.75 8.81 -63.60
N PHE C 265 3.02 8.69 -62.51
CA PHE C 265 1.90 7.75 -62.39
C PHE C 265 0.62 8.55 -62.19
N ALA C 266 -0.37 8.31 -63.05
CA ALA C 266 -1.52 9.18 -63.17
C ALA C 266 -2.70 8.66 -62.37
N PHE C 267 -3.47 9.60 -61.80
CA PHE C 267 -4.83 9.32 -61.37
C PHE C 267 -5.73 10.39 -61.96
N TRP C 268 -7.00 10.46 -61.55
CA TRP C 268 -7.99 11.18 -62.33
C TRP C 268 -8.83 12.09 -61.45
N ASP C 269 -9.56 12.99 -62.10
CA ASP C 269 -10.36 13.99 -61.39
C ASP C 269 -11.59 13.40 -60.73
N TRP C 270 -12.06 12.24 -61.19
CA TRP C 270 -13.13 11.54 -60.49
C TRP C 270 -12.61 10.75 -59.29
N VAL C 271 -11.38 11.01 -58.88
CA VAL C 271 -10.80 10.44 -57.67
C VAL C 271 -10.62 11.59 -56.69
N GLY C 272 -11.52 11.70 -55.72
CA GLY C 272 -11.37 12.72 -54.69
C GLY C 272 -10.14 12.48 -53.85
N GLY C 273 -9.61 13.58 -53.29
CA GLY C 273 -8.43 13.45 -52.44
C GLY C 273 -8.63 12.49 -51.30
N ARG C 274 -9.74 12.65 -50.57
CA ARG C 274 -10.06 11.79 -49.44
C ARG C 274 -10.51 10.39 -49.87
N TYR C 275 -10.55 10.10 -51.16
CA TYR C 275 -10.87 8.77 -51.67
C TYR C 275 -9.79 8.26 -52.61
N SER C 276 -8.55 8.70 -52.41
CA SER C 276 -7.47 8.49 -53.38
C SER C 276 -6.45 7.45 -52.96
N VAL C 277 -6.60 6.84 -51.78
CA VAL C 277 -5.60 5.88 -51.31
C VAL C 277 -5.57 4.65 -52.21
N CYS C 278 -6.71 4.29 -52.81
CA CYS C 278 -6.74 3.16 -53.73
C CYS C 278 -6.22 3.50 -55.11
N SER C 279 -5.92 4.77 -55.38
CA SER C 279 -5.31 5.17 -56.65
C SER C 279 -3.80 5.03 -56.54
N ALA C 280 -3.07 5.54 -57.55
CA ALA C 280 -1.62 5.55 -57.47
C ALA C 280 -1.12 6.39 -56.30
N VAL C 281 -1.96 7.29 -55.77
CA VAL C 281 -1.60 8.07 -54.59
C VAL C 281 -1.14 7.16 -53.46
N GLY C 282 -1.85 6.05 -53.24
CA GLY C 282 -1.49 5.13 -52.19
C GLY C 282 -0.84 3.86 -52.69
N VAL C 283 -1.30 3.35 -53.83
CA VAL C 283 -0.83 2.05 -54.31
C VAL C 283 0.66 2.11 -54.65
N LEU C 284 1.13 3.23 -55.22
CA LEU C 284 2.54 3.30 -55.59
C LEU C 284 3.46 3.26 -54.37
N PRO C 285 3.33 4.14 -53.37
CA PRO C 285 4.25 4.05 -52.23
C PRO C 285 4.08 2.76 -51.44
N LEU C 286 2.85 2.25 -51.34
CA LEU C 286 2.62 1.01 -50.60
C LEU C 286 3.17 -0.19 -51.33
N SER C 287 3.17 -0.17 -52.67
CA SER C 287 3.75 -1.29 -53.42
C SER C 287 5.27 -1.29 -53.35
N LEU C 288 5.89 -0.13 -53.12
CA LEU C 288 7.33 -0.10 -52.94
C LEU C 288 7.72 -0.65 -51.58
N GLN C 289 6.91 -0.38 -50.55
CA GLN C 289 7.24 -0.81 -49.21
C GLN C 289 6.86 -2.27 -48.98
N TYR C 290 5.65 -2.66 -49.35
CA TYR C 290 5.14 -3.99 -49.05
C TYR C 290 5.00 -4.90 -50.26
N GLY C 291 5.26 -4.41 -51.46
CA GLY C 291 5.01 -5.20 -52.65
C GLY C 291 3.59 -5.07 -53.15
N PHE C 292 3.43 -5.34 -54.45
CA PHE C 292 2.13 -5.18 -55.09
C PHE C 292 1.14 -6.30 -54.72
N PRO C 293 1.58 -7.56 -54.55
CA PRO C 293 0.63 -8.57 -54.04
C PRO C 293 -0.05 -8.20 -52.74
N ILE C 294 0.67 -7.54 -51.82
CA ILE C 294 0.06 -7.11 -50.57
C ILE C 294 -0.99 -6.04 -50.82
N VAL C 295 -0.64 -5.04 -51.64
CA VAL C 295 -1.58 -3.96 -51.92
C VAL C 295 -2.74 -4.45 -52.77
N GLN C 296 -2.51 -5.47 -53.60
CA GLN C 296 -3.61 -6.04 -54.38
C GLN C 296 -4.63 -6.70 -53.46
N LYS C 297 -4.17 -7.35 -52.39
CA LYS C 297 -5.09 -7.91 -51.40
C LYS C 297 -5.88 -6.79 -50.73
N PHE C 298 -5.22 -5.67 -50.44
CA PHE C 298 -5.90 -4.51 -49.87
C PHE C 298 -7.00 -4.00 -50.80
N LEU C 299 -6.68 -3.87 -52.09
CA LEU C 299 -7.67 -3.43 -53.07
C LEU C 299 -8.83 -4.41 -53.18
N GLU C 300 -8.53 -5.71 -53.09
CA GLU C 300 -9.59 -6.71 -53.21
C GLU C 300 -10.53 -6.67 -52.00
N GLY C 301 -10.01 -6.33 -50.83
CA GLY C 301 -10.88 -6.16 -49.68
C GLY C 301 -11.86 -5.01 -49.86
N ALA C 302 -11.35 -3.85 -50.27
CA ALA C 302 -12.23 -2.72 -50.56
C ALA C 302 -13.18 -3.05 -51.70
N SER C 303 -12.73 -3.85 -52.67
CA SER C 303 -13.59 -4.22 -53.79
C SER C 303 -14.73 -5.11 -53.33
N SER C 304 -14.49 -5.98 -52.35
CA SER C 304 -15.55 -6.86 -51.88
C SER C 304 -16.65 -6.06 -51.17
N ILE C 305 -16.30 -4.97 -50.50
CA ILE C 305 -17.31 -4.14 -49.84
C ILE C 305 -18.06 -3.29 -50.88
N ASP C 306 -17.38 -2.88 -51.95
CA ASP C 306 -18.06 -2.12 -53.01
C ASP C 306 -19.21 -2.93 -53.61
N ASN C 307 -18.99 -4.23 -53.84
CA ASN C 307 -20.06 -5.09 -54.32
C ASN C 307 -21.16 -5.25 -53.28
N HIS C 308 -20.76 -5.49 -52.02
CA HIS C 308 -21.73 -5.61 -50.94
C HIS C 308 -22.55 -4.34 -50.78
N PHE C 309 -21.90 -3.18 -50.87
CA PHE C 309 -22.61 -1.91 -50.74
C PHE C 309 -23.57 -1.69 -51.91
N HIS C 310 -23.17 -2.13 -53.11
CA HIS C 310 -23.96 -1.84 -54.32
C HIS C 310 -25.13 -2.81 -54.49
N THR C 311 -25.01 -4.04 -54.01
CA THR C 311 -25.97 -5.07 -54.33
C THR C 311 -26.84 -5.53 -53.16
N SER C 312 -26.34 -5.49 -51.93
CA SER C 312 -27.04 -6.10 -50.81
C SER C 312 -28.26 -5.28 -50.40
N SER C 313 -29.28 -5.98 -49.91
CA SER C 313 -30.48 -5.34 -49.39
C SER C 313 -30.15 -4.54 -48.14
N PHE C 314 -31.01 -3.57 -47.82
CA PHE C 314 -30.69 -2.58 -46.81
C PHE C 314 -30.58 -3.17 -45.41
N GLU C 315 -31.38 -4.20 -45.09
CA GLU C 315 -31.27 -4.81 -43.77
C GLU C 315 -29.95 -5.54 -43.59
N LYS C 316 -29.29 -5.93 -44.68
CA LYS C 316 -27.99 -6.58 -44.63
C LYS C 316 -26.85 -5.67 -45.06
N ASN C 317 -27.16 -4.45 -45.49
CA ASN C 317 -26.16 -3.55 -46.07
C ASN C 317 -25.48 -2.78 -44.95
N ILE C 318 -24.24 -3.13 -44.65
CA ILE C 318 -23.52 -2.57 -43.51
C ILE C 318 -23.24 -1.08 -43.69
N PRO C 319 -22.70 -0.61 -44.82
CA PRO C 319 -22.50 0.84 -44.96
C PRO C 319 -23.79 1.63 -44.93
N VAL C 320 -24.90 1.07 -45.43
CA VAL C 320 -26.17 1.78 -45.37
C VAL C 320 -26.68 1.84 -43.93
N LEU C 321 -26.61 0.72 -43.22
CA LEU C 321 -27.01 0.70 -41.81
C LEU C 321 -26.21 1.72 -41.02
N LEU C 322 -24.89 1.77 -41.23
CA LEU C 322 -24.05 2.70 -40.49
C LEU C 322 -24.41 4.15 -40.81
N GLY C 323 -24.55 4.47 -42.09
CA GLY C 323 -24.89 5.83 -42.48
C GLY C 323 -26.23 6.28 -41.97
N LEU C 324 -27.21 5.38 -41.92
CA LEU C 324 -28.53 5.74 -41.40
C LEU C 324 -28.47 5.96 -39.89
N LEU C 325 -27.78 5.08 -39.16
CA LEU C 325 -27.70 5.21 -37.71
C LEU C 325 -26.96 6.48 -37.30
N SER C 326 -26.00 6.92 -38.11
CA SER C 326 -25.31 8.17 -37.82
C SER C 326 -26.24 9.37 -38.03
N VAL C 327 -27.01 9.36 -39.11
CA VAL C 327 -27.99 10.42 -39.34
C VAL C 327 -29.02 10.44 -38.20
N TRP C 328 -29.42 9.26 -37.74
CA TRP C 328 -30.31 9.18 -36.59
C TRP C 328 -29.70 9.85 -35.36
N ASN C 329 -28.44 9.51 -35.05
CA ASN C 329 -27.77 10.12 -33.90
C ASN C 329 -27.57 11.61 -34.12
N VAL C 330 -27.20 12.02 -35.33
CA VAL C 330 -26.84 13.41 -35.58
C VAL C 330 -28.08 14.28 -35.71
N SER C 331 -28.96 13.94 -36.64
CA SER C 331 -30.04 14.84 -37.05
C SER C 331 -31.32 14.65 -36.25
N PHE C 332 -31.44 13.57 -35.47
CA PHE C 332 -32.66 13.33 -34.71
C PHE C 332 -32.43 13.21 -33.21
N LEU C 333 -31.31 12.62 -32.79
CA LEU C 333 -30.98 12.60 -31.37
C LEU C 333 -30.16 13.82 -30.96
N GLY C 334 -29.56 14.53 -31.90
CA GLY C 334 -28.91 15.78 -31.61
C GLY C 334 -27.44 15.71 -31.22
N TYR C 335 -26.79 14.58 -31.44
CA TYR C 335 -25.39 14.43 -31.04
C TYR C 335 -24.48 15.01 -32.10
N PRO C 336 -23.71 16.07 -31.80
CA PRO C 336 -22.90 16.72 -32.85
C PRO C 336 -21.59 16.03 -33.15
N ALA C 337 -21.11 15.14 -32.28
CA ALA C 337 -19.80 14.53 -32.45
C ALA C 337 -19.90 13.01 -32.48
N ARG C 338 -18.83 12.38 -32.98
CA ARG C 338 -18.74 10.94 -33.09
C ARG C 338 -17.31 10.52 -32.79
N ALA C 339 -17.15 9.45 -32.02
CA ALA C 339 -15.84 8.98 -31.58
C ALA C 339 -15.49 7.68 -32.30
N ILE C 340 -14.31 7.67 -32.93
CA ILE C 340 -13.80 6.51 -33.63
C ILE C 340 -12.79 5.84 -32.71
N LEU C 341 -13.16 4.70 -32.13
CA LEU C 341 -12.39 4.06 -31.06
C LEU C 341 -12.04 2.64 -31.46
N PRO C 342 -11.01 2.46 -32.28
CA PRO C 342 -10.57 1.09 -32.61
C PRO C 342 -9.64 0.57 -31.53
N TYR C 343 -9.91 -0.65 -31.05
CA TYR C 343 -9.06 -1.27 -30.05
C TYR C 343 -7.93 -2.05 -30.74
N SER C 344 -7.08 -1.28 -31.41
CA SER C 344 -5.97 -1.83 -32.19
C SER C 344 -4.95 -0.72 -32.39
N GLN C 345 -3.74 -0.92 -31.88
CA GLN C 345 -2.69 0.06 -32.12
C GLN C 345 -2.35 0.15 -33.59
N ALA C 346 -2.55 -0.92 -34.35
CA ALA C 346 -2.36 -0.88 -35.79
C ALA C 346 -3.28 0.16 -36.44
N LEU C 347 -4.46 0.38 -35.88
CA LEU C 347 -5.39 1.39 -36.37
C LEU C 347 -5.19 2.75 -35.70
N GLU C 348 -3.96 3.02 -35.25
CA GLU C 348 -3.67 4.30 -34.61
C GLU C 348 -3.99 5.49 -35.51
N LYS C 349 -3.80 5.32 -36.82
CA LYS C 349 -4.01 6.40 -37.77
C LYS C 349 -5.32 6.25 -38.55
N LEU C 350 -6.29 5.51 -38.02
CA LEU C 350 -7.59 5.42 -38.65
C LEU C 350 -8.43 6.66 -38.38
N ALA C 351 -8.50 7.08 -37.12
CA ALA C 351 -9.30 8.25 -36.76
C ALA C 351 -8.87 9.52 -37.50
N PRO C 352 -7.59 9.85 -37.65
CA PRO C 352 -7.24 11.04 -38.43
C PRO C 352 -7.69 10.97 -39.88
N HIS C 353 -7.73 9.78 -40.49
CA HIS C 353 -8.21 9.69 -41.86
C HIS C 353 -9.72 9.81 -41.92
N ILE C 354 -10.44 9.14 -41.01
CA ILE C 354 -11.89 9.30 -40.91
C ILE C 354 -12.25 10.76 -40.69
N GLN C 355 -11.40 11.49 -39.97
CA GLN C 355 -11.63 12.91 -39.71
C GLN C 355 -11.76 13.69 -41.01
N GLN C 356 -10.79 13.55 -41.91
CA GLN C 356 -10.88 14.23 -43.20
C GLN C 356 -12.01 13.65 -44.04
N LEU C 357 -12.06 12.32 -44.14
CA LEU C 357 -13.06 11.67 -44.98
C LEU C 357 -14.47 12.13 -44.63
N SER C 358 -14.78 12.18 -43.33
CA SER C 358 -16.13 12.53 -42.90
C SER C 358 -16.39 14.03 -42.98
N MET C 359 -15.52 14.83 -42.36
CA MET C 359 -15.83 16.25 -42.18
C MET C 359 -15.62 17.05 -43.46
N GLU C 360 -14.60 16.71 -44.25
CA GLU C 360 -14.43 17.38 -45.53
C GLU C 360 -15.53 17.00 -46.51
N SER C 361 -16.07 15.78 -46.39
CA SER C 361 -17.17 15.38 -47.27
C SER C 361 -18.48 16.03 -46.87
N ASN C 362 -18.79 16.05 -45.57
CA ASN C 362 -20.14 16.38 -45.12
C ASN C 362 -20.22 17.65 -44.27
N GLY C 363 -19.10 18.35 -44.09
CA GLY C 363 -19.16 19.65 -43.44
C GLY C 363 -19.69 20.71 -44.39
N LYS C 364 -20.98 20.63 -44.70
CA LYS C 364 -21.61 21.48 -45.71
C LYS C 364 -22.79 22.23 -45.10
N GLY C 365 -23.11 23.37 -45.70
CA GLY C 365 -24.20 24.21 -45.21
C GLY C 365 -25.37 24.33 -46.17
N VAL C 366 -25.19 23.87 -47.40
CA VAL C 366 -26.24 23.94 -48.42
C VAL C 366 -26.45 22.56 -49.01
N SER C 367 -27.64 22.36 -49.57
CA SER C 367 -27.93 21.13 -50.29
C SER C 367 -27.12 21.07 -51.58
N ILE C 368 -27.21 19.93 -52.26
CA ILE C 368 -26.51 19.78 -53.53
C ILE C 368 -27.04 20.74 -54.58
N ASP C 369 -28.28 21.21 -54.43
CA ASP C 369 -28.90 22.15 -55.35
C ASP C 369 -28.77 23.59 -54.88
N GLY C 370 -28.01 23.85 -53.82
CA GLY C 370 -27.74 25.20 -53.39
C GLY C 370 -28.72 25.81 -52.42
N VAL C 371 -29.61 25.02 -51.84
CA VAL C 371 -30.55 25.52 -50.83
C VAL C 371 -29.88 25.46 -49.46
N ARG C 372 -29.90 26.58 -48.74
CA ARG C 372 -29.31 26.62 -47.41
C ARG C 372 -30.04 25.67 -46.48
N LEU C 373 -29.29 24.79 -45.81
CA LEU C 373 -29.90 23.79 -44.95
C LEU C 373 -30.44 24.43 -43.68
N PRO C 374 -31.66 24.07 -43.26
CA PRO C 374 -32.17 24.55 -41.97
C PRO C 374 -31.64 23.78 -40.78
N TYR C 375 -30.90 22.70 -41.02
CA TYR C 375 -30.28 21.88 -39.99
C TYR C 375 -28.79 21.79 -40.28
N GLU C 376 -28.04 21.24 -39.33
CA GLU C 376 -26.61 21.02 -39.51
C GLU C 376 -26.33 19.58 -39.87
N ALA C 377 -25.31 19.37 -40.69
CA ALA C 377 -25.07 18.08 -41.30
C ALA C 377 -23.88 17.37 -40.65
N GLY C 378 -22.77 17.26 -41.38
CA GLY C 378 -21.63 16.48 -40.97
C GLY C 378 -21.17 16.63 -39.54
N GLU C 379 -21.01 15.51 -38.84
CA GLU C 379 -20.65 15.52 -37.43
C GLU C 379 -19.17 15.81 -37.26
N ILE C 380 -18.79 16.09 -36.01
CA ILE C 380 -17.41 16.32 -35.64
C ILE C 380 -16.81 14.97 -35.24
N ASP C 381 -15.80 14.52 -35.98
CA ASP C 381 -15.22 13.20 -35.80
C ASP C 381 -13.85 13.30 -35.15
N PHE C 382 -13.64 12.51 -34.11
CA PHE C 382 -12.34 12.40 -33.46
C PHE C 382 -12.17 10.96 -32.99
N GLY C 383 -10.98 10.66 -32.48
CA GLY C 383 -10.75 9.35 -31.94
C GLY C 383 -9.30 9.02 -31.63
N GLU C 384 -9.11 8.11 -30.69
CA GLU C 384 -7.82 7.53 -30.35
C GLU C 384 -8.05 6.04 -30.17
N PRO C 385 -7.06 5.21 -30.49
CA PRO C 385 -7.24 3.77 -30.35
C PRO C 385 -7.32 3.34 -28.89
N GLY C 386 -8.11 2.30 -28.64
CA GLY C 386 -8.11 1.67 -27.33
C GLY C 386 -6.87 0.81 -27.15
N THR C 387 -6.33 0.80 -25.93
CA THR C 387 -6.95 1.47 -24.78
C THR C 387 -6.42 2.89 -24.54
N ASN C 388 -5.67 3.43 -25.50
CA ASN C 388 -5.08 4.77 -25.33
C ASN C 388 -6.17 5.79 -25.02
N GLY C 389 -7.13 5.95 -25.94
CA GLY C 389 -8.19 6.92 -25.73
C GLY C 389 -9.06 6.61 -24.53
N GLN C 390 -9.13 5.33 -24.13
CA GLN C 390 -9.90 4.95 -22.96
C GLN C 390 -9.40 5.66 -21.72
N HIS C 391 -8.08 5.76 -21.56
CA HIS C 391 -7.48 6.48 -20.45
C HIS C 391 -7.21 7.94 -20.78
N SER C 392 -7.95 8.51 -21.73
CA SER C 392 -7.80 9.92 -22.10
C SER C 392 -9.11 10.68 -21.92
N PHE C 393 -10.15 10.35 -22.69
CA PHE C 393 -11.38 11.15 -22.69
C PHE C 393 -12.65 10.36 -22.39
N TYR C 394 -12.56 9.08 -22.04
CA TYR C 394 -13.76 8.30 -21.76
C TYR C 394 -14.52 8.82 -20.55
N GLN C 395 -13.87 9.62 -19.70
CA GLN C 395 -14.56 10.25 -18.57
C GLN C 395 -15.74 11.08 -19.05
N LEU C 396 -15.51 11.94 -20.05
CA LEU C 396 -16.60 12.75 -20.60
C LEU C 396 -17.63 11.87 -21.31
N ILE C 397 -17.17 10.87 -22.04
CA ILE C 397 -18.07 9.99 -22.79
C ILE C 397 -19.02 9.25 -21.86
N HIS C 398 -18.63 9.04 -20.60
CA HIS C 398 -19.49 8.35 -19.64
C HIS C 398 -20.33 9.29 -18.78
N GLN C 399 -19.82 10.46 -18.41
CA GLN C 399 -20.54 11.34 -17.51
C GLN C 399 -20.71 12.77 -18.00
N GLY C 400 -20.15 13.12 -19.15
CA GLY C 400 -20.32 14.44 -19.73
C GLY C 400 -21.26 14.43 -20.91
N ARG C 401 -20.87 15.12 -21.98
CA ARG C 401 -21.66 15.11 -23.20
C ARG C 401 -21.72 13.71 -23.79
N VAL C 402 -22.86 13.38 -24.39
CA VAL C 402 -23.05 12.06 -25.00
C VAL C 402 -22.41 12.06 -26.39
N ILE C 403 -21.59 11.05 -26.64
CA ILE C 403 -20.93 10.90 -27.93
C ILE C 403 -21.12 9.48 -28.44
N PRO C 404 -21.86 9.26 -29.53
CA PRO C 404 -21.96 7.91 -30.09
C PRO C 404 -20.59 7.40 -30.51
N CYS C 405 -20.33 6.12 -30.24
CA CYS C 405 -18.99 5.56 -30.36
C CYS C 405 -18.97 4.46 -31.41
N ASP C 406 -17.87 4.42 -32.18
CA ASP C 406 -17.55 3.32 -33.07
C ASP C 406 -16.45 2.49 -32.40
N PHE C 407 -16.82 1.33 -31.87
CA PHE C 407 -15.85 0.41 -31.31
C PHE C 407 -15.47 -0.61 -32.37
N ILE C 408 -14.17 -0.81 -32.56
CA ILE C 408 -13.65 -1.76 -33.55
C ILE C 408 -12.72 -2.73 -32.83
N GLY C 409 -13.01 -4.02 -32.96
CA GLY C 409 -12.18 -5.04 -32.36
C GLY C 409 -11.82 -6.10 -33.38
N VAL C 410 -10.66 -6.71 -33.16
CA VAL C 410 -10.12 -7.75 -34.05
C VAL C 410 -9.93 -9.02 -33.23
N ILE C 411 -10.44 -10.14 -33.76
CA ILE C 411 -10.35 -11.41 -33.04
C ILE C 411 -8.91 -11.92 -33.03
N LYS C 412 -8.31 -12.03 -34.21
CA LYS C 412 -6.95 -12.56 -34.35
C LYS C 412 -5.95 -11.41 -34.24
N SER C 413 -4.97 -11.57 -33.35
CA SER C 413 -3.99 -10.52 -33.10
C SER C 413 -2.90 -10.55 -34.15
N GLN C 414 -2.52 -9.36 -34.64
CA GLN C 414 -1.37 -9.25 -35.54
C GLN C 414 -0.09 -9.74 -34.88
N GLN C 415 0.07 -9.46 -33.60
CA GLN C 415 1.31 -9.76 -32.87
C GLN C 415 0.96 -10.37 -31.54
N PRO C 416 0.57 -11.65 -31.52
CA PRO C 416 0.12 -12.26 -30.27
C PRO C 416 1.25 -12.40 -29.25
N VAL C 417 0.92 -12.13 -28.00
CA VAL C 417 1.85 -12.23 -26.88
C VAL C 417 1.17 -12.95 -25.74
N TYR C 418 1.87 -13.90 -25.12
CA TYR C 418 1.41 -14.51 -23.89
C TYR C 418 2.63 -14.88 -23.05
N LEU C 419 2.57 -14.55 -21.76
CA LEU C 419 3.61 -14.90 -20.81
C LEU C 419 3.10 -16.05 -19.94
N LYS C 420 3.98 -16.99 -19.62
CA LYS C 420 3.60 -18.12 -18.80
C LYS C 420 3.12 -17.65 -17.44
N GLY C 421 1.96 -18.15 -17.01
CA GLY C 421 1.39 -17.81 -15.72
C GLY C 421 0.38 -16.67 -15.75
N GLU C 422 0.23 -15.99 -16.87
CA GLU C 422 -0.69 -14.87 -16.95
C GLU C 422 -2.14 -15.35 -16.94
N THR C 423 -3.01 -14.54 -16.34
CA THR C 423 -4.44 -14.83 -16.36
C THR C 423 -4.98 -14.81 -17.78
N VAL C 424 -4.56 -13.83 -18.57
CA VAL C 424 -5.03 -13.67 -19.95
C VAL C 424 -3.84 -13.29 -20.83
N SER C 425 -3.95 -13.65 -22.10
CA SER C 425 -3.00 -13.16 -23.09
C SER C 425 -3.11 -11.65 -23.20
N ASN C 426 -2.06 -11.03 -23.76
CA ASN C 426 -2.07 -9.58 -23.91
C ASN C 426 -3.23 -9.12 -24.79
N HIS C 427 -3.48 -9.82 -25.89
CA HIS C 427 -4.58 -9.46 -26.76
C HIS C 427 -5.93 -9.67 -26.09
N ASP C 428 -6.03 -10.69 -25.21
CA ASP C 428 -7.26 -10.89 -24.44
C ASP C 428 -7.47 -9.76 -23.44
N GLU C 429 -6.38 -9.27 -22.82
CA GLU C 429 -6.50 -8.14 -21.92
C GLU C 429 -7.00 -6.90 -22.64
N LEU C 430 -6.50 -6.67 -23.87
CA LEU C 430 -6.96 -5.54 -24.66
C LEU C 430 -8.44 -5.68 -24.99
N MET C 431 -8.86 -6.89 -25.41
CA MET C 431 -10.23 -7.09 -25.84
C MET C 431 -11.21 -7.12 -24.68
N SER C 432 -10.74 -7.37 -23.45
CA SER C 432 -11.62 -7.30 -22.29
C SER C 432 -12.28 -5.94 -22.21
N ASN C 433 -11.56 -4.88 -22.55
CA ASN C 433 -12.13 -3.55 -22.57
C ASN C 433 -13.05 -3.36 -23.77
N PHE C 434 -12.70 -3.95 -24.91
CA PHE C 434 -13.55 -3.86 -26.10
C PHE C 434 -14.95 -4.39 -25.85
N PHE C 435 -15.08 -5.42 -25.01
CA PHE C 435 -16.39 -5.99 -24.72
C PHE C 435 -17.10 -5.26 -23.59
N ALA C 436 -16.36 -4.70 -22.64
CA ALA C 436 -16.98 -4.12 -21.46
C ALA C 436 -17.50 -2.71 -21.71
N GLN C 437 -16.67 -1.84 -22.31
CA GLN C 437 -17.01 -0.43 -22.47
C GLN C 437 -18.36 -0.20 -23.15
N PRO C 438 -18.73 -0.89 -24.25
CA PRO C 438 -20.07 -0.66 -24.81
C PRO C 438 -21.19 -1.04 -23.87
N ASP C 439 -21.03 -2.07 -23.05
CA ASP C 439 -22.05 -2.40 -22.06
C ASP C 439 -22.06 -1.38 -20.93
N ALA C 440 -20.89 -0.89 -20.53
CA ALA C 440 -20.83 0.15 -19.50
C ALA C 440 -21.57 1.40 -19.96
N LEU C 441 -21.44 1.76 -21.24
CA LEU C 441 -22.14 2.93 -21.77
C LEU C 441 -23.65 2.70 -21.80
N ALA C 442 -24.08 1.48 -22.10
CA ALA C 442 -25.50 1.21 -22.29
C ALA C 442 -26.24 1.10 -20.97
N TYR C 443 -25.64 0.43 -19.98
CA TYR C 443 -26.34 0.16 -18.73
C TYR C 443 -26.20 1.29 -17.71
N GLY C 444 -25.02 1.89 -17.60
CA GLY C 444 -24.81 2.83 -16.52
C GLY C 444 -24.87 2.14 -15.16
N LYS C 445 -24.87 2.97 -14.12
CA LYS C 445 -25.01 2.48 -12.75
C LYS C 445 -25.90 3.43 -11.98
N THR C 446 -27.06 2.95 -11.55
CA THR C 446 -28.04 3.78 -10.88
C THR C 446 -27.57 4.16 -9.49
N PRO C 447 -28.11 5.25 -8.94
CA PRO C 447 -27.83 5.57 -7.53
C PRO C 447 -28.34 4.52 -6.55
N GLU C 448 -29.36 3.73 -6.94
CA GLU C 448 -29.80 2.64 -6.08
C GLU C 448 -28.77 1.52 -6.02
N GLN C 449 -28.17 1.18 -7.16
CA GLN C 449 -27.08 0.20 -7.18
C GLN C 449 -25.93 0.68 -6.32
N LEU C 450 -25.66 1.99 -6.32
CA LEU C 450 -24.55 2.51 -5.53
C LEU C 450 -24.87 2.51 -4.04
N HIS C 451 -26.06 3.00 -3.68
CA HIS C 451 -26.47 2.95 -2.27
C HIS C 451 -26.57 1.52 -1.78
N SER C 452 -26.94 0.59 -2.67
CA SER C 452 -26.93 -0.83 -2.30
C SER C 452 -25.53 -1.31 -1.96
N GLU C 453 -24.50 -0.75 -2.60
CA GLU C 453 -23.12 -1.12 -2.35
C GLU C 453 -22.46 -0.29 -1.25
N LYS C 454 -23.27 0.38 -0.42
CA LYS C 454 -22.79 1.10 0.77
C LYS C 454 -21.86 2.25 0.42
N VAL C 455 -22.04 2.86 -0.75
CA VAL C 455 -21.26 4.02 -1.16
C VAL C 455 -21.84 5.25 -0.45
N PRO C 456 -21.00 6.12 0.13
CA PRO C 456 -21.53 7.27 0.88
C PRO C 456 -22.45 8.14 0.03
N GLU C 457 -23.47 8.69 0.69
CA GLU C 457 -24.49 9.46 -0.01
C GLU C 457 -23.92 10.69 -0.70
N ASN C 458 -22.85 11.28 -0.13
CA ASN C 458 -22.24 12.45 -0.72
C ASN C 458 -21.39 12.13 -1.95
N LEU C 459 -21.20 10.84 -2.26
CA LEU C 459 -20.45 10.43 -3.44
C LEU C 459 -21.31 9.82 -4.55
N ILE C 460 -22.56 9.43 -4.23
CA ILE C 460 -23.37 8.68 -5.19
C ILE C 460 -23.67 9.53 -6.42
N SER C 461 -23.95 10.82 -6.23
CA SER C 461 -24.17 11.69 -7.38
C SER C 461 -22.94 11.72 -8.29
N HIS C 462 -21.75 11.74 -7.69
CA HIS C 462 -20.53 11.78 -8.48
C HIS C 462 -20.18 10.43 -9.11
N LYS C 463 -20.70 9.33 -8.56
CA LYS C 463 -20.45 8.01 -9.08
C LYS C 463 -21.60 7.48 -9.94
N THR C 464 -22.63 8.29 -10.17
CA THR C 464 -23.76 7.85 -10.97
C THR C 464 -23.39 7.83 -12.45
N PHE C 465 -23.72 6.73 -13.13
CA PHE C 465 -23.65 6.65 -14.59
C PHE C 465 -25.06 6.56 -15.11
N GLN C 466 -25.46 7.54 -15.92
CA GLN C 466 -26.83 7.58 -16.43
C GLN C 466 -27.09 6.46 -17.42
N GLY C 467 -26.07 6.00 -18.14
CA GLY C 467 -26.31 4.98 -19.11
C GLY C 467 -27.12 5.49 -20.29
N ASN C 468 -27.65 4.53 -21.06
CA ASN C 468 -28.45 4.82 -22.25
C ASN C 468 -27.67 5.66 -23.26
N ARG C 469 -26.37 5.41 -23.35
CA ARG C 469 -25.49 6.13 -24.27
C ARG C 469 -25.08 5.19 -25.40
N PRO C 470 -25.27 5.60 -26.65
CA PRO C 470 -25.21 4.64 -27.75
C PRO C 470 -23.80 4.28 -28.19
N SER C 471 -23.69 3.09 -28.77
CA SER C 471 -22.43 2.61 -29.31
C SER C 471 -22.71 1.58 -30.39
N LEU C 472 -21.70 1.32 -31.21
CA LEU C 472 -21.73 0.23 -32.18
C LEU C 472 -20.37 -0.46 -32.13
N SER C 473 -20.37 -1.74 -32.51
CA SER C 473 -19.17 -2.58 -32.35
C SER C 473 -18.90 -3.36 -33.63
N PHE C 474 -17.72 -3.12 -34.21
CA PHE C 474 -17.19 -3.97 -35.27
C PHE C 474 -16.36 -5.09 -34.64
N LEU C 475 -16.58 -6.32 -35.09
CA LEU C 475 -15.73 -7.45 -34.73
C LEU C 475 -15.16 -8.03 -36.01
N LEU C 476 -13.86 -7.84 -36.23
CA LEU C 476 -13.19 -8.30 -37.44
C LEU C 476 -12.47 -9.62 -37.18
N SER C 477 -12.45 -10.47 -38.21
CA SER C 477 -11.79 -11.76 -38.11
C SER C 477 -10.28 -11.59 -37.94
N SER C 478 -9.68 -10.72 -38.76
CA SER C 478 -8.26 -10.42 -38.66
C SER C 478 -8.02 -9.02 -39.21
N LEU C 479 -6.76 -8.61 -39.24
CA LEU C 479 -6.38 -7.30 -39.77
C LEU C 479 -5.18 -7.48 -40.69
N SER C 480 -5.40 -8.14 -41.82
CA SER C 480 -4.43 -8.18 -42.91
C SER C 480 -4.85 -7.18 -43.98
N ALA C 481 -4.10 -7.17 -45.08
CA ALA C 481 -4.36 -6.19 -46.14
C ALA C 481 -5.82 -6.26 -46.61
N TYR C 482 -6.37 -7.46 -46.74
CA TYR C 482 -7.74 -7.62 -47.19
C TYR C 482 -8.71 -6.93 -46.25
N GLU C 483 -8.57 -7.16 -44.94
CA GLU C 483 -9.50 -6.60 -43.98
C GLU C 483 -9.32 -5.10 -43.80
N ILE C 484 -8.10 -4.60 -44.00
CA ILE C 484 -7.89 -3.16 -43.96
C ILE C 484 -8.62 -2.49 -45.12
N GLY C 485 -8.58 -3.12 -46.31
CA GLY C 485 -9.34 -2.58 -47.43
C GLY C 485 -10.83 -2.61 -47.18
N GLN C 486 -11.33 -3.66 -46.53
CA GLN C 486 -12.75 -3.72 -46.20
C GLN C 486 -13.14 -2.59 -45.26
N LEU C 487 -12.35 -2.35 -44.22
CA LEU C 487 -12.66 -1.30 -43.27
C LEU C 487 -12.64 0.07 -43.93
N LEU C 488 -11.70 0.29 -44.84
CA LEU C 488 -11.62 1.58 -45.54
C LEU C 488 -12.86 1.81 -46.40
N SER C 489 -13.27 0.79 -47.15
CA SER C 489 -14.42 0.95 -48.04
C SER C 489 -15.71 1.13 -47.25
N ILE C 490 -15.82 0.46 -46.10
CA ILE C 490 -17.00 0.60 -45.27
C ILE C 490 -17.23 2.06 -44.90
N TYR C 491 -16.17 2.74 -44.45
CA TYR C 491 -16.32 4.13 -44.03
C TYR C 491 -16.54 5.05 -45.23
N GLU C 492 -15.83 4.80 -46.34
CA GLU C 492 -16.01 5.64 -47.54
C GLU C 492 -17.46 5.62 -48.00
N HIS C 493 -18.12 4.46 -47.92
CA HIS C 493 -19.52 4.36 -48.34
C HIS C 493 -20.47 4.90 -47.29
N ARG C 494 -20.16 4.67 -46.01
CA ARG C 494 -20.99 5.21 -44.93
C ARG C 494 -21.09 6.73 -45.02
N ILE C 495 -19.97 7.40 -45.25
CA ILE C 495 -19.99 8.85 -45.40
C ILE C 495 -20.82 9.26 -46.61
N ALA C 496 -20.73 8.48 -47.69
CA ALA C 496 -21.55 8.76 -48.87
C ALA C 496 -23.03 8.60 -48.54
N VAL C 497 -23.38 7.60 -47.73
CA VAL C 497 -24.78 7.39 -47.39
C VAL C 497 -25.32 8.56 -46.58
N GLN C 498 -24.54 9.04 -45.60
CA GLN C 498 -24.97 10.17 -44.80
C GLN C 498 -25.18 11.42 -45.67
N GLY C 499 -24.23 11.70 -46.56
CA GLY C 499 -24.39 12.82 -47.47
C GLY C 499 -25.54 12.62 -48.44
N PHE C 500 -25.81 11.38 -48.83
CA PHE C 500 -26.94 11.12 -49.72
C PHE C 500 -28.27 11.33 -49.02
N ILE C 501 -28.36 10.94 -47.74
CA ILE C 501 -29.61 11.13 -47.00
C ILE C 501 -29.83 12.61 -46.71
N TRP C 502 -28.78 13.32 -46.29
CA TRP C 502 -28.86 14.75 -46.07
C TRP C 502 -29.09 15.54 -47.35
N GLY C 503 -28.89 14.92 -48.51
CA GLY C 503 -29.09 15.62 -49.77
C GLY C 503 -28.03 16.66 -50.07
N ILE C 504 -26.82 16.50 -49.54
CA ILE C 504 -25.73 17.43 -49.79
C ILE C 504 -24.79 16.83 -50.83
N ASN C 505 -23.71 17.55 -51.13
CA ASN C 505 -22.67 17.06 -52.02
C ASN C 505 -21.49 16.63 -51.16
N SER C 506 -21.27 15.31 -51.06
CA SER C 506 -20.19 14.79 -50.24
C SER C 506 -18.83 14.87 -50.93
N PHE C 507 -18.77 15.30 -52.18
CA PHE C 507 -17.58 15.08 -52.99
C PHE C 507 -16.91 16.35 -53.49
N ASP C 508 -17.43 17.54 -53.17
CA ASP C 508 -16.72 18.77 -53.42
C ASP C 508 -16.15 19.30 -52.11
N GLN C 509 -15.38 20.39 -52.21
CA GLN C 509 -14.75 20.99 -51.03
C GLN C 509 -14.45 22.45 -51.28
N TRP C 510 -15.50 23.26 -51.47
CA TRP C 510 -15.32 24.68 -51.74
C TRP C 510 -14.89 25.45 -50.50
N GLY C 511 -15.05 24.89 -49.31
CA GLY C 511 -14.70 25.59 -48.09
C GLY C 511 -13.22 25.79 -47.89
N VAL C 512 -12.37 25.28 -48.79
CA VAL C 512 -10.92 25.40 -48.64
C VAL C 512 -10.36 26.59 -49.40
N GLU C 513 -11.15 27.23 -50.27
CA GLU C 513 -10.59 28.22 -51.18
C GLU C 513 -10.28 29.54 -50.48
N LEU C 514 -11.15 29.98 -49.57
CA LEU C 514 -10.97 31.30 -48.96
C LEU C 514 -9.68 31.36 -48.16
N GLY C 515 -9.38 30.32 -47.38
CA GLY C 515 -8.12 30.28 -46.66
C GLY C 515 -6.92 30.25 -47.58
N LYS C 516 -7.04 29.61 -48.74
CA LYS C 516 -5.95 29.60 -49.71
C LYS C 516 -5.76 30.98 -50.33
N SER C 517 -6.84 31.71 -50.57
CA SER C 517 -6.74 33.04 -51.15
C SER C 517 -6.04 34.00 -50.19
N LEU C 518 -6.53 34.08 -48.95
CA LEU C 518 -5.95 35.00 -47.98
C LEU C 518 -4.50 34.63 -47.67
N ALA C 519 -4.17 33.33 -47.73
CA ALA C 519 -2.79 32.93 -47.49
C ALA C 519 -1.85 33.46 -48.57
N SER C 520 -2.28 33.43 -49.83
CA SER C 520 -1.48 34.03 -50.90
C SER C 520 -1.31 35.53 -50.69
N THR C 521 -2.33 36.20 -50.15
CA THR C 521 -2.19 37.62 -49.85
C THR C 521 -1.19 37.86 -48.73
N VAL C 522 -1.20 37.00 -47.70
CA VAL C 522 -0.21 37.12 -46.65
C VAL C 522 1.19 36.81 -47.17
N ARG C 523 1.31 35.77 -48.01
CA ARG C 523 2.61 35.40 -48.56
C ARG C 523 3.23 36.56 -49.32
N LYS C 524 2.43 37.27 -50.13
CA LYS C 524 2.94 38.45 -50.82
C LYS C 524 3.40 39.51 -49.84
N GLN C 525 2.64 39.73 -48.76
CA GLN C 525 3.03 40.69 -47.75
C GLN C 525 4.34 40.27 -47.08
N LEU C 526 4.52 38.98 -46.84
CA LEU C 526 5.77 38.51 -46.24
C LEU C 526 6.95 38.73 -47.18
N HIS C 527 6.78 38.39 -48.47
CA HIS C 527 7.87 38.58 -49.43
C HIS C 527 8.23 40.07 -49.56
N ALA C 528 7.23 40.94 -49.64
CA ALA C 528 7.51 42.37 -49.79
C ALA C 528 8.23 42.93 -48.57
N SER C 529 7.95 42.40 -47.38
CA SER C 529 8.60 42.87 -46.17
C SER C 529 9.99 42.26 -46.01
N ARG C 530 10.11 40.95 -46.21
CA ARG C 530 11.39 40.28 -46.01
C ARG C 530 12.41 40.70 -47.06
N MET C 531 12.00 40.75 -48.33
CA MET C 531 12.92 40.98 -49.43
C MET C 531 12.99 42.43 -49.90
N GLU C 532 11.91 43.19 -49.75
CA GLU C 532 11.87 44.56 -50.23
C GLU C 532 11.68 45.59 -49.13
N GLY C 533 11.52 45.17 -47.88
CA GLY C 533 11.40 46.12 -46.79
C GLY C 533 10.11 46.92 -46.77
N LYS C 534 9.07 46.41 -47.39
CA LYS C 534 7.81 47.14 -47.46
C LYS C 534 7.11 47.09 -46.10
N PRO C 535 6.42 48.16 -45.71
CA PRO C 535 5.62 48.11 -44.48
C PRO C 535 4.49 47.09 -44.58
N VAL C 536 3.80 46.90 -43.47
CA VAL C 536 2.61 46.06 -43.44
C VAL C 536 1.41 46.95 -43.74
N GLU C 537 0.68 46.63 -44.80
CA GLU C 537 -0.48 47.41 -45.21
C GLU C 537 -1.51 46.49 -45.82
N GLY C 538 -2.78 46.86 -45.66
CA GLY C 538 -3.88 46.11 -46.23
C GLY C 538 -4.53 45.11 -45.30
N PHE C 539 -4.24 45.16 -44.00
CA PHE C 539 -4.80 44.23 -43.03
C PHE C 539 -5.51 45.00 -41.92
N ASN C 540 -6.39 44.30 -41.21
CA ASN C 540 -7.07 44.89 -40.07
C ASN C 540 -6.06 45.14 -38.96
N PRO C 541 -6.43 45.93 -37.94
CA PRO C 541 -5.45 46.27 -36.89
C PRO C 541 -4.86 45.07 -36.18
N SER C 542 -5.62 43.98 -36.05
CA SER C 542 -5.10 42.78 -35.39
C SER C 542 -4.05 42.11 -36.26
N SER C 543 -4.42 41.77 -37.50
CA SER C 543 -3.47 41.09 -38.38
C SER C 543 -2.24 41.94 -38.64
N ALA C 544 -2.42 43.26 -38.78
CA ALA C 544 -1.28 44.15 -38.96
C ALA C 544 -0.33 44.04 -37.78
N SER C 545 -0.86 44.01 -36.55
CA SER C 545 -0.02 43.90 -35.36
C SER C 545 0.70 42.56 -35.33
N LEU C 546 -0.02 41.46 -35.58
CA LEU C 546 0.59 40.14 -35.55
C LEU C 546 1.66 39.99 -36.62
N LEU C 547 1.42 40.54 -37.81
CA LEU C 547 2.42 40.50 -38.86
C LEU C 547 3.65 41.33 -38.49
N THR C 548 3.44 42.45 -37.82
CA THR C 548 4.56 43.29 -37.42
C THR C 548 5.42 42.59 -36.36
N ARG C 549 4.79 41.91 -35.40
CA ARG C 549 5.55 41.14 -34.41
C ARG C 549 6.36 40.04 -35.09
N PHE C 550 5.74 39.32 -36.02
CA PHE C 550 6.42 38.25 -36.73
C PHE C 550 7.61 38.77 -37.51
N LEU C 551 7.38 39.75 -38.39
CA LEU C 551 8.44 40.30 -39.23
C LEU C 551 9.47 41.11 -38.44
N ALA C 552 9.17 41.48 -37.19
CA ALA C 552 10.14 42.21 -36.38
C ALA C 552 11.39 41.38 -36.09
N VAL C 553 11.31 40.05 -36.21
CA VAL C 553 12.46 39.17 -36.03
C VAL C 553 13.01 38.89 -37.42
N LYS C 554 14.12 39.55 -37.74
CA LYS C 554 14.74 39.44 -39.05
C LYS C 554 15.53 38.13 -39.16
N PRO C 555 15.75 37.66 -40.39
CA PRO C 555 16.50 36.41 -40.56
C PRO C 555 17.93 36.56 -40.07
N SER C 556 18.51 35.41 -39.71
CA SER C 556 19.93 35.34 -39.37
C SER C 556 20.80 34.93 -40.55
N THR C 557 20.20 34.49 -41.63
CA THR C 557 20.84 33.99 -42.84
C THR C 557 21.14 35.14 -43.80
N PRO C 558 22.29 35.12 -44.48
CA PRO C 558 22.55 36.13 -45.50
C PRO C 558 21.44 36.19 -46.54
N TYR C 559 21.27 37.37 -47.14
CA TYR C 559 20.13 37.61 -48.02
C TYR C 559 20.08 36.62 -49.17
N ASP C 560 18.91 35.99 -49.34
CA ASP C 560 18.63 35.10 -50.47
C ASP C 560 19.67 33.99 -50.57
N THR C 561 20.05 33.42 -49.43
CA THR C 561 21.03 32.35 -49.39
C THR C 561 20.35 31.07 -48.89
N THR C 562 20.64 29.95 -49.56
CA THR C 562 19.98 28.69 -49.22
C THR C 562 20.48 28.16 -47.88
N VAL C 563 19.53 27.70 -47.06
CA VAL C 563 19.83 27.05 -45.78
C VAL C 563 18.95 25.82 -45.64
N LEU C 564 19.56 24.71 -45.25
CA LEU C 564 18.85 23.45 -44.99
C LEU C 564 19.16 23.00 -43.56
N PRO C 565 18.41 22.06 -43.00
CA PRO C 565 18.78 21.56 -41.66
C PRO C 565 19.99 20.64 -41.70
N LEU D 6 -24.22 -22.59 47.59
CA LEU D 6 -23.55 -21.40 47.09
C LEU D 6 -23.12 -20.49 48.23
N ILE D 7 -21.83 -20.21 48.32
CA ILE D 7 -21.32 -19.43 49.45
C ILE D 7 -21.83 -17.99 49.38
N SER D 8 -22.09 -17.46 48.19
CA SER D 8 -22.55 -16.09 48.04
C SER D 8 -24.00 -15.90 48.44
N ASP D 9 -24.72 -16.98 48.76
CA ASP D 9 -26.09 -16.87 49.24
C ASP D 9 -26.19 -16.88 50.75
N THR D 10 -25.08 -17.10 51.46
CA THR D 10 -25.10 -17.13 52.91
C THR D 10 -25.16 -15.72 53.48
N ASP D 11 -25.64 -15.63 54.72
CA ASP D 11 -25.71 -14.33 55.39
C ASP D 11 -24.35 -13.84 55.84
N GLN D 12 -23.38 -14.73 56.01
CA GLN D 12 -22.02 -14.30 56.33
C GLN D 12 -21.36 -13.64 55.13
N TRP D 13 -21.63 -14.14 53.93
CA TRP D 13 -21.16 -13.49 52.71
C TRP D 13 -21.83 -12.14 52.52
N LYS D 14 -23.14 -12.05 52.82
CA LYS D 14 -23.86 -10.80 52.66
C LYS D 14 -23.47 -9.80 53.74
N ALA D 15 -23.10 -10.27 54.94
CA ALA D 15 -22.62 -9.36 55.97
C ALA D 15 -21.30 -8.73 55.57
N LEU D 16 -20.46 -9.45 54.81
CA LEU D 16 -19.18 -8.90 54.37
C LEU D 16 -19.35 -7.90 53.24
N GLN D 17 -20.35 -8.08 52.38
CA GLN D 17 -20.61 -7.09 51.34
C GLN D 17 -21.06 -5.76 51.94
N ALA D 18 -21.86 -5.82 52.99
CA ALA D 18 -22.26 -4.60 53.69
C ALA D 18 -21.09 -3.98 54.44
N HIS D 19 -20.16 -4.81 54.93
CA HIS D 19 -18.97 -4.31 55.59
C HIS D 19 -18.06 -3.53 54.62
N VAL D 20 -18.19 -3.76 53.32
CA VAL D 20 -17.37 -3.06 52.33
C VAL D 20 -17.61 -1.56 52.40
N GLY D 21 -18.86 -1.16 52.67
CA GLY D 21 -19.18 0.25 52.71
C GLY D 21 -18.40 1.02 53.77
N ALA D 22 -18.28 0.43 54.97
CA ALA D 22 -17.56 1.11 56.04
C ALA D 22 -16.06 1.16 55.76
N ILE D 23 -15.51 0.09 55.18
CA ILE D 23 -14.10 0.08 54.82
C ILE D 23 -13.79 1.11 53.74
N HIS D 24 -14.75 1.34 52.83
CA HIS D 24 -14.56 2.32 51.77
C HIS D 24 -14.44 3.74 52.30
N LYS D 25 -14.96 4.00 53.50
CA LYS D 25 -14.85 5.30 54.13
C LYS D 25 -13.62 5.42 55.02
N THR D 26 -12.71 4.46 54.95
CA THR D 26 -11.45 4.50 55.69
C THR D 26 -10.28 4.63 54.73
N HIS D 27 -9.19 5.20 55.22
CA HIS D 27 -7.97 5.36 54.45
C HIS D 27 -6.81 4.80 55.26
N LEU D 28 -5.91 4.09 54.56
CA LEU D 28 -4.78 3.45 55.24
C LEU D 28 -3.87 4.46 55.93
N ARG D 29 -3.85 5.73 55.48
CA ARG D 29 -3.06 6.74 56.16
C ARG D 29 -3.50 6.91 57.60
N ASP D 30 -4.78 6.67 57.89
CA ASP D 30 -5.29 6.77 59.25
C ASP D 30 -5.27 5.44 59.98
N LEU D 31 -5.37 4.33 59.25
CA LEU D 31 -5.34 3.01 59.89
C LEU D 31 -3.92 2.62 60.29
N MET D 32 -2.92 3.00 59.50
CA MET D 32 -1.55 2.61 59.80
C MET D 32 -0.97 3.33 61.02
N THR D 33 -1.70 4.28 61.60
CA THR D 33 -1.28 4.91 62.84
C THR D 33 -1.80 4.19 64.07
N ASP D 34 -2.73 3.24 63.90
CA ASP D 34 -3.29 2.49 65.01
C ASP D 34 -2.32 1.36 65.38
N ALA D 35 -1.70 1.49 66.55
CA ALA D 35 -0.72 0.49 66.98
C ALA D 35 -1.37 -0.84 67.30
N ASP D 36 -2.56 -0.81 67.92
CA ASP D 36 -3.26 -2.06 68.23
C ASP D 36 -3.77 -2.74 66.97
N ARG D 37 -4.12 -1.97 65.94
CA ARG D 37 -4.56 -2.57 64.68
C ARG D 37 -3.38 -3.24 63.97
N CYS D 38 -2.25 -2.54 63.89
CA CYS D 38 -1.07 -3.12 63.24
C CYS D 38 -0.54 -4.32 64.02
N LYS D 39 -0.68 -4.31 65.34
CA LYS D 39 -0.22 -5.44 66.15
C LYS D 39 -1.09 -6.66 65.93
N ALA D 40 -2.42 -6.48 65.95
CA ALA D 40 -3.33 -7.62 65.83
C ALA D 40 -3.32 -8.22 64.43
N MET D 41 -2.98 -7.42 63.42
CA MET D 41 -2.99 -7.90 62.03
C MET D 41 -1.62 -8.45 61.62
N THR D 42 -1.11 -9.39 62.43
CA THR D 42 0.13 -10.08 62.13
C THR D 42 -0.02 -11.55 62.49
N ALA D 43 0.91 -12.36 61.97
CA ALA D 43 1.02 -13.77 62.33
C ALA D 43 2.47 -14.18 62.16
N GLU D 44 2.86 -15.24 62.87
CA GLU D 44 4.26 -15.65 62.87
C GLU D 44 4.36 -17.14 63.14
N PHE D 45 5.26 -17.80 62.41
CA PHE D 45 5.59 -19.20 62.62
C PHE D 45 7.03 -19.42 62.21
N GLU D 46 7.84 -19.89 63.15
CA GLU D 46 9.28 -20.15 62.96
C GLU D 46 9.90 -18.90 62.34
N GLY D 47 10.61 -19.00 61.23
CA GLY D 47 11.23 -17.83 60.64
C GLY D 47 10.40 -17.12 59.59
N VAL D 48 9.08 -17.22 59.70
CA VAL D 48 8.15 -16.64 58.75
C VAL D 48 7.28 -15.65 59.52
N PHE D 49 7.50 -14.37 59.28
CA PHE D 49 6.68 -13.31 59.87
C PHE D 49 5.78 -12.71 58.79
N LEU D 50 4.49 -12.63 59.09
CA LEU D 50 3.49 -12.12 58.16
C LEU D 50 2.87 -10.86 58.74
N ASP D 51 2.93 -9.77 57.99
CA ASP D 51 2.31 -8.50 58.36
C ASP D 51 1.32 -8.13 57.26
N TYR D 52 0.03 -8.12 57.62
CA TYR D 52 -1.03 -7.76 56.68
C TYR D 52 -1.80 -6.54 57.15
N SER D 53 -1.13 -5.64 57.87
CA SER D 53 -1.78 -4.44 58.37
C SER D 53 -2.09 -3.42 57.28
N ARG D 54 -1.51 -3.57 56.09
CA ARG D 54 -1.80 -2.69 54.97
C ARG D 54 -2.90 -3.24 54.07
N GLN D 55 -3.68 -4.19 54.56
CA GLN D 55 -4.91 -4.57 53.89
C GLN D 55 -6.01 -3.57 54.22
N GLN D 56 -6.85 -3.25 53.23
CA GLN D 56 -8.01 -2.39 53.45
C GLN D 56 -9.01 -3.16 54.29
N ALA D 57 -8.74 -3.23 55.59
CA ALA D 57 -9.54 -4.03 56.50
C ALA D 57 -9.17 -3.68 57.93
N THR D 58 -10.07 -4.05 58.85
CA THR D 58 -9.84 -3.94 60.28
C THR D 58 -9.94 -5.34 60.90
N THR D 59 -9.80 -5.39 62.22
CA THR D 59 -9.99 -6.67 62.91
C THR D 59 -11.44 -7.12 62.80
N GLU D 60 -12.38 -6.18 62.67
CA GLU D 60 -13.77 -6.54 62.42
C GLU D 60 -13.92 -7.26 61.09
N THR D 61 -13.17 -6.81 60.07
CA THR D 61 -13.18 -7.51 58.80
C THR D 61 -12.60 -8.91 58.93
N VAL D 62 -11.62 -9.09 59.83
CA VAL D 62 -11.05 -10.41 60.05
C VAL D 62 -12.08 -11.35 60.68
N ASP D 63 -12.82 -10.85 61.67
CA ASP D 63 -13.80 -11.69 62.36
C ASP D 63 -14.96 -12.08 61.45
N LYS D 64 -15.34 -11.19 60.53
CA LYS D 64 -16.40 -11.53 59.58
C LYS D 64 -15.91 -12.54 58.54
N LEU D 65 -14.62 -12.50 58.20
CA LEU D 65 -14.06 -13.52 57.32
C LEU D 65 -13.93 -14.85 58.04
N PHE D 66 -13.66 -14.83 59.35
CA PHE D 66 -13.67 -16.07 60.12
C PHE D 66 -15.06 -16.70 60.13
N LYS D 67 -16.10 -15.89 60.29
CA LYS D 67 -17.46 -16.42 60.26
C LYS D 67 -17.83 -16.94 58.88
N LEU D 68 -17.26 -16.36 57.82
CA LEU D 68 -17.48 -16.89 56.48
C LEU D 68 -16.81 -18.26 56.34
N ALA D 69 -15.58 -18.40 56.85
CA ALA D 69 -14.91 -19.69 56.78
C ALA D 69 -15.62 -20.75 57.60
N GLU D 70 -16.27 -20.37 58.70
CA GLU D 70 -17.02 -21.32 59.50
C GLU D 70 -18.24 -21.81 58.74
N ALA D 71 -18.98 -20.90 58.11
CA ALA D 71 -20.14 -21.29 57.32
C ALA D 71 -19.73 -22.13 56.11
N ALA D 72 -18.57 -21.84 55.53
CA ALA D 72 -18.06 -22.61 54.40
C ALA D 72 -17.32 -23.87 54.82
N LYS D 73 -17.28 -24.18 56.12
CA LYS D 73 -16.69 -25.42 56.62
C LYS D 73 -15.23 -25.57 56.20
N LEU D 74 -14.47 -24.48 56.33
CA LEU D 74 -13.08 -24.48 55.88
C LEU D 74 -12.25 -25.49 56.66
N LYS D 75 -12.42 -25.54 57.98
CA LYS D 75 -11.66 -26.49 58.79
C LYS D 75 -12.06 -27.92 58.48
N GLU D 76 -13.35 -28.16 58.23
CA GLU D 76 -13.79 -29.48 57.81
C GLU D 76 -13.16 -29.87 56.49
N LYS D 77 -13.04 -28.91 55.56
CA LYS D 77 -12.49 -29.21 54.25
C LYS D 77 -10.99 -29.43 54.32
N ILE D 78 -10.29 -28.69 55.17
CA ILE D 78 -8.86 -28.90 55.32
C ILE D 78 -8.57 -30.28 55.91
N ASP D 79 -9.32 -30.67 56.94
CA ASP D 79 -9.12 -31.99 57.54
C ASP D 79 -9.39 -33.10 56.54
N LYS D 80 -10.47 -32.97 55.74
CA LYS D 80 -10.77 -33.98 54.73
C LYS D 80 -9.65 -34.14 53.73
N MET D 81 -8.96 -33.04 53.40
CA MET D 81 -7.81 -33.15 52.50
C MET D 81 -6.67 -33.92 53.15
N PHE D 82 -6.32 -33.57 54.39
CA PHE D 82 -5.23 -34.27 55.08
C PHE D 82 -5.59 -35.71 55.37
N LYS D 83 -6.87 -36.04 55.52
CA LYS D 83 -7.28 -37.41 55.83
C LYS D 83 -7.24 -38.34 54.63
N GLY D 84 -7.00 -37.82 53.43
CA GLY D 84 -6.99 -38.64 52.24
C GLY D 84 -8.33 -38.87 51.60
N GLU D 85 -9.38 -38.20 52.07
CA GLU D 85 -10.69 -38.33 51.44
C GLU D 85 -10.66 -37.76 50.03
N LYS D 86 -11.49 -38.34 49.15
CA LYS D 86 -11.50 -37.97 47.74
C LYS D 86 -12.27 -36.66 47.55
N ILE D 87 -11.65 -35.57 47.97
CA ILE D 87 -12.31 -34.27 47.88
C ILE D 87 -12.24 -33.68 46.48
N ASN D 88 -11.35 -34.17 45.63
CA ASN D 88 -11.40 -33.88 44.19
C ASN D 88 -12.48 -34.76 43.61
N THR D 89 -13.73 -34.28 43.67
CA THR D 89 -14.88 -35.12 43.39
C THR D 89 -15.15 -35.29 41.91
N THR D 90 -14.75 -34.33 41.08
CA THR D 90 -15.01 -34.46 39.65
C THR D 90 -14.15 -35.56 39.03
N GLU D 91 -12.94 -35.75 39.52
CA GLU D 91 -12.07 -36.84 39.09
C GLU D 91 -12.05 -38.00 40.08
N ASN D 92 -12.75 -37.88 41.20
CA ASN D 92 -12.82 -38.90 42.23
C ASN D 92 -11.42 -39.32 42.68
N ARG D 93 -10.67 -38.34 43.17
CA ARG D 93 -9.29 -38.53 43.57
C ARG D 93 -9.03 -37.91 44.93
N SER D 94 -8.06 -38.48 45.65
CA SER D 94 -7.55 -37.84 46.85
C SER D 94 -6.66 -36.66 46.45
N VAL D 95 -6.42 -35.77 47.41
CA VAL D 95 -5.57 -34.60 47.23
C VAL D 95 -4.52 -34.67 48.33
N LEU D 96 -3.33 -35.20 48.00
CA LEU D 96 -2.39 -35.63 49.03
C LEU D 96 -0.97 -35.23 48.69
N HIS D 97 -0.78 -34.00 48.22
CA HIS D 97 0.59 -33.50 48.08
C HIS D 97 1.25 -33.35 49.45
N VAL D 98 0.47 -33.18 50.51
CA VAL D 98 1.04 -33.07 51.85
C VAL D 98 1.72 -34.38 52.26
N ALA D 99 1.23 -35.52 51.76
CA ALA D 99 1.84 -36.80 52.11
C ALA D 99 3.23 -36.97 51.49
N LEU D 100 3.55 -36.16 50.48
CA LEU D 100 4.87 -36.25 49.84
C LEU D 100 6.00 -35.82 50.77
N ARG D 101 5.70 -35.02 51.80
CA ARG D 101 6.71 -34.54 52.73
C ARG D 101 6.39 -34.94 54.17
N ALA D 102 5.52 -35.92 54.36
CA ALA D 102 5.22 -36.41 55.70
C ALA D 102 6.34 -37.31 56.21
N PRO D 103 6.51 -37.41 57.53
CA PRO D 103 7.54 -38.31 58.07
C PRO D 103 7.24 -39.76 57.74
N ARG D 104 8.27 -40.59 57.85
CA ARG D 104 8.13 -42.01 57.49
C ARG D 104 7.16 -42.74 58.39
N ASP D 105 6.91 -42.24 59.60
CA ASP D 105 6.02 -42.87 60.55
C ASP D 105 4.58 -42.36 60.45
N ALA D 106 4.28 -41.51 59.47
CA ALA D 106 2.94 -40.96 59.33
C ALA D 106 2.01 -41.98 58.71
N VAL D 107 0.71 -41.84 59.01
CA VAL D 107 -0.33 -42.71 58.48
C VAL D 107 -1.34 -41.82 57.76
N ILE D 108 -1.31 -41.88 56.43
CA ILE D 108 -2.23 -41.12 55.58
C ILE D 108 -2.82 -42.10 54.58
N ASN D 109 -4.10 -42.41 54.73
CA ASN D 109 -4.74 -43.46 53.95
C ASN D 109 -5.48 -42.89 52.75
N SER D 110 -5.43 -43.62 51.64
CA SER D 110 -6.17 -43.29 50.44
C SER D 110 -6.69 -44.59 49.84
N ASP D 111 -8.01 -44.71 49.74
CA ASP D 111 -8.65 -45.95 49.29
C ASP D 111 -8.23 -47.13 50.16
N GLY D 112 -7.95 -46.87 51.43
CA GLY D 112 -7.63 -47.91 52.38
C GLY D 112 -6.17 -48.33 52.42
N VAL D 113 -5.28 -47.59 51.78
CA VAL D 113 -3.86 -47.91 51.74
C VAL D 113 -3.07 -46.71 52.23
N ASN D 114 -2.21 -46.93 53.23
CA ASN D 114 -1.32 -45.89 53.74
C ASN D 114 -0.28 -45.55 52.68
N VAL D 115 -0.40 -44.37 52.09
CA VAL D 115 0.47 -43.99 50.97
C VAL D 115 1.84 -43.50 51.40
N VAL D 116 2.04 -43.27 52.70
CA VAL D 116 3.34 -42.76 53.17
C VAL D 116 4.47 -43.74 52.91
N PRO D 117 4.37 -45.04 53.23
CA PRO D 117 5.49 -45.95 52.96
C PRO D 117 5.90 -46.01 51.49
N GLU D 118 4.96 -45.76 50.56
CA GLU D 118 5.33 -45.75 49.15
C GLU D 118 5.98 -44.43 48.76
N VAL D 119 5.52 -43.33 49.36
CA VAL D 119 6.19 -42.04 49.15
C VAL D 119 7.65 -42.15 49.53
N TRP D 120 7.95 -42.82 50.64
CA TRP D 120 9.33 -42.99 51.08
C TRP D 120 10.07 -44.07 50.32
N ALA D 121 9.37 -45.04 49.73
CA ALA D 121 10.03 -46.00 48.85
C ALA D 121 10.63 -45.31 47.65
N VAL D 122 9.91 -44.34 47.07
CA VAL D 122 10.47 -43.56 45.97
C VAL D 122 11.59 -42.66 46.47
N LYS D 123 11.39 -42.00 47.61
CA LYS D 123 12.41 -41.12 48.15
C LYS D 123 13.69 -41.89 48.48
N ASP D 124 13.56 -43.08 49.05
CA ASP D 124 14.74 -43.91 49.30
C ASP D 124 15.41 -44.30 47.99
N LYS D 125 14.62 -44.61 46.96
CA LYS D 125 15.17 -44.95 45.66
C LYS D 125 15.87 -43.75 45.03
N ILE D 126 15.28 -42.57 45.15
CA ILE D 126 15.93 -41.35 44.65
C ILE D 126 17.22 -41.10 45.41
N LYS D 127 17.19 -41.23 46.73
CA LYS D 127 18.38 -40.99 47.53
C LYS D 127 19.52 -41.92 47.13
N GLN D 128 19.21 -43.17 46.81
CA GLN D 128 20.24 -44.11 46.42
C GLN D 128 20.76 -43.82 45.02
N PHE D 129 19.86 -43.53 44.07
CA PHE D 129 20.30 -43.19 42.73
C PHE D 129 21.13 -41.91 42.74
N SER D 130 20.69 -40.90 43.49
CA SER D 130 21.42 -39.63 43.53
C SER D 130 22.81 -39.81 44.10
N GLU D 131 22.95 -40.69 45.10
CA GLU D 131 24.27 -40.95 45.66
C GLU D 131 25.16 -41.69 44.67
N THR D 132 24.61 -42.67 43.96
CA THR D 132 25.36 -43.35 42.92
C THR D 132 25.68 -42.40 41.76
N PHE D 133 24.75 -41.50 41.44
CA PHE D 133 24.94 -40.57 40.33
C PHE D 133 26.02 -39.54 40.66
N ARG D 134 25.96 -38.95 41.85
CA ARG D 134 26.84 -37.83 42.18
C ARG D 134 28.24 -38.27 42.58
N SER D 135 28.43 -39.54 42.96
CA SER D 135 29.76 -40.02 43.31
C SER D 135 30.59 -40.40 42.10
N GLY D 136 29.95 -40.65 40.95
CA GLY D 136 30.65 -41.00 39.74
C GLY D 136 30.64 -42.46 39.37
N SER D 137 30.02 -43.33 40.18
CA SER D 137 29.91 -44.74 39.82
C SER D 137 28.85 -44.97 38.75
N TRP D 138 28.02 -43.97 38.46
CA TRP D 138 27.16 -43.96 37.28
C TRP D 138 27.87 -43.17 36.20
N VAL D 139 28.20 -43.84 35.09
CA VAL D 139 28.96 -43.22 34.01
C VAL D 139 28.18 -43.38 32.72
N GLY D 140 28.57 -42.58 31.71
CA GLY D 140 27.92 -42.57 30.43
C GLY D 140 28.55 -43.55 29.45
N ALA D 141 28.15 -43.41 28.18
CA ALA D 141 28.57 -44.34 27.14
C ALA D 141 30.07 -44.29 26.88
N THR D 142 30.73 -43.19 27.22
CA THR D 142 32.18 -43.07 27.06
C THR D 142 32.91 -43.11 28.39
N GLY D 143 32.26 -43.58 29.45
CA GLY D 143 32.91 -43.75 30.73
C GLY D 143 33.14 -42.49 31.53
N LYS D 144 32.35 -41.45 31.29
CA LYS D 144 32.48 -40.22 32.06
C LYS D 144 31.30 -40.04 33.00
N PRO D 145 31.53 -39.46 34.18
CA PRO D 145 30.39 -39.11 35.04
C PRO D 145 29.52 -38.06 34.39
N LEU D 146 28.24 -38.06 34.76
CA LEU D 146 27.26 -37.14 34.20
C LEU D 146 27.10 -35.96 35.15
N THR D 147 27.39 -34.75 34.65
CA THR D 147 27.35 -33.54 35.47
C THR D 147 26.27 -32.56 35.05
N ASN D 148 25.63 -32.77 33.91
CA ASN D 148 24.57 -31.89 33.42
C ASN D 148 23.30 -32.71 33.25
N VAL D 149 22.19 -32.19 33.79
CA VAL D 149 20.92 -32.89 33.82
C VAL D 149 19.88 -32.04 33.11
N VAL D 150 19.14 -32.66 32.18
CA VAL D 150 18.04 -32.01 31.48
C VAL D 150 16.74 -32.67 31.92
N SER D 151 15.84 -31.88 32.49
CA SER D 151 14.52 -32.37 32.91
C SER D 151 13.50 -31.99 31.85
N VAL D 152 12.83 -33.00 31.30
CA VAL D 152 11.90 -32.84 30.20
C VAL D 152 10.47 -33.01 30.72
N GLY D 153 9.67 -31.96 30.61
CA GLY D 153 8.29 -32.02 31.09
C GLY D 153 7.62 -30.68 30.91
N ILE D 154 6.29 -30.71 30.98
CA ILE D 154 5.48 -29.52 30.78
C ILE D 154 4.72 -29.20 32.05
N GLY D 155 4.26 -27.95 32.15
CA GLY D 155 3.41 -27.51 33.23
C GLY D 155 3.96 -27.74 34.63
N GLY D 156 3.30 -28.62 35.38
CA GLY D 156 3.70 -28.87 36.75
C GLY D 156 5.04 -29.57 36.88
N SER D 157 5.44 -30.30 35.85
CA SER D 157 6.76 -30.92 35.82
C SER D 157 7.88 -29.92 35.63
N PHE D 158 7.54 -28.65 35.41
CA PHE D 158 8.51 -27.64 35.00
C PHE D 158 8.56 -26.46 35.95
N LEU D 159 7.42 -25.80 36.20
CA LEU D 159 7.44 -24.51 36.89
C LEU D 159 7.81 -24.66 38.37
N GLY D 160 7.21 -25.64 39.05
CA GLY D 160 7.54 -25.91 40.43
C GLY D 160 9.01 -26.18 40.65
N PRO D 161 9.52 -27.24 40.01
CA PRO D 161 10.97 -27.50 40.08
C PRO D 161 11.84 -26.32 39.67
N LEU D 162 11.43 -25.55 38.66
CA LEU D 162 12.23 -24.39 38.25
C LEU D 162 12.31 -23.35 39.36
N PHE D 163 11.18 -23.06 40.00
CA PHE D 163 11.17 -22.12 41.12
C PHE D 163 12.12 -22.56 42.22
N VAL D 164 12.05 -23.83 42.61
CA VAL D 164 12.90 -24.32 43.69
C VAL D 164 14.35 -24.34 43.26
N HIS D 165 14.63 -24.77 42.02
CA HIS D 165 16.00 -24.80 41.53
C HIS D 165 16.60 -23.40 41.53
N THR D 166 15.83 -22.40 41.08
CA THR D 166 16.34 -21.04 41.03
C THR D 166 16.58 -20.47 42.43
N ALA D 167 15.70 -20.81 43.38
CA ALA D 167 15.87 -20.31 44.74
C ALA D 167 17.05 -20.97 45.44
N LEU D 168 17.35 -22.23 45.10
CA LEU D 168 18.48 -22.93 45.68
C LEU D 168 19.80 -22.61 44.99
N GLN D 169 19.76 -22.13 43.74
CA GLN D 169 20.98 -21.88 42.97
C GLN D 169 22.01 -21.08 43.75
N THR D 170 21.57 -20.07 44.50
CA THR D 170 22.47 -19.11 45.12
C THR D 170 22.52 -19.23 46.65
N ASP D 171 21.82 -20.20 47.22
CA ASP D 171 22.00 -20.48 48.64
C ASP D 171 23.37 -21.11 48.86
N PRO D 172 24.14 -20.64 49.85
CA PRO D 172 25.54 -21.11 49.97
C PRO D 172 25.69 -22.60 50.15
N GLU D 173 24.88 -23.22 51.01
CA GLU D 173 24.99 -24.66 51.24
C GLU D 173 24.62 -25.45 49.99
N ALA D 174 23.47 -25.14 49.40
CA ALA D 174 23.04 -25.85 48.20
C ALA D 174 24.00 -25.60 47.04
N ALA D 175 24.57 -24.39 46.96
CA ALA D 175 25.48 -24.07 45.86
C ALA D 175 26.76 -24.88 45.94
N GLU D 176 27.32 -25.03 47.15
CA GLU D 176 28.51 -25.85 47.30
C GLU D 176 28.24 -27.30 46.91
N SER D 177 27.06 -27.82 47.27
CA SER D 177 26.70 -29.17 46.88
C SER D 177 26.43 -29.29 45.38
N ALA D 178 26.21 -28.16 44.69
CA ALA D 178 25.89 -28.16 43.27
C ALA D 178 27.07 -27.74 42.39
N LYS D 179 28.26 -27.60 42.97
CA LYS D 179 29.40 -27.06 42.26
C LYS D 179 29.74 -27.90 41.04
N GLY D 180 29.83 -27.24 39.88
CA GLY D 180 30.19 -27.89 38.64
C GLY D 180 29.07 -28.61 37.93
N ARG D 181 27.83 -28.50 38.42
CA ARG D 181 26.71 -29.22 37.85
C ARG D 181 25.67 -28.24 37.32
N GLN D 182 24.98 -28.66 36.25
CA GLN D 182 23.89 -27.89 35.66
C GLN D 182 22.61 -28.69 35.73
N LEU D 183 21.50 -28.00 35.99
CA LEU D 183 20.17 -28.57 35.87
C LEU D 183 19.35 -27.65 34.97
N ARG D 184 18.92 -28.17 33.82
CA ARG D 184 18.15 -27.40 32.86
C ARG D 184 16.81 -28.08 32.61
N PHE D 185 15.85 -27.28 32.16
CA PHE D 185 14.50 -27.76 31.89
C PHE D 185 14.17 -27.56 30.41
N LEU D 186 13.62 -28.60 29.80
CA LEU D 186 13.13 -28.57 28.42
C LEU D 186 11.61 -28.75 28.49
N ALA D 187 10.88 -27.65 28.35
CA ALA D 187 9.44 -27.65 28.57
C ALA D 187 8.62 -27.29 27.34
N ASN D 188 9.12 -26.42 26.47
CA ASN D 188 8.36 -26.00 25.31
C ASN D 188 8.54 -27.00 24.17
N VAL D 189 7.42 -27.36 23.52
CA VAL D 189 7.50 -28.23 22.36
C VAL D 189 8.14 -27.51 21.18
N ASP D 190 8.23 -26.19 21.23
CA ASP D 190 8.96 -25.40 20.24
C ASP D 190 10.38 -25.94 20.12
N PRO D 191 10.79 -26.42 18.94
CA PRO D 191 12.15 -26.95 18.79
C PRO D 191 13.25 -25.94 19.09
N VAL D 192 12.91 -24.65 19.21
CA VAL D 192 13.89 -23.68 19.67
C VAL D 192 14.30 -23.96 21.11
N ASP D 193 13.38 -24.47 21.93
CA ASP D 193 13.73 -24.79 23.31
C ASP D 193 14.66 -25.99 23.38
N VAL D 194 14.51 -26.95 22.46
CA VAL D 194 15.46 -28.06 22.38
C VAL D 194 16.86 -27.53 22.09
N ALA D 195 16.97 -26.54 21.21
CA ALA D 195 18.26 -25.92 20.93
C ALA D 195 18.83 -25.25 22.18
N ARG D 196 17.97 -24.57 22.94
CA ARG D 196 18.43 -23.88 24.15
C ARG D 196 18.93 -24.87 25.20
N SER D 197 18.25 -26.02 25.34
CA SER D 197 18.59 -26.94 26.41
C SER D 197 19.92 -27.65 26.16
N ILE D 198 20.25 -27.92 24.90
CA ILE D 198 21.43 -28.71 24.57
C ILE D 198 22.63 -27.84 24.21
N LYS D 199 22.49 -26.52 24.24
CA LYS D 199 23.60 -25.65 23.88
C LYS D 199 24.76 -25.84 24.85
N ASP D 200 25.96 -26.03 24.28
CA ASP D 200 27.20 -26.20 25.03
C ASP D 200 27.19 -27.45 25.90
N LEU D 201 26.34 -28.42 25.58
CA LEU D 201 26.30 -29.69 26.30
C LEU D 201 26.91 -30.80 25.47
N ASP D 202 27.60 -31.72 26.15
CA ASP D 202 28.13 -32.93 25.54
C ASP D 202 27.23 -34.09 25.92
N PRO D 203 26.67 -34.82 24.95
CA PRO D 203 25.84 -35.98 25.31
C PRO D 203 26.52 -36.96 26.24
N ALA D 204 27.85 -37.09 26.14
CA ALA D 204 28.58 -38.04 26.97
C ALA D 204 28.55 -37.67 28.45
N THR D 205 28.27 -36.41 28.79
CA THR D 205 28.24 -35.97 30.18
C THR D 205 26.86 -35.48 30.60
N THR D 206 25.82 -35.86 29.86
CA THR D 206 24.46 -35.38 30.10
C THR D 206 23.55 -36.54 30.48
N LEU D 207 22.68 -36.29 31.46
CA LEU D 207 21.62 -37.21 31.83
C LEU D 207 20.28 -36.54 31.58
N VAL D 208 19.35 -37.26 30.96
CA VAL D 208 18.02 -36.74 30.64
C VAL D 208 17.01 -37.42 31.55
N VAL D 209 16.13 -36.62 32.15
CA VAL D 209 15.07 -37.11 33.03
C VAL D 209 13.75 -36.77 32.35
N VAL D 210 13.07 -37.78 31.82
CA VAL D 210 11.79 -37.59 31.14
C VAL D 210 10.68 -37.71 32.18
N VAL D 211 9.97 -36.61 32.42
CA VAL D 211 8.97 -36.54 33.47
C VAL D 211 7.59 -36.52 32.79
N SER D 212 6.91 -37.68 32.83
CA SER D 212 5.55 -37.80 32.32
C SER D 212 4.95 -39.07 32.89
N LYS D 213 3.88 -38.94 33.68
CA LYS D 213 3.33 -40.10 34.39
C LYS D 213 2.92 -41.21 33.43
N THR D 214 2.20 -40.86 32.38
CA THR D 214 1.74 -41.85 31.40
C THR D 214 2.78 -42.16 30.33
N PHE D 215 3.84 -41.35 30.21
CA PHE D 215 4.81 -41.44 29.13
C PHE D 215 4.14 -41.31 27.76
N THR D 216 2.98 -40.64 27.70
CA THR D 216 2.28 -40.37 26.46
C THR D 216 2.08 -38.89 26.20
N THR D 217 2.52 -38.02 27.11
CA THR D 217 2.33 -36.58 26.96
C THR D 217 2.95 -36.10 25.65
N ALA D 218 2.13 -35.52 24.79
CA ALA D 218 2.55 -35.24 23.42
C ALA D 218 3.77 -34.34 23.37
N GLU D 219 3.71 -33.18 24.03
CA GLU D 219 4.84 -32.26 24.02
C GLU D 219 6.07 -32.89 24.67
N THR D 220 5.89 -33.50 25.85
CA THR D 220 7.03 -34.05 26.59
C THR D 220 7.71 -35.18 25.81
N MET D 221 6.92 -36.07 25.22
CA MET D 221 7.52 -37.24 24.57
C MET D 221 8.16 -36.89 23.23
N LEU D 222 7.58 -35.95 22.48
CA LEU D 222 8.25 -35.48 21.27
C LEU D 222 9.59 -34.83 21.60
N ASN D 223 9.63 -34.05 22.69
CA ASN D 223 10.91 -33.52 23.16
C ASN D 223 11.83 -34.65 23.64
N ALA D 224 11.27 -35.63 24.35
CA ALA D 224 12.09 -36.74 24.84
C ALA D 224 12.68 -37.53 23.69
N ARG D 225 11.86 -37.82 22.67
CA ARG D 225 12.38 -38.51 21.48
C ARG D 225 13.44 -37.66 20.77
N THR D 226 13.24 -36.34 20.73
CA THR D 226 14.20 -35.46 20.09
C THR D 226 15.55 -35.51 20.80
N ILE D 227 15.54 -35.34 22.13
CA ILE D 227 16.80 -35.36 22.87
C ILE D 227 17.39 -36.77 22.92
N LYS D 228 16.57 -37.81 22.75
CA LYS D 228 17.12 -39.16 22.64
C LYS D 228 17.90 -39.31 21.34
N GLU D 229 17.35 -38.82 20.22
CA GLU D 229 18.07 -38.87 18.96
C GLU D 229 19.38 -38.10 19.06
N TRP D 230 19.39 -37.00 19.81
CA TRP D 230 20.63 -36.27 20.07
C TRP D 230 21.66 -37.19 20.72
N ILE D 231 21.23 -37.99 21.70
CA ILE D 231 22.15 -38.89 22.38
C ILE D 231 22.56 -40.04 21.46
N VAL D 232 21.59 -40.59 20.72
CA VAL D 232 21.87 -41.74 19.86
C VAL D 232 22.81 -41.35 18.72
N SER D 233 22.57 -40.19 18.09
CA SER D 233 23.41 -39.75 16.99
C SER D 233 24.86 -39.60 17.42
N SER D 234 25.09 -39.20 18.66
CA SER D 234 26.44 -38.97 19.15
C SER D 234 27.08 -40.21 19.76
N LEU D 235 26.29 -41.07 20.41
CA LEU D 235 26.84 -42.14 21.22
C LEU D 235 26.36 -43.54 20.82
N GLY D 236 25.39 -43.66 19.92
CA GLY D 236 24.91 -44.96 19.50
C GLY D 236 23.64 -45.34 20.22
N PRO D 237 22.88 -46.28 19.63
CA PRO D 237 21.59 -46.67 20.24
C PRO D 237 21.72 -47.31 21.60
N GLN D 238 22.86 -47.93 21.91
CA GLN D 238 23.03 -48.60 23.20
C GLN D 238 23.16 -47.63 24.37
N ALA D 239 23.38 -46.34 24.10
CA ALA D 239 23.64 -45.37 25.16
C ALA D 239 22.37 -44.85 25.83
N VAL D 240 21.19 -45.15 25.28
CA VAL D 240 19.96 -44.60 25.82
C VAL D 240 19.80 -44.97 27.29
N SER D 241 20.07 -46.23 27.63
CA SER D 241 19.83 -46.71 28.99
C SER D 241 20.78 -46.10 30.01
N LYS D 242 21.86 -45.46 29.57
CA LYS D 242 22.82 -44.87 30.48
C LYS D 242 22.68 -43.36 30.64
N HIS D 243 21.94 -42.70 29.74
CA HIS D 243 21.80 -41.24 29.78
C HIS D 243 20.37 -40.77 29.98
N MET D 244 19.40 -41.68 30.07
CA MET D 244 18.00 -41.30 30.17
C MET D 244 17.31 -42.15 31.23
N ILE D 245 16.64 -41.47 32.17
CA ILE D 245 15.77 -42.10 33.13
C ILE D 245 14.42 -41.38 33.07
N ALA D 246 13.48 -41.82 33.90
CA ALA D 246 12.12 -41.32 33.79
C ALA D 246 11.49 -41.15 35.17
N VAL D 247 10.65 -40.13 35.27
CA VAL D 247 9.67 -40.00 36.35
C VAL D 247 8.33 -40.38 35.73
N SER D 248 7.95 -41.64 35.90
CA SER D 248 6.79 -42.21 35.23
C SER D 248 6.39 -43.49 35.94
N THR D 249 5.15 -43.91 35.72
CA THR D 249 4.67 -45.20 36.18
C THR D 249 4.37 -46.15 35.02
N ASN D 250 4.53 -45.70 33.77
CA ASN D 250 4.28 -46.53 32.61
C ASN D 250 5.53 -47.33 32.29
N LEU D 251 5.71 -48.45 33.01
CA LEU D 251 6.89 -49.28 32.82
C LEU D 251 6.96 -49.85 31.41
N LYS D 252 5.81 -50.15 30.81
CA LYS D 252 5.81 -50.66 29.44
C LYS D 252 6.40 -49.66 28.47
N LEU D 253 5.89 -48.43 28.47
CA LEU D 253 6.34 -47.43 27.52
C LEU D 253 7.74 -46.92 27.85
N VAL D 254 8.11 -46.89 29.13
CA VAL D 254 9.46 -46.48 29.51
C VAL D 254 10.49 -47.46 28.95
N LYS D 255 10.18 -48.76 29.02
CA LYS D 255 11.08 -49.77 28.48
C LYS D 255 11.08 -49.76 26.96
N GLU D 256 9.91 -49.58 26.35
CA GLU D 256 9.84 -49.46 24.90
C GLU D 256 10.67 -48.27 24.42
N PHE D 257 10.69 -47.19 25.19
CA PHE D 257 11.47 -46.00 24.86
C PHE D 257 12.96 -46.27 24.85
N GLY D 258 13.42 -47.29 25.57
CA GLY D 258 14.84 -47.60 25.68
C GLY D 258 15.41 -47.38 27.06
N ILE D 259 14.61 -46.95 28.02
CA ILE D 259 15.05 -46.72 29.40
C ILE D 259 14.86 -48.00 30.19
N ASP D 260 15.79 -48.29 31.10
CA ASP D 260 15.66 -49.46 31.95
C ASP D 260 14.47 -49.27 32.88
N PRO D 261 13.55 -50.24 32.95
CA PRO D 261 12.35 -50.08 33.80
C PRO D 261 12.67 -49.79 35.26
N ASN D 262 13.79 -50.31 35.77
CA ASN D 262 14.18 -50.03 37.15
C ASN D 262 14.55 -48.57 37.35
N ASN D 263 14.73 -47.80 36.27
CA ASN D 263 15.06 -46.38 36.37
C ASN D 263 13.84 -45.50 36.16
N ALA D 264 12.64 -46.02 36.38
CA ALA D 264 11.42 -45.24 36.39
C ALA D 264 11.01 -44.96 37.82
N PHE D 265 10.75 -43.69 38.12
CA PHE D 265 10.43 -43.26 39.48
C PHE D 265 8.96 -42.85 39.51
N ALA D 266 8.24 -43.35 40.51
CA ALA D 266 6.79 -43.29 40.51
C ALA D 266 6.27 -42.05 41.24
N PHE D 267 5.08 -41.61 40.82
CA PHE D 267 4.24 -40.73 41.62
C PHE D 267 2.80 -41.05 41.25
N TRP D 268 1.86 -40.34 41.88
CA TRP D 268 0.49 -40.82 41.97
C TRP D 268 -0.51 -39.76 41.55
N ASP D 269 -1.69 -40.23 41.14
CA ASP D 269 -2.73 -39.33 40.64
C ASP D 269 -3.26 -38.39 41.72
N TRP D 270 -3.05 -38.70 42.99
CA TRP D 270 -3.39 -37.75 44.04
C TRP D 270 -2.31 -36.69 44.23
N VAL D 271 -1.32 -36.65 43.34
CA VAL D 271 -0.34 -35.57 43.28
C VAL D 271 -0.73 -34.71 42.08
N GLY D 272 -1.46 -33.63 42.32
CA GLY D 272 -1.78 -32.72 41.24
C GLY D 272 -0.51 -32.19 40.59
N GLY D 273 -0.58 -31.98 39.28
CA GLY D 273 0.59 -31.56 38.54
C GLY D 273 1.22 -30.29 39.10
N ARG D 274 0.39 -29.29 39.37
CA ARG D 274 0.86 -28.05 39.96
C ARG D 274 1.17 -28.17 41.45
N TYR D 275 1.02 -29.37 42.04
CA TYR D 275 1.37 -29.64 43.42
C TYR D 275 2.43 -30.74 43.52
N SER D 276 3.27 -30.89 42.50
CA SER D 276 4.05 -32.11 42.33
C SER D 276 5.54 -31.96 42.57
N VAL D 277 6.04 -30.77 42.91
CA VAL D 277 7.49 -30.61 43.02
C VAL D 277 8.04 -31.43 44.19
N CYS D 278 7.23 -31.70 45.21
CA CYS D 278 7.70 -32.49 46.36
C CYS D 278 7.71 -33.98 46.08
N SER D 279 7.20 -34.43 44.94
CA SER D 279 7.30 -35.82 44.53
C SER D 279 8.57 -36.00 43.71
N ALA D 280 8.73 -37.17 43.08
CA ALA D 280 9.90 -37.43 42.26
C ALA D 280 10.03 -36.43 41.11
N VAL D 281 8.94 -35.76 40.74
CA VAL D 281 8.96 -34.76 39.69
C VAL D 281 10.02 -33.69 39.97
N GLY D 282 10.13 -33.28 41.24
CA GLY D 282 11.16 -32.32 41.62
C GLY D 282 12.27 -32.96 42.42
N VAL D 283 11.93 -33.96 43.25
CA VAL D 283 12.91 -34.52 44.17
C VAL D 283 14.03 -35.23 43.42
N LEU D 284 13.70 -35.92 42.31
CA LEU D 284 14.74 -36.62 41.56
C LEU D 284 15.71 -35.64 40.90
N PRO D 285 15.28 -34.68 40.08
CA PRO D 285 16.25 -33.78 39.45
C PRO D 285 17.00 -32.91 40.45
N LEU D 286 16.31 -32.39 41.46
CA LEU D 286 16.96 -31.54 42.45
C LEU D 286 17.99 -32.32 43.27
N SER D 287 17.74 -33.61 43.52
CA SER D 287 18.70 -34.40 44.29
C SER D 287 19.97 -34.68 43.49
N LEU D 288 19.86 -34.78 42.17
CA LEU D 288 21.06 -34.95 41.35
C LEU D 288 21.90 -33.68 41.37
N GLN D 289 21.25 -32.51 41.39
CA GLN D 289 21.97 -31.25 41.37
C GLN D 289 22.48 -30.86 42.75
N TYR D 290 21.65 -31.01 43.79
CA TYR D 290 21.97 -30.53 45.12
C TYR D 290 22.22 -31.62 46.14
N GLY D 291 22.02 -32.88 45.78
CA GLY D 291 22.13 -33.91 46.82
C GLY D 291 20.82 -34.06 47.57
N PHE D 292 20.50 -35.31 47.91
CA PHE D 292 19.26 -35.57 48.65
C PHE D 292 19.15 -34.84 50.00
N PRO D 293 20.20 -34.75 50.82
CA PRO D 293 20.02 -34.04 52.11
C PRO D 293 19.53 -32.61 51.96
N ILE D 294 19.99 -31.88 50.94
CA ILE D 294 19.47 -30.54 50.69
C ILE D 294 17.98 -30.60 50.38
N VAL D 295 17.59 -31.56 49.52
CA VAL D 295 16.19 -31.67 49.13
C VAL D 295 15.33 -32.11 50.31
N GLN D 296 15.89 -32.91 51.22
CA GLN D 296 15.14 -33.31 52.41
C GLN D 296 14.82 -32.12 53.30
N LYS D 297 15.79 -31.22 53.49
CA LYS D 297 15.51 -29.98 54.22
C LYS D 297 14.36 -29.21 53.59
N PHE D 298 14.34 -29.16 52.25
CA PHE D 298 13.23 -28.53 51.54
C PHE D 298 11.91 -29.21 51.87
N LEU D 299 11.90 -30.55 51.90
CA LEU D 299 10.68 -31.27 52.25
C LEU D 299 10.29 -31.02 53.70
N GLU D 300 11.27 -31.02 54.61
CA GLU D 300 10.97 -30.77 56.02
C GLU D 300 10.37 -29.39 56.23
N GLY D 301 10.88 -28.38 55.50
CA GLY D 301 10.30 -27.05 55.60
C GLY D 301 8.85 -27.01 55.14
N ALA D 302 8.55 -27.66 54.01
CA ALA D 302 7.17 -27.75 53.57
C ALA D 302 6.32 -28.52 54.57
N SER D 303 6.90 -29.58 55.16
CA SER D 303 6.17 -30.35 56.15
C SER D 303 5.81 -29.51 57.37
N SER D 304 6.71 -28.61 57.77
CA SER D 304 6.45 -27.79 58.94
C SER D 304 5.23 -26.91 58.75
N ILE D 305 5.04 -26.39 57.52
CA ILE D 305 3.87 -25.55 57.25
C ILE D 305 2.61 -26.40 57.16
N ASP D 306 2.73 -27.64 56.67
CA ASP D 306 1.60 -28.55 56.65
C ASP D 306 0.98 -28.68 58.04
N ASN D 307 1.81 -29.01 59.04
CA ASN D 307 1.33 -29.19 60.40
C ASN D 307 0.74 -27.88 60.94
N HIS D 308 1.43 -26.77 60.71
CA HIS D 308 0.93 -25.47 61.13
C HIS D 308 -0.44 -25.18 60.52
N PHE D 309 -0.56 -25.34 59.20
CA PHE D 309 -1.84 -25.15 58.53
C PHE D 309 -2.91 -26.10 59.06
N HIS D 310 -2.52 -27.29 59.49
CA HIS D 310 -3.49 -28.31 59.89
C HIS D 310 -4.01 -28.10 61.30
N THR D 311 -3.23 -27.45 62.18
CA THR D 311 -3.58 -27.39 63.59
C THR D 311 -3.76 -25.99 64.14
N SER D 312 -3.06 -24.99 63.62
CA SER D 312 -3.10 -23.66 64.21
C SER D 312 -4.49 -23.05 64.12
N SER D 313 -4.87 -22.32 65.16
CA SER D 313 -6.13 -21.58 65.13
C SER D 313 -6.09 -20.54 64.02
N PHE D 314 -7.28 -20.18 63.53
CA PHE D 314 -7.36 -19.39 62.30
C PHE D 314 -6.68 -18.04 62.45
N GLU D 315 -6.81 -17.39 63.61
CA GLU D 315 -6.18 -16.08 63.78
C GLU D 315 -4.66 -16.16 63.84
N LYS D 316 -4.10 -17.36 63.99
CA LYS D 316 -2.66 -17.59 63.96
C LYS D 316 -2.24 -18.43 62.76
N ASN D 317 -3.16 -18.76 61.87
CA ASN D 317 -2.92 -19.67 60.76
C ASN D 317 -2.60 -18.86 59.51
N ILE D 318 -1.34 -18.91 59.07
CA ILE D 318 -0.85 -18.03 58.01
C ILE D 318 -1.52 -18.33 56.67
N PRO D 319 -1.57 -19.58 56.19
CA PRO D 319 -2.29 -19.82 54.92
C PRO D 319 -3.78 -19.52 55.00
N VAL D 320 -4.41 -19.78 56.15
CA VAL D 320 -5.83 -19.44 56.31
C VAL D 320 -6.02 -17.94 56.17
N LEU D 321 -5.21 -17.15 56.89
CA LEU D 321 -5.31 -15.69 56.80
C LEU D 321 -5.06 -15.21 55.37
N LEU D 322 -4.01 -15.72 54.73
CA LEU D 322 -3.68 -15.30 53.37
C LEU D 322 -4.83 -15.58 52.41
N GLY D 323 -5.41 -16.78 52.50
CA GLY D 323 -6.51 -17.12 51.61
C GLY D 323 -7.74 -16.28 51.87
N LEU D 324 -8.06 -16.04 53.14
CA LEU D 324 -9.24 -15.24 53.47
C LEU D 324 -9.07 -13.79 53.04
N LEU D 325 -7.86 -13.24 53.20
CA LEU D 325 -7.61 -11.87 52.78
C LEU D 325 -7.69 -11.72 51.27
N SER D 326 -7.25 -12.75 50.54
CA SER D 326 -7.32 -12.69 49.08
C SER D 326 -8.75 -12.76 48.58
N VAL D 327 -9.58 -13.60 49.21
CA VAL D 327 -11.00 -13.65 48.87
C VAL D 327 -11.66 -12.32 49.15
N TRP D 328 -11.27 -11.67 50.26
CA TRP D 328 -11.78 -10.34 50.55
C TRP D 328 -11.37 -9.34 49.47
N ASN D 329 -10.12 -9.40 49.02
CA ASN D 329 -9.66 -8.49 47.97
C ASN D 329 -10.34 -8.78 46.64
N VAL D 330 -10.60 -10.05 46.35
CA VAL D 330 -11.10 -10.43 45.04
C VAL D 330 -12.62 -10.23 44.96
N SER D 331 -13.36 -10.90 45.83
CA SER D 331 -14.81 -10.99 45.68
C SER D 331 -15.58 -9.91 46.41
N PHE D 332 -14.92 -9.08 47.22
CA PHE D 332 -15.61 -8.02 47.94
C PHE D 332 -15.13 -6.63 47.55
N LEU D 333 -13.82 -6.41 47.53
CA LEU D 333 -13.30 -5.13 47.04
C LEU D 333 -13.24 -5.08 45.53
N GLY D 334 -13.30 -6.22 44.85
CA GLY D 334 -13.40 -6.28 43.41
C GLY D 334 -12.10 -6.35 42.65
N TYR D 335 -10.98 -6.58 43.32
CA TYR D 335 -9.68 -6.58 42.67
C TYR D 335 -9.49 -7.85 41.85
N PRO D 336 -9.40 -7.77 40.52
CA PRO D 336 -9.33 -8.99 39.70
C PRO D 336 -7.94 -9.57 39.55
N ALA D 337 -6.89 -8.90 40.05
CA ALA D 337 -5.53 -9.36 39.85
C ALA D 337 -4.75 -9.25 41.14
N ARG D 338 -3.62 -9.95 41.19
CA ARG D 338 -2.73 -9.96 42.33
C ARG D 338 -1.29 -10.02 41.84
N ALA D 339 -0.42 -9.22 42.46
CA ALA D 339 0.97 -9.13 42.08
C ALA D 339 1.85 -9.84 43.10
N ILE D 340 2.66 -10.77 42.62
CA ILE D 340 3.61 -11.52 43.46
C ILE D 340 4.96 -10.85 43.30
N LEU D 341 5.41 -10.13 44.34
CA LEU D 341 6.58 -9.26 44.26
C LEU D 341 7.57 -9.64 45.34
N PRO D 342 8.35 -10.71 45.13
CA PRO D 342 9.40 -11.06 46.09
C PRO D 342 10.64 -10.20 45.85
N TYR D 343 11.14 -9.57 46.92
CA TYR D 343 12.34 -8.75 46.79
C TYR D 343 13.58 -9.64 46.98
N SER D 344 13.78 -10.50 45.99
CA SER D 344 14.84 -11.49 45.99
C SER D 344 15.04 -12.04 44.58
N GLN D 345 16.25 -11.91 44.04
CA GLN D 345 16.53 -12.51 42.74
C GLN D 345 16.47 -14.04 42.80
N ALA D 346 16.70 -14.60 43.99
CA ALA D 346 16.57 -16.05 44.15
C ALA D 346 15.14 -16.51 43.91
N LEU D 347 14.16 -15.69 44.27
CA LEU D 347 12.75 -15.99 43.99
C LEU D 347 12.31 -15.46 42.63
N GLU D 348 13.21 -15.44 41.65
CA GLU D 348 12.89 -14.94 40.32
C GLU D 348 11.76 -15.73 39.67
N LYS D 349 11.74 -17.05 39.89
CA LYS D 349 10.76 -17.93 39.27
C LYS D 349 9.64 -18.32 40.23
N LEU D 350 9.45 -17.54 41.31
CA LEU D 350 8.32 -17.80 42.20
C LEU D 350 6.99 -17.47 41.53
N ALA D 351 6.90 -16.26 40.97
CA ALA D 351 5.64 -15.82 40.37
C ALA D 351 5.18 -16.69 39.20
N PRO D 352 6.05 -17.17 38.30
CA PRO D 352 5.55 -18.08 37.25
C PRO D 352 4.92 -19.35 37.80
N HIS D 353 5.43 -19.88 38.91
CA HIS D 353 4.84 -21.07 39.51
C HIS D 353 3.52 -20.75 40.20
N ILE D 354 3.50 -19.67 40.99
CA ILE D 354 2.25 -19.22 41.61
C ILE D 354 1.19 -18.98 40.55
N GLN D 355 1.61 -18.53 39.36
CA GLN D 355 0.68 -18.29 38.27
C GLN D 355 -0.09 -19.54 37.91
N GLN D 356 0.60 -20.67 37.75
CA GLN D 356 -0.10 -21.93 37.48
C GLN D 356 -0.80 -22.45 38.73
N LEU D 357 -0.14 -22.33 39.89
CA LEU D 357 -0.72 -22.84 41.13
C LEU D 357 -2.06 -22.18 41.42
N SER D 358 -2.16 -20.87 41.20
CA SER D 358 -3.37 -20.16 41.56
C SER D 358 -4.42 -20.21 40.45
N MET D 359 -4.02 -19.92 39.22
CA MET D 359 -4.98 -19.73 38.15
C MET D 359 -5.50 -21.06 37.58
N GLU D 360 -4.67 -22.10 37.57
CA GLU D 360 -5.17 -23.41 37.16
C GLU D 360 -6.01 -24.08 38.24
N SER D 361 -5.80 -23.72 39.51
CA SER D 361 -6.61 -24.29 40.58
C SER D 361 -7.96 -23.58 40.68
N ASN D 362 -7.96 -22.25 40.70
CA ASN D 362 -9.15 -21.48 41.04
C ASN D 362 -9.75 -20.70 39.88
N GLY D 363 -9.16 -20.78 38.69
CA GLY D 363 -9.81 -20.23 37.51
C GLY D 363 -10.95 -21.11 37.06
N LYS D 364 -11.98 -21.24 37.90
CA LYS D 364 -13.12 -22.09 37.65
C LYS D 364 -14.39 -21.25 37.60
N GLY D 365 -15.38 -21.74 36.86
CA GLY D 365 -16.62 -21.01 36.69
C GLY D 365 -17.83 -21.65 37.34
N VAL D 366 -17.65 -22.85 37.88
CA VAL D 366 -18.73 -23.58 38.53
C VAL D 366 -18.26 -24.04 39.91
N SER D 367 -19.23 -24.28 40.79
CA SER D 367 -18.93 -24.82 42.10
C SER D 367 -18.54 -26.29 41.99
N ILE D 368 -18.01 -26.83 43.08
CA ILE D 368 -17.61 -28.23 43.10
C ILE D 368 -18.81 -29.14 42.86
N ASP D 369 -20.02 -28.66 43.19
CA ASP D 369 -21.25 -29.37 42.91
C ASP D 369 -21.80 -29.06 41.53
N GLY D 370 -21.10 -28.26 40.73
CA GLY D 370 -21.53 -28.00 39.37
C GLY D 370 -22.50 -26.85 39.19
N VAL D 371 -22.56 -25.92 40.14
CA VAL D 371 -23.45 -24.78 40.05
C VAL D 371 -22.71 -23.61 39.43
N ARG D 372 -23.34 -22.96 38.44
CA ARG D 372 -22.74 -21.80 37.79
C ARG D 372 -22.55 -20.67 38.80
N LEU D 373 -21.29 -20.31 39.04
CA LEU D 373 -20.99 -19.26 40.01
C LEU D 373 -21.50 -17.92 39.50
N PRO D 374 -22.32 -17.20 40.26
CA PRO D 374 -22.72 -15.84 39.86
C PRO D 374 -21.61 -14.82 40.04
N TYR D 375 -20.52 -15.20 40.69
CA TYR D 375 -19.35 -14.37 40.90
C TYR D 375 -18.15 -15.04 40.25
N GLU D 376 -17.15 -14.23 39.93
CA GLU D 376 -15.90 -14.77 39.40
C GLU D 376 -14.94 -15.08 40.53
N ALA D 377 -14.10 -16.10 40.33
CA ALA D 377 -13.32 -16.68 41.40
C ALA D 377 -11.86 -16.32 41.20
N GLY D 378 -11.04 -17.21 40.63
CA GLY D 378 -9.60 -17.03 40.58
C GLY D 378 -9.10 -15.70 40.05
N GLU D 379 -8.25 -15.03 40.82
CA GLU D 379 -7.65 -13.78 40.40
C GLU D 379 -6.57 -14.04 39.35
N ILE D 380 -6.14 -12.97 38.69
CA ILE D 380 -5.09 -13.04 37.68
C ILE D 380 -3.75 -12.75 38.36
N ASP D 381 -2.88 -13.74 38.42
CA ASP D 381 -1.62 -13.63 39.12
C ASP D 381 -0.49 -13.29 38.16
N PHE D 382 0.41 -12.44 38.62
CA PHE D 382 1.59 -12.04 37.85
C PHE D 382 2.59 -11.44 38.82
N GLY D 383 3.79 -11.17 38.33
CA GLY D 383 4.78 -10.51 39.14
C GLY D 383 6.18 -10.70 38.63
N GLU D 384 7.06 -9.83 39.09
CA GLU D 384 8.49 -9.90 38.88
C GLU D 384 9.16 -9.61 40.21
N PRO D 385 10.39 -10.08 40.42
CA PRO D 385 11.07 -9.83 41.68
C PRO D 385 11.59 -8.40 41.78
N GLY D 386 11.56 -7.86 42.99
CA GLY D 386 12.20 -6.57 43.22
C GLY D 386 13.71 -6.72 43.17
N THR D 387 14.37 -5.69 42.64
CA THR D 387 13.73 -4.46 42.20
C THR D 387 13.34 -4.45 40.72
N ASN D 388 13.38 -5.62 40.06
CA ASN D 388 13.10 -5.67 38.63
C ASN D 388 11.68 -5.20 38.33
N GLY D 389 10.69 -5.83 38.96
CA GLY D 389 9.32 -5.40 38.76
C GLY D 389 9.07 -3.98 39.24
N GLN D 390 9.89 -3.50 40.17
CA GLN D 390 9.73 -2.15 40.68
C GLN D 390 9.98 -1.11 39.59
N HIS D 391 10.99 -1.34 38.75
CA HIS D 391 11.30 -0.44 37.65
C HIS D 391 10.57 -0.80 36.36
N SER D 392 9.63 -1.75 36.42
CA SER D 392 8.88 -2.18 35.25
C SER D 392 7.44 -1.66 35.25
N PHE D 393 6.64 -2.05 36.24
CA PHE D 393 5.21 -1.80 36.21
C PHE D 393 4.65 -1.14 37.47
N TYR D 394 5.50 -0.64 38.38
CA TYR D 394 4.99 -0.02 39.59
C TYR D 394 4.30 1.30 39.31
N GLN D 395 4.53 1.90 38.14
CA GLN D 395 3.79 3.09 37.75
C GLN D 395 2.29 2.83 37.80
N LEU D 396 1.85 1.72 37.20
CA LEU D 396 0.43 1.39 37.20
C LEU D 396 -0.07 1.08 38.60
N ILE D 397 0.70 0.33 39.38
CA ILE D 397 0.24 -0.08 40.70
C ILE D 397 0.03 1.12 41.61
N HIS D 398 0.79 2.19 41.41
CA HIS D 398 0.67 3.38 42.25
C HIS D 398 -0.35 4.38 41.71
N GLN D 399 -0.49 4.51 40.39
CA GLN D 399 -1.36 5.53 39.81
C GLN D 399 -2.34 5.02 38.78
N GLY D 400 -2.40 3.70 38.54
CA GLY D 400 -3.39 3.16 37.62
C GLY D 400 -4.37 2.26 38.32
N ARG D 401 -4.68 1.12 37.70
CA ARG D 401 -5.57 0.15 38.33
C ARG D 401 -4.95 -0.37 39.63
N VAL D 402 -5.78 -0.57 40.63
CA VAL D 402 -5.31 -1.00 41.95
C VAL D 402 -5.08 -2.50 41.93
N ILE D 403 -3.91 -2.94 42.42
CA ILE D 403 -3.54 -4.34 42.45
C ILE D 403 -3.02 -4.67 43.84
N PRO D 404 -3.66 -5.59 44.58
CA PRO D 404 -3.10 -6.02 45.86
C PRO D 404 -1.79 -6.77 45.66
N CYS D 405 -0.79 -6.42 46.46
CA CYS D 405 0.57 -6.90 46.26
C CYS D 405 1.00 -7.80 47.41
N ASP D 406 1.77 -8.85 47.06
CA ASP D 406 2.48 -9.68 48.03
C ASP D 406 3.95 -9.27 48.01
N PHE D 407 4.42 -8.68 49.10
CA PHE D 407 5.83 -8.33 49.26
C PHE D 407 6.52 -9.38 50.12
N ILE D 408 7.63 -9.92 49.63
CA ILE D 408 8.38 -10.95 50.32
C ILE D 408 9.82 -10.48 50.48
N GLY D 409 10.26 -10.32 51.72
CA GLY D 409 11.62 -9.91 52.00
C GLY D 409 12.32 -10.94 52.86
N VAL D 410 13.65 -11.00 52.72
CA VAL D 410 14.49 -11.93 53.46
C VAL D 410 15.49 -11.12 54.28
N ILE D 411 15.66 -11.49 55.54
CA ILE D 411 16.54 -10.72 56.43
C ILE D 411 17.99 -10.98 56.09
N LYS D 412 18.43 -12.24 56.17
CA LYS D 412 19.80 -12.60 55.85
C LYS D 412 19.93 -12.83 54.35
N SER D 413 20.96 -12.26 53.75
CA SER D 413 21.18 -12.40 52.32
C SER D 413 21.84 -13.75 52.01
N GLN D 414 21.47 -14.35 50.89
CA GLN D 414 22.17 -15.53 50.41
C GLN D 414 23.60 -15.20 50.03
N GLN D 415 23.82 -14.02 49.43
CA GLN D 415 25.12 -13.60 48.91
C GLN D 415 25.37 -12.18 49.40
N PRO D 416 25.85 -12.00 50.62
CA PRO D 416 26.08 -10.65 51.14
C PRO D 416 27.26 -9.98 50.46
N VAL D 417 27.05 -8.75 50.02
CA VAL D 417 28.10 -7.92 49.44
C VAL D 417 28.20 -6.63 50.26
N TYR D 418 29.39 -6.31 50.72
CA TYR D 418 29.67 -5.01 51.33
C TYR D 418 30.86 -4.40 50.60
N LEU D 419 30.60 -3.49 49.67
CA LEU D 419 31.64 -2.70 49.04
C LEU D 419 32.05 -1.61 50.03
N LYS D 420 33.19 -1.79 50.71
CA LYS D 420 33.60 -0.82 51.72
C LYS D 420 33.90 0.51 51.06
N GLY D 421 33.27 1.57 51.55
CA GLY D 421 33.17 2.83 50.86
C GLY D 421 31.76 3.21 50.47
N GLU D 422 30.78 2.33 50.70
CA GLU D 422 29.38 2.60 50.45
C GLU D 422 28.67 2.93 51.76
N THR D 423 27.55 3.64 51.65
CA THR D 423 26.79 4.00 52.85
C THR D 423 26.12 2.78 53.46
N VAL D 424 25.59 1.88 52.62
CA VAL D 424 24.88 0.71 53.08
C VAL D 424 25.29 -0.48 52.22
N SER D 425 24.98 -1.67 52.71
CA SER D 425 25.27 -2.88 51.95
C SER D 425 24.26 -3.04 50.82
N ASN D 426 24.63 -3.89 49.85
CA ASN D 426 23.77 -4.10 48.69
C ASN D 426 22.44 -4.70 49.10
N HIS D 427 22.43 -5.56 50.11
CA HIS D 427 21.18 -6.14 50.60
C HIS D 427 20.36 -5.10 51.34
N ASP D 428 21.01 -4.20 52.08
CA ASP D 428 20.30 -3.10 52.72
C ASP D 428 19.66 -2.18 51.67
N GLU D 429 20.39 -1.88 50.60
CA GLU D 429 19.81 -1.07 49.52
C GLU D 429 18.60 -1.74 48.92
N LEU D 430 18.67 -3.07 48.69
CA LEU D 430 17.51 -3.81 48.21
C LEU D 430 16.36 -3.73 49.21
N MET D 431 16.65 -3.96 50.48
CA MET D 431 15.59 -4.03 51.48
C MET D 431 14.96 -2.67 51.76
N SER D 432 15.71 -1.59 51.55
CA SER D 432 15.13 -0.26 51.74
C SER D 432 13.93 -0.07 50.83
N ASN D 433 13.98 -0.61 49.61
CA ASN D 433 12.81 -0.62 48.74
C ASN D 433 11.71 -1.52 49.29
N PHE D 434 12.08 -2.63 49.94
CA PHE D 434 11.07 -3.55 50.46
C PHE D 434 10.22 -2.91 51.55
N PHE D 435 10.84 -2.06 52.37
CA PHE D 435 10.10 -1.45 53.48
C PHE D 435 9.35 -0.19 53.07
N ALA D 436 9.75 0.45 51.96
CA ALA D 436 9.16 1.72 51.57
C ALA D 436 7.93 1.54 50.67
N GLN D 437 7.99 0.63 49.70
CA GLN D 437 6.90 0.48 48.76
C GLN D 437 5.55 0.19 49.42
N PRO D 438 5.44 -0.68 50.42
CA PRO D 438 4.14 -0.85 51.10
C PRO D 438 3.60 0.43 51.70
N ASP D 439 4.46 1.23 52.34
CA ASP D 439 4.00 2.51 52.88
C ASP D 439 3.61 3.48 51.76
N ALA D 440 4.36 3.46 50.65
CA ALA D 440 4.02 4.33 49.53
C ALA D 440 2.64 4.01 48.98
N LEU D 441 2.31 2.71 48.88
CA LEU D 441 0.99 2.31 48.43
C LEU D 441 -0.09 2.70 49.44
N ALA D 442 0.19 2.50 50.73
CA ALA D 442 -0.83 2.72 51.76
C ALA D 442 -1.11 4.21 51.95
N TYR D 443 -0.06 5.02 52.04
CA TYR D 443 -0.21 6.43 52.38
C TYR D 443 -0.54 7.30 51.18
N GLY D 444 0.22 7.17 50.09
CA GLY D 444 0.00 8.07 48.98
C GLY D 444 0.61 9.44 49.26
N LYS D 445 0.09 10.44 48.56
CA LYS D 445 0.59 11.82 48.71
C LYS D 445 -0.51 12.77 48.25
N THR D 446 -0.99 13.61 49.16
CA THR D 446 -2.10 14.50 48.85
C THR D 446 -1.67 15.62 47.92
N PRO D 447 -2.62 16.23 47.20
CA PRO D 447 -2.30 17.48 46.51
C PRO D 447 -1.89 18.60 47.45
N GLU D 448 -2.40 18.60 48.68
CA GLU D 448 -2.02 19.65 49.64
C GLU D 448 -0.54 19.55 50.00
N GLN D 449 -0.04 18.33 50.20
CA GLN D 449 1.39 18.15 50.46
C GLN D 449 2.21 18.57 49.25
N LEU D 450 1.76 18.22 48.04
CA LEU D 450 2.44 18.69 46.84
C LEU D 450 2.42 20.22 46.76
N HIS D 451 1.28 20.83 47.07
CA HIS D 451 1.22 22.29 47.16
C HIS D 451 2.08 22.82 48.29
N SER D 452 2.21 22.05 49.38
CA SER D 452 3.07 22.46 50.49
C SER D 452 4.52 22.58 50.03
N GLU D 453 5.01 21.58 49.30
CA GLU D 453 6.36 21.62 48.74
C GLU D 453 6.45 22.46 47.47
N LYS D 454 5.45 23.29 47.22
CA LYS D 454 5.43 24.26 46.11
C LYS D 454 5.66 23.57 44.76
N VAL D 455 4.78 22.63 44.46
CA VAL D 455 4.77 21.95 43.16
C VAL D 455 3.91 22.77 42.20
N PRO D 456 4.35 23.01 40.97
CA PRO D 456 3.54 23.79 40.03
C PRO D 456 2.16 23.20 39.86
N GLU D 457 1.13 24.06 39.97
CA GLU D 457 -0.25 23.61 39.96
C GLU D 457 -0.57 22.75 38.75
N ASN D 458 0.09 23.00 37.62
CA ASN D 458 -0.14 22.21 36.42
C ASN D 458 0.41 20.78 36.55
N LEU D 459 1.23 20.50 37.56
CA LEU D 459 1.80 19.17 37.76
C LEU D 459 1.26 18.46 38.99
N ILE D 460 0.41 19.13 39.77
CA ILE D 460 -0.10 18.51 41.00
C ILE D 460 -0.93 17.28 40.67
N SER D 461 -1.77 17.38 39.64
CA SER D 461 -2.63 16.24 39.28
C SER D 461 -1.80 15.06 38.80
N HIS D 462 -0.72 15.32 38.08
CA HIS D 462 0.12 14.25 37.56
C HIS D 462 1.03 13.64 38.63
N LYS D 463 1.32 14.38 39.69
CA LYS D 463 2.19 13.91 40.77
C LYS D 463 1.41 13.40 41.97
N THR D 464 0.08 13.29 41.86
CA THR D 464 -0.74 12.85 42.98
C THR D 464 -0.75 11.33 43.08
N PHE D 465 -0.59 10.84 44.32
CA PHE D 465 -0.73 9.43 44.64
C PHE D 465 -1.91 9.31 45.60
N GLN D 466 -3.01 8.68 45.15
CA GLN D 466 -4.21 8.63 45.96
C GLN D 466 -4.07 7.72 47.17
N GLY D 467 -3.13 6.79 47.16
CA GLY D 467 -2.90 5.94 48.30
C GLY D 467 -4.05 4.99 48.58
N ASN D 468 -4.05 4.45 49.80
CA ASN D 468 -5.05 3.49 50.26
C ASN D 468 -5.08 2.26 49.34
N ARG D 469 -3.90 1.84 48.90
CA ARG D 469 -3.78 0.66 48.05
C ARG D 469 -3.16 -0.49 48.82
N PRO D 470 -3.77 -1.66 48.81
CA PRO D 470 -3.44 -2.70 49.79
C PRO D 470 -2.16 -3.44 49.45
N SER D 471 -1.50 -3.93 50.50
CA SER D 471 -0.29 -4.72 50.35
C SER D 471 -0.18 -5.66 51.54
N LEU D 472 0.66 -6.69 51.36
CA LEU D 472 1.04 -7.59 52.44
C LEU D 472 2.53 -7.85 52.33
N SER D 473 3.18 -8.08 53.48
CA SER D 473 4.62 -8.22 53.54
C SER D 473 5.01 -9.48 54.28
N PHE D 474 5.85 -10.30 53.65
CA PHE D 474 6.51 -11.42 54.31
C PHE D 474 7.93 -11.01 54.69
N LEU D 475 8.34 -11.33 55.91
CA LEU D 475 9.72 -11.15 56.33
C LEU D 475 10.24 -12.51 56.80
N LEU D 476 11.05 -13.14 55.98
CA LEU D 476 11.62 -14.45 56.28
C LEU D 476 13.00 -14.28 56.91
N SER D 477 13.31 -15.15 57.87
CA SER D 477 14.61 -15.06 58.56
C SER D 477 15.76 -15.31 57.59
N SER D 478 15.59 -16.26 56.68
CA SER D 478 16.60 -16.59 55.68
C SER D 478 15.90 -17.26 54.50
N LEU D 479 16.70 -17.72 53.53
CA LEU D 479 16.17 -18.41 52.35
C LEU D 479 17.12 -19.56 51.98
N SER D 480 17.08 -20.62 52.77
CA SER D 480 17.74 -21.88 52.44
C SER D 480 16.66 -22.87 52.05
N ALA D 481 17.07 -24.14 51.85
CA ALA D 481 16.14 -25.16 51.40
C ALA D 481 14.91 -25.25 52.30
N TYR D 482 15.14 -25.21 53.62
CA TYR D 482 14.04 -25.33 54.57
C TYR D 482 13.01 -24.21 54.39
N GLU D 483 13.49 -22.97 54.25
CA GLU D 483 12.58 -21.84 54.12
C GLU D 483 11.92 -21.80 52.74
N ILE D 484 12.63 -22.25 51.70
CA ILE D 484 12.04 -22.34 50.37
C ILE D 484 10.87 -23.31 50.38
N GLY D 485 10.98 -24.41 51.12
CA GLY D 485 9.88 -25.35 51.23
C GLY D 485 8.71 -24.78 52.02
N GLN D 486 9.00 -24.00 53.05
CA GLN D 486 7.95 -23.33 53.81
C GLN D 486 7.16 -22.38 52.92
N LEU D 487 7.87 -21.59 52.11
CA LEU D 487 7.21 -20.62 51.23
C LEU D 487 6.33 -21.33 50.21
N LEU D 488 6.82 -22.43 49.64
CA LEU D 488 6.02 -23.20 48.69
C LEU D 488 4.74 -23.72 49.34
N SER D 489 4.86 -24.31 50.53
CA SER D 489 3.69 -24.89 51.19
C SER D 489 2.68 -23.82 51.56
N ILE D 490 3.14 -22.62 51.89
CA ILE D 490 2.23 -21.53 52.26
C ILE D 490 1.31 -21.18 51.10
N TYR D 491 1.85 -21.09 49.89
CA TYR D 491 1.02 -20.74 48.74
C TYR D 491 0.15 -21.91 48.31
N GLU D 492 0.68 -23.14 48.40
CA GLU D 492 -0.13 -24.31 48.08
C GLU D 492 -1.39 -24.35 48.93
N HIS D 493 -1.26 -24.08 50.23
CA HIS D 493 -2.40 -24.12 51.13
C HIS D 493 -3.26 -22.86 51.02
N ARG D 494 -2.63 -21.70 50.79
CA ARG D 494 -3.39 -20.49 50.55
C ARG D 494 -4.30 -20.62 49.34
N ILE D 495 -3.77 -21.19 48.26
CA ILE D 495 -4.58 -21.43 47.06
C ILE D 495 -5.76 -22.34 47.37
N ALA D 496 -5.52 -23.38 48.17
CA ALA D 496 -6.58 -24.32 48.50
C ALA D 496 -7.65 -23.67 49.39
N VAL D 497 -7.23 -22.76 50.27
CA VAL D 497 -8.19 -22.08 51.15
C VAL D 497 -9.17 -21.25 50.31
N GLN D 498 -8.66 -20.53 49.31
CA GLN D 498 -9.54 -19.70 48.48
C GLN D 498 -10.55 -20.56 47.73
N GLY D 499 -10.13 -21.72 47.25
CA GLY D 499 -11.07 -22.62 46.60
C GLY D 499 -12.07 -23.22 47.56
N PHE D 500 -11.67 -23.47 48.80
CA PHE D 500 -12.60 -23.98 49.80
C PHE D 500 -13.66 -22.94 50.15
N ILE D 501 -13.25 -21.66 50.24
CA ILE D 501 -14.20 -20.60 50.57
C ILE D 501 -15.15 -20.35 49.41
N TRP D 502 -14.59 -20.23 48.19
CA TRP D 502 -15.42 -20.06 47.01
C TRP D 502 -16.30 -21.27 46.74
N GLY D 503 -16.00 -22.42 47.33
CA GLY D 503 -16.78 -23.61 47.09
C GLY D 503 -16.53 -24.27 45.75
N ILE D 504 -15.33 -24.12 45.21
CA ILE D 504 -14.99 -24.69 43.91
C ILE D 504 -14.07 -25.90 44.10
N ASN D 505 -13.63 -26.48 43.00
CA ASN D 505 -12.69 -27.60 43.02
C ASN D 505 -11.34 -27.06 42.57
N SER D 506 -10.43 -26.87 43.51
CA SER D 506 -9.11 -26.36 43.21
C SER D 506 -8.18 -27.39 42.60
N PHE D 507 -8.63 -28.64 42.45
CA PHE D 507 -7.71 -29.73 42.18
C PHE D 507 -8.00 -30.46 40.88
N ASP D 508 -9.01 -30.05 40.13
CA ASP D 508 -9.19 -30.55 38.77
C ASP D 508 -8.80 -29.45 37.78
N GLN D 509 -8.78 -29.80 36.49
CA GLN D 509 -8.43 -28.85 35.46
C GLN D 509 -9.11 -29.23 34.14
N TRP D 510 -10.44 -29.18 34.11
CA TRP D 510 -11.16 -29.58 32.91
C TRP D 510 -11.03 -28.57 31.77
N GLY D 511 -10.71 -27.32 32.09
CA GLY D 511 -10.55 -26.29 31.08
C GLY D 511 -9.45 -26.53 30.07
N VAL D 512 -8.65 -27.59 30.24
CA VAL D 512 -7.54 -27.85 29.33
C VAL D 512 -7.94 -28.70 28.13
N GLU D 513 -9.08 -29.41 28.20
CA GLU D 513 -9.36 -30.45 27.22
C GLU D 513 -9.72 -29.90 25.85
N LEU D 514 -10.52 -28.83 25.81
CA LEU D 514 -11.04 -28.34 24.52
C LEU D 514 -9.90 -27.94 23.58
N GLY D 515 -8.97 -27.13 24.07
CA GLY D 515 -7.84 -26.73 23.25
C GLY D 515 -6.96 -27.91 22.86
N LYS D 516 -6.89 -28.93 23.71
CA LYS D 516 -6.16 -30.14 23.38
C LYS D 516 -6.80 -30.86 22.20
N SER D 517 -8.14 -31.01 22.24
CA SER D 517 -8.85 -31.76 21.21
C SER D 517 -8.68 -31.12 19.84
N LEU D 518 -8.80 -29.79 19.77
CA LEU D 518 -8.71 -29.09 18.49
C LEU D 518 -7.29 -29.14 17.93
N ALA D 519 -6.27 -29.15 18.80
CA ALA D 519 -4.90 -29.25 18.32
C ALA D 519 -4.64 -30.59 17.65
N SER D 520 -5.29 -31.66 18.12
CA SER D 520 -5.17 -32.95 17.46
C SER D 520 -5.82 -32.91 16.08
N THR D 521 -6.95 -32.20 15.95
CA THR D 521 -7.57 -32.04 14.65
C THR D 521 -6.67 -31.28 13.69
N VAL D 522 -6.06 -30.19 14.18
CA VAL D 522 -5.14 -29.41 13.34
C VAL D 522 -3.91 -30.23 12.99
N ARG D 523 -3.39 -30.98 13.96
CA ARG D 523 -2.21 -31.82 13.71
C ARG D 523 -2.46 -32.80 12.58
N LYS D 524 -3.65 -33.43 12.57
CA LYS D 524 -4.01 -34.31 11.46
C LYS D 524 -4.04 -33.56 10.15
N GLN D 525 -4.58 -32.34 10.16
CA GLN D 525 -4.64 -31.54 8.94
C GLN D 525 -3.24 -31.19 8.44
N LEU D 526 -2.35 -30.80 9.35
CA LEU D 526 -0.98 -30.46 8.95
C LEU D 526 -0.27 -31.67 8.36
N HIS D 527 -0.38 -32.83 9.02
CA HIS D 527 0.29 -34.04 8.53
C HIS D 527 -0.19 -34.40 7.13
N ALA D 528 -1.52 -34.41 6.92
CA ALA D 528 -2.06 -34.83 5.64
C ALA D 528 -1.69 -33.86 4.53
N SER D 529 -1.70 -32.55 4.82
CA SER D 529 -1.33 -31.57 3.80
C SER D 529 0.16 -31.62 3.49
N ARG D 530 0.98 -31.85 4.52
CA ARG D 530 2.44 -31.84 4.32
C ARG D 530 2.93 -33.13 3.68
N MET D 531 2.38 -34.28 4.08
CA MET D 531 2.86 -35.55 3.59
C MET D 531 2.17 -35.99 2.30
N GLU D 532 0.89 -35.64 2.12
CA GLU D 532 0.13 -36.14 0.99
C GLU D 532 -0.61 -35.05 0.24
N GLY D 533 -0.26 -33.79 0.46
CA GLY D 533 -0.84 -32.71 -0.31
C GLY D 533 -2.32 -32.51 -0.12
N LYS D 534 -2.88 -32.99 0.99
CA LYS D 534 -4.30 -32.82 1.25
C LYS D 534 -4.64 -31.32 1.33
N PRO D 535 -5.82 -30.93 0.87
CA PRO D 535 -6.24 -29.53 1.04
C PRO D 535 -6.83 -29.31 2.43
N VAL D 536 -6.86 -28.02 2.81
CA VAL D 536 -7.40 -27.64 4.11
C VAL D 536 -8.90 -27.85 4.11
N GLU D 537 -9.40 -28.63 5.06
CA GLU D 537 -10.81 -28.96 5.15
C GLU D 537 -11.27 -28.96 6.59
N GLY D 538 -12.53 -28.61 6.80
CA GLY D 538 -13.12 -28.65 8.12
C GLY D 538 -12.72 -27.50 9.02
N PHE D 539 -12.48 -26.32 8.45
CA PHE D 539 -12.08 -25.15 9.22
C PHE D 539 -12.87 -23.94 8.75
N ASN D 540 -13.04 -22.99 9.67
CA ASN D 540 -13.76 -21.76 9.33
C ASN D 540 -12.95 -20.94 8.34
N PRO D 541 -13.59 -19.99 7.66
CA PRO D 541 -12.85 -19.16 6.69
C PRO D 541 -11.60 -18.48 7.26
N SER D 542 -11.60 -18.14 8.55
CA SER D 542 -10.42 -17.54 9.15
C SER D 542 -9.31 -18.56 9.35
N SER D 543 -9.62 -19.68 10.00
CA SER D 543 -8.61 -20.71 10.23
C SER D 543 -8.14 -21.34 8.93
N ALA D 544 -9.03 -21.45 7.94
CA ALA D 544 -8.63 -22.03 6.65
C ALA D 544 -7.59 -21.16 5.97
N SER D 545 -7.78 -19.83 6.00
CA SER D 545 -6.80 -18.93 5.39
C SER D 545 -5.49 -18.94 6.16
N LEU D 546 -5.56 -19.00 7.49
CA LEU D 546 -4.35 -19.04 8.30
C LEU D 546 -3.56 -20.32 8.04
N LEU D 547 -4.23 -21.47 8.01
CA LEU D 547 -3.55 -22.73 7.74
C LEU D 547 -2.97 -22.75 6.33
N THR D 548 -3.71 -22.23 5.35
CA THR D 548 -3.22 -22.18 3.98
C THR D 548 -1.95 -21.36 3.88
N ARG D 549 -1.94 -20.17 4.48
CA ARG D 549 -0.73 -19.35 4.49
C ARG D 549 0.43 -20.08 5.15
N PHE D 550 0.16 -20.77 6.25
CA PHE D 550 1.22 -21.51 6.95
C PHE D 550 1.78 -22.61 6.07
N LEU D 551 0.91 -23.37 5.42
CA LEU D 551 1.31 -24.49 4.57
C LEU D 551 1.85 -24.05 3.21
N ALA D 552 1.81 -22.75 2.90
CA ALA D 552 2.29 -22.27 1.61
C ALA D 552 3.80 -22.36 1.48
N VAL D 553 4.53 -22.46 2.59
CA VAL D 553 5.99 -22.48 2.59
C VAL D 553 6.45 -23.85 3.08
N LYS D 554 7.36 -24.46 2.34
CA LYS D 554 7.93 -25.74 2.74
C LYS D 554 9.20 -25.55 3.56
#